data_9IH8
#
_entry.id   9IH8
#
_cell.length_a   1.00
_cell.length_b   1.00
_cell.length_c   1.00
_cell.angle_alpha   90.00
_cell.angle_beta   90.00
_cell.angle_gamma   90.00
#
_symmetry.space_group_name_H-M   'P 1'
#
loop_
_entity.id
_entity.type
_entity.pdbx_description
1 polymer 'Envelope glycoprotein B'
2 branched 2-acetamido-2-deoxy-beta-D-glucopyranose-(1-4)-2-acetamido-2-deoxy-beta-D-glucopyranose
#
_entity_poly.entity_id   1
_entity_poly.type   'polypeptide(L)'
_entity_poly.pdbx_seq_one_letter_code
;MRGGGLICALVVGALVAAVASAAPAAPAAPRASGGVAATVAANGGPASRPPPVPSPATTKARKRKTKKPPKRPEATPPPD
ANATVAAGHATLRAHLREIKVENADAQFYVCPPPTGATVVQFEQPRRCPTRPEGQNYTEGIAVVFKENIAPYKFKATMYY
KDVTVSQVWFGHRYSQFMGIFEDRAPVPFEEVIDKINAKGVCRSTAKYVRNNMETTAFHRDDHETDMELKPAKVATRTSR
GWHTTDLKYNPSRVEAFHRYGTTVNCIVEEVDARSVYPYDEFVLATGDFVYMSPFYGYREGSHTEHTSYAADRFKQVDGF
YARDLTTKARATSPTTRNLLTTPKFTVAWDWVPKRPAVCTMTKWQEVDEMLRAEYGGSFRFSSDAISTTFTTNLTQYSLS
RVDLGDCIGRDAREAIDRMFARKYNATHIKVGQPQYYLATGGFLIAYQPLLSNTLAELYVREYMREQDRKPRNATPAPLR
EAPSANASVERIKTTSSIEFARLQFTYNHIQRHVNDMLGRIAVAWCELQNHELTLWNEARKLNPNAIASATVGRRVSARM
LGDVMAVSTCVPVAPDNVIVQNSMRVSSRPGTCYSRPLVSFRYEDQGPLIEGQLGENNELRLTRDALEPCTVGHRRYFIF
GGGYVYFEEYAYSHQLSRADVTTVSTFIDLNITMLEDHEFVPLEVYTRHEIKDSGLLDYTEVQRRNQLHDLRFADIDTVI
RADANAAMFAGLCAFFEGMGDLGRAVGKVVMGVVGGVVSAVSGVSSFMSNPFGALAVGLLVLAGLVAAFFAFRYVLQLQR
NPMKALYPLTTKELKTSDPGGVGGEGEEGAEGGGFDEAKLAEAREMIRYMALVSAMERTEHKARKKGTSALLSSKVTNMV
LRKRNKARYSPLHNEDEAGDEDELGTLEVLFQGPGGSGSAWSHPQFEKGGGSGGGSGGSAWSHPQFEK
;
_entity_poly.pdbx_strand_id   A,B,C
#
loop_
_chem_comp.id
_chem_comp.type
_chem_comp.name
_chem_comp.formula
NAG D-saccharide, beta linking 2-acetamido-2-deoxy-beta-D-glucopyranose 'C8 H15 N O6'
#
# COMPACT_ATOMS: atom_id res chain seq x y z
N ASN A 103 -15.27 -2.99 -59.05
CA ASN A 103 -16.56 -2.42 -59.48
C ASN A 103 -17.65 -3.48 -59.42
N ALA A 104 -18.90 -3.09 -59.68
CA ALA A 104 -20.06 -3.96 -59.70
C ALA A 104 -20.33 -4.81 -58.46
N ASP A 105 -20.02 -4.32 -57.26
CA ASP A 105 -20.26 -4.97 -55.98
C ASP A 105 -21.35 -4.31 -55.16
N ALA A 106 -21.43 -2.98 -55.14
CA ALA A 106 -22.45 -2.22 -54.44
C ALA A 106 -23.80 -2.26 -55.14
N GLN A 107 -24.90 -2.27 -54.38
CA GLN A 107 -26.25 -2.33 -54.89
C GLN A 107 -26.72 -1.02 -55.52
N PHE A 108 -27.63 -1.13 -56.51
CA PHE A 108 -28.33 -0.01 -57.09
C PHE A 108 -29.71 0.06 -56.44
N TYR A 109 -30.41 1.20 -56.57
CA TYR A 109 -31.71 1.36 -55.96
C TYR A 109 -32.68 2.15 -56.83
N VAL A 110 -33.92 1.68 -56.89
CA VAL A 110 -35.02 2.37 -57.54
C VAL A 110 -35.93 2.83 -56.41
N CYS A 111 -36.27 4.12 -56.38
CA CYS A 111 -37.10 4.67 -55.32
C CYS A 111 -38.37 5.30 -55.87
N PRO A 112 -39.55 4.84 -55.44
CA PRO A 112 -40.80 5.43 -55.88
C PRO A 112 -40.96 6.82 -55.25
N PRO A 113 -41.74 7.73 -55.85
CA PRO A 113 -41.99 9.04 -55.27
C PRO A 113 -42.72 8.89 -53.95
N PRO A 114 -42.25 9.51 -52.86
CA PRO A 114 -42.91 9.42 -51.57
C PRO A 114 -44.30 10.04 -51.57
N THR A 115 -45.10 9.62 -50.59
CA THR A 115 -46.46 10.06 -50.34
C THR A 115 -46.67 10.16 -48.84
N GLY A 116 -47.67 10.92 -48.37
CA GLY A 116 -47.96 11.15 -46.98
C GLY A 116 -48.27 9.93 -46.11
N ALA A 117 -48.22 8.72 -46.66
CA ALA A 117 -48.44 7.47 -45.96
C ALA A 117 -47.46 7.24 -44.83
N THR A 118 -46.27 7.83 -44.87
CA THR A 118 -45.25 7.72 -43.86
C THR A 118 -44.45 9.02 -43.80
N VAL A 119 -44.49 9.71 -42.66
CA VAL A 119 -43.80 10.96 -42.42
C VAL A 119 -42.97 10.88 -41.14
N VAL A 120 -41.83 11.56 -41.14
CA VAL A 120 -40.91 11.61 -40.01
C VAL A 120 -40.49 13.03 -39.68
N GLN A 121 -40.03 13.21 -38.44
CA GLN A 121 -39.52 14.44 -37.87
C GLN A 121 -38.22 14.15 -37.13
N PHE A 122 -37.36 15.15 -36.98
CA PHE A 122 -36.14 14.96 -36.21
C PHE A 122 -36.39 15.16 -34.72
N GLU A 123 -35.69 14.39 -33.89
CA GLU A 123 -35.76 14.52 -32.44
C GLU A 123 -35.34 15.93 -32.03
N GLN A 124 -36.11 16.61 -31.17
CA GLN A 124 -35.79 17.94 -30.71
C GLN A 124 -34.66 17.95 -29.69
N PRO A 125 -33.98 19.08 -29.47
CA PRO A 125 -32.85 19.16 -28.56
C PRO A 125 -33.08 18.53 -27.19
N ARG A 126 -32.15 17.69 -26.75
CA ARG A 126 -32.19 17.02 -25.46
C ARG A 126 -31.77 17.97 -24.34
N ARG A 127 -32.28 17.79 -23.12
CA ARG A 127 -31.86 18.58 -21.99
C ARG A 127 -30.49 18.06 -21.57
N CYS A 128 -29.44 18.87 -21.72
CA CYS A 128 -28.10 18.41 -21.38
C CYS A 128 -27.88 18.28 -19.88
N PRO A 129 -27.07 17.34 -19.44
CA PRO A 129 -26.76 17.17 -18.03
C PRO A 129 -26.02 18.38 -17.51
N THR A 130 -25.96 18.54 -16.18
CA THR A 130 -25.25 19.61 -15.52
C THR A 130 -24.01 19.07 -14.82
N ARG A 131 -22.99 19.92 -14.66
CA ARG A 131 -21.79 19.51 -13.93
C ARG A 131 -22.19 19.18 -12.50
N PRO A 132 -21.81 18.02 -11.96
CA PRO A 132 -22.10 17.71 -10.58
C PRO A 132 -21.43 18.77 -9.70
N GLU A 133 -22.15 19.32 -8.73
CA GLU A 133 -21.63 20.37 -7.87
C GLU A 133 -20.41 19.90 -7.11
N GLY A 134 -19.35 20.72 -7.09
CA GLY A 134 -18.10 20.43 -6.41
C GLY A 134 -18.28 20.21 -4.92
N GLN A 135 -17.49 19.29 -4.34
CA GLN A 135 -17.53 18.99 -2.93
C GLN A 135 -17.08 20.17 -2.08
N ASN A 136 -17.79 20.46 -0.99
CA ASN A 136 -17.43 21.54 -0.08
C ASN A 136 -16.44 21.03 0.96
N TYR A 137 -15.29 21.69 1.05
CA TYR A 137 -14.24 21.36 2.01
C TYR A 137 -14.09 22.44 3.06
N THR A 138 -14.11 22.02 4.34
CA THR A 138 -13.79 22.91 5.45
C THR A 138 -12.27 22.85 5.59
N GLU A 139 -11.58 23.99 5.60
CA GLU A 139 -10.15 23.98 5.83
C GLU A 139 -9.89 23.89 7.33
N GLY A 140 -8.79 23.25 7.73
CA GLY A 140 -8.48 23.12 9.14
C GLY A 140 -7.08 22.60 9.40
N ILE A 141 -6.71 22.61 10.67
CA ILE A 141 -5.46 22.09 11.19
C ILE A 141 -5.82 20.82 11.94
N ALA A 142 -4.98 19.79 11.89
CA ALA A 142 -5.25 18.55 12.60
C ALA A 142 -4.01 17.94 13.23
N VAL A 143 -4.25 17.13 14.27
CA VAL A 143 -3.24 16.37 14.97
C VAL A 143 -3.80 14.96 15.05
N VAL A 144 -3.11 13.98 14.46
CA VAL A 144 -3.54 12.60 14.46
C VAL A 144 -2.79 11.84 15.55
N PHE A 145 -3.53 11.13 16.41
CA PHE A 145 -3.01 10.33 17.49
C PHE A 145 -3.23 8.85 17.21
N LYS A 146 -2.27 8.01 17.63
CA LYS A 146 -2.29 6.57 17.53
C LYS A 146 -2.22 5.95 18.91
N GLU A 147 -2.57 4.67 19.05
CA GLU A 147 -2.47 3.94 20.29
C GLU A 147 -1.02 3.96 20.76
N ASN A 148 -0.77 4.22 22.05
CA ASN A 148 0.58 4.24 22.56
C ASN A 148 1.07 2.83 22.85
N ILE A 149 2.17 2.42 22.20
CA ILE A 149 2.79 1.13 22.41
C ILE A 149 4.09 1.22 23.21
N ALA A 150 4.64 2.42 23.40
CA ALA A 150 5.88 2.62 24.11
C ALA A 150 5.71 2.54 25.63
N PRO A 151 6.61 1.90 26.37
CA PRO A 151 6.52 1.86 27.81
C PRO A 151 6.81 3.23 28.42
N TYR A 152 6.30 3.47 29.63
CA TYR A 152 6.63 4.65 30.41
C TYR A 152 8.05 4.45 30.90
N LYS A 153 8.94 5.44 30.74
CA LYS A 153 10.33 5.37 31.10
C LYS A 153 10.69 6.40 32.17
N PHE A 154 11.48 5.99 33.16
CA PHE A 154 11.91 6.86 34.24
C PHE A 154 13.25 6.40 34.80
N LYS A 155 13.96 7.27 35.53
CA LYS A 155 15.23 6.94 36.12
C LYS A 155 15.02 6.38 37.53
N ALA A 156 15.79 5.37 37.90
CA ALA A 156 15.76 4.76 39.22
C ALA A 156 17.19 4.49 39.68
N THR A 157 17.39 4.25 40.97
CA THR A 157 18.70 3.93 41.53
C THR A 157 18.58 2.69 42.40
N MET A 158 19.43 1.68 42.18
CA MET A 158 19.47 0.47 42.98
C MET A 158 20.57 0.58 44.03
N TYR A 159 20.31 0.04 45.22
CA TYR A 159 21.24 -0.02 46.33
C TYR A 159 21.22 -1.44 46.87
N TYR A 160 22.31 -2.18 46.74
CA TYR A 160 22.40 -3.54 47.25
C TYR A 160 23.84 -3.87 47.59
N LYS A 161 24.05 -4.94 48.36
CA LYS A 161 25.38 -5.40 48.71
C LYS A 161 25.59 -6.79 48.12
N ASP A 162 26.64 -6.96 47.33
CA ASP A 162 27.01 -8.27 46.79
C ASP A 162 27.71 -9.00 47.94
N VAL A 163 27.02 -9.97 48.54
CA VAL A 163 27.58 -10.77 49.61
C VAL A 163 28.09 -12.07 49.01
N THR A 164 29.35 -12.42 49.28
CA THR A 164 29.95 -13.64 48.76
C THR A 164 30.64 -14.40 49.88
N VAL A 165 30.30 -15.67 50.08
CA VAL A 165 30.97 -16.52 51.05
C VAL A 165 31.63 -17.66 50.29
N SER A 166 32.96 -17.68 50.22
CA SER A 166 33.68 -18.75 49.56
C SER A 166 34.17 -19.75 50.60
N GLN A 167 34.16 -21.04 50.26
CA GLN A 167 34.67 -22.11 51.08
C GLN A 167 35.86 -22.70 50.33
N VAL A 168 37.05 -22.68 50.92
CA VAL A 168 38.27 -23.15 50.28
C VAL A 168 38.85 -24.34 51.04
N TRP A 169 39.32 -25.33 50.29
CA TRP A 169 40.03 -26.50 50.79
C TRP A 169 41.51 -26.31 50.46
N PHE A 170 42.39 -26.49 51.46
CA PHE A 170 43.81 -26.35 51.27
C PHE A 170 44.51 -27.70 51.22
N GLY A 171 44.57 -28.31 50.04
CA GLY A 171 45.27 -29.56 49.82
C GLY A 171 46.77 -29.33 49.76
N HIS A 172 47.57 -30.40 49.64
CA HIS A 172 49.01 -30.26 49.56
C HIS A 172 49.41 -29.66 48.22
N ARG A 173 50.00 -28.47 48.25
CA ARG A 173 50.45 -27.70 47.09
C ARG A 173 49.38 -27.15 46.16
N TYR A 174 48.09 -27.20 46.52
CA TYR A 174 47.01 -26.64 45.75
C TYR A 174 45.83 -26.23 46.63
N SER A 175 45.04 -25.26 46.17
CA SER A 175 43.85 -24.78 46.85
C SER A 175 42.65 -25.00 45.94
N GLN A 176 41.46 -25.28 46.49
CA GLN A 176 40.28 -25.53 45.67
C GLN A 176 39.01 -24.96 46.29
N PHE A 177 38.17 -24.30 45.49
CA PHE A 177 36.89 -23.84 45.99
C PHE A 177 35.95 -25.03 46.14
N MET A 178 35.42 -25.26 47.35
CA MET A 178 34.43 -26.28 47.61
C MET A 178 33.03 -25.74 47.38
N GLY A 179 32.88 -24.42 47.39
CA GLY A 179 31.62 -23.73 47.16
C GLY A 179 31.81 -22.22 47.20
N ILE A 180 30.95 -21.49 46.50
CA ILE A 180 30.94 -20.04 46.47
C ILE A 180 29.48 -19.64 46.51
N PHE A 181 29.01 -19.20 47.68
CA PHE A 181 27.65 -18.75 47.87
C PHE A 181 27.59 -17.26 47.55
N GLU A 182 26.74 -16.87 46.60
CA GLU A 182 26.59 -15.48 46.17
C GLU A 182 25.17 -15.02 46.42
N ASP A 183 24.99 -13.84 47.00
CA ASP A 183 23.69 -13.28 47.28
C ASP A 183 23.69 -11.75 47.16
N ARG A 184 22.53 -11.15 46.91
CA ARG A 184 22.35 -9.72 46.86
C ARG A 184 21.49 -9.34 48.05
N ALA A 185 21.97 -8.44 48.91
CA ALA A 185 21.25 -7.99 50.08
C ALA A 185 20.78 -6.55 49.90
N PRO A 186 19.54 -6.19 50.26
CA PRO A 186 19.11 -4.82 50.16
C PRO A 186 19.78 -3.93 51.21
N VAL A 187 20.03 -2.68 50.85
CA VAL A 187 20.57 -1.68 51.77
C VAL A 187 19.39 -1.08 52.52
N PRO A 188 19.36 -1.01 53.86
CA PRO A 188 18.24 -0.45 54.59
C PRO A 188 18.04 1.04 54.35
N PHE A 189 16.84 1.58 54.58
CA PHE A 189 16.59 3.00 54.38
C PHE A 189 17.51 3.90 55.21
N GLU A 190 17.76 3.56 56.48
CA GLU A 190 18.62 4.36 57.32
C GLU A 190 19.99 4.53 56.68
N GLU A 191 20.51 3.49 56.04
CA GLU A 191 21.81 3.53 55.39
C GLU A 191 21.77 4.29 54.07
N VAL A 192 20.72 4.15 53.27
CA VAL A 192 20.61 4.88 52.02
C VAL A 192 20.54 6.38 52.29
N ILE A 193 19.78 6.80 53.30
CA ILE A 193 19.62 8.21 53.63
C ILE A 193 20.78 8.77 54.43
N ASP A 194 21.13 8.17 55.56
CA ASP A 194 22.14 8.70 56.47
C ASP A 194 23.59 8.37 56.16
N LYS A 195 23.88 7.37 55.33
CA LYS A 195 25.25 7.03 54.97
C LYS A 195 25.52 7.30 53.49
N ILE A 196 24.75 6.71 52.60
CA ILE A 196 24.99 6.85 51.18
C ILE A 196 24.67 8.25 50.68
N ASN A 197 23.43 8.73 50.82
CA ASN A 197 23.08 10.05 50.34
C ASN A 197 23.73 11.17 51.15
N ALA A 198 23.92 11.00 52.46
CA ALA A 198 24.51 12.05 53.26
C ALA A 198 26.03 12.19 53.15
N LYS A 199 26.76 11.09 53.06
CA LYS A 199 28.22 11.08 53.13
C LYS A 199 28.95 10.28 52.05
N GLY A 200 28.26 9.52 51.21
CA GLY A 200 28.88 8.73 50.16
C GLY A 200 29.63 7.50 50.67
N VAL A 201 29.15 6.88 51.75
CA VAL A 201 29.77 5.70 52.34
C VAL A 201 28.73 4.62 52.65
N CYS A 202 29.16 3.37 52.81
CA CYS A 202 28.30 2.27 53.22
C CYS A 202 28.94 1.55 54.40
N ARG A 203 28.15 0.90 55.27
CA ARG A 203 28.69 0.06 56.31
C ARG A 203 29.31 -1.16 55.64
N SER A 204 30.44 -1.66 56.13
CA SER A 204 31.09 -2.85 55.59
C SER A 204 30.37 -4.15 55.94
N THR A 205 29.19 -4.08 56.57
CA THR A 205 28.36 -5.21 56.94
C THR A 205 27.05 -5.21 56.18
N ALA A 206 26.44 -6.39 56.04
CA ALA A 206 25.15 -6.56 55.43
C ALA A 206 24.28 -7.29 56.45
N LYS A 207 23.16 -6.70 56.85
CA LYS A 207 22.23 -7.28 57.80
C LYS A 207 20.86 -7.26 57.14
N TYR A 208 20.30 -8.43 56.84
CA TYR A 208 19.07 -8.55 56.08
C TYR A 208 18.36 -9.87 56.36
N VAL A 209 17.10 -9.97 55.91
CA VAL A 209 16.32 -11.17 56.06
C VAL A 209 16.36 -11.99 54.78
N ARG A 210 16.70 -13.27 54.90
CA ARG A 210 16.78 -14.23 53.81
C ARG A 210 16.24 -15.55 54.35
N ASN A 211 15.40 -16.26 53.59
CA ASN A 211 14.86 -17.53 54.01
C ASN A 211 14.31 -17.53 55.42
N ASN A 212 13.56 -16.50 55.81
CA ASN A 212 12.97 -16.37 57.14
C ASN A 212 13.93 -16.28 58.31
N MET A 213 15.19 -15.88 58.07
CA MET A 213 16.20 -15.72 59.09
C MET A 213 16.91 -14.38 58.91
N GLU A 214 17.27 -13.73 60.02
CA GLU A 214 18.05 -12.50 59.93
C GLU A 214 19.52 -12.88 59.87
N THR A 215 20.13 -12.74 58.70
CA THR A 215 21.52 -13.06 58.44
C THR A 215 22.38 -11.81 58.48
N THR A 216 23.62 -11.91 58.97
CA THR A 216 24.56 -10.82 59.06
C THR A 216 25.90 -11.23 58.47
N ALA A 217 26.47 -10.43 57.57
CA ALA A 217 27.75 -10.68 56.94
C ALA A 217 28.70 -9.51 57.17
N PHE A 218 29.99 -9.77 57.38
CA PHE A 218 31.00 -8.76 57.61
C PHE A 218 32.10 -8.85 56.56
N HIS A 219 32.45 -7.75 55.89
CA HIS A 219 33.52 -7.79 54.91
C HIS A 219 34.82 -8.24 55.56
N ARG A 220 35.49 -9.23 54.97
CA ARG A 220 36.72 -9.82 55.46
C ARG A 220 36.62 -10.41 56.86
N ASP A 221 35.40 -10.57 57.38
CA ASP A 221 35.12 -11.04 58.72
C ASP A 221 35.69 -10.14 59.82
N ASP A 222 35.98 -8.88 59.50
CA ASP A 222 36.47 -7.85 60.38
C ASP A 222 35.33 -7.05 61.02
N HIS A 223 35.63 -6.12 61.93
CA HIS A 223 34.65 -5.26 62.55
C HIS A 223 34.05 -4.29 61.54
N GLU A 224 32.84 -3.80 61.81
CA GLU A 224 32.15 -2.86 60.94
C GLU A 224 32.89 -1.53 60.83
N THR A 225 33.00 -1.02 59.60
CA THR A 225 33.61 0.24 59.24
C THR A 225 32.84 0.89 58.10
N ASP A 226 32.91 2.22 57.95
CA ASP A 226 32.26 2.90 56.85
C ASP A 226 33.22 2.96 55.68
N MET A 227 32.85 2.32 54.56
CA MET A 227 33.64 2.27 53.35
C MET A 227 33.19 3.30 52.33
N GLU A 228 34.16 3.95 51.68
CA GLU A 228 33.94 4.99 50.69
C GLU A 228 33.45 4.44 49.36
N LEU A 229 32.34 4.95 48.82
CA LEU A 229 31.86 4.56 47.51
C LEU A 229 32.69 5.26 46.45
N LYS A 230 33.19 4.51 45.46
CA LYS A 230 34.00 5.03 44.37
C LYS A 230 33.48 4.56 43.02
N PRO A 231 33.73 5.27 41.92
CA PRO A 231 33.19 4.92 40.62
C PRO A 231 33.64 3.57 40.10
N ALA A 232 32.70 2.85 39.48
CA ALA A 232 32.97 1.57 38.85
C ALA A 232 33.79 1.74 37.59
N LYS A 233 34.45 0.67 37.12
CA LYS A 233 35.23 0.74 35.90
C LYS A 233 34.32 0.99 34.71
N VAL A 234 34.73 1.87 33.81
CA VAL A 234 33.94 2.27 32.66
C VAL A 234 33.77 1.13 31.66
N ALA A 235 32.56 1.07 31.10
CA ALA A 235 32.14 0.15 30.05
C ALA A 235 31.27 0.95 29.10
N THR A 236 31.34 0.63 27.80
CA THR A 236 30.55 1.33 26.81
C THR A 236 29.06 1.05 26.97
N ARG A 237 28.23 2.04 26.64
CA ARG A 237 26.79 2.01 26.67
C ARG A 237 26.12 1.77 28.02
N THR A 238 26.84 1.55 29.12
CA THR A 238 26.26 1.40 30.45
C THR A 238 26.14 2.72 31.19
N SER A 239 25.20 2.77 32.13
CA SER A 239 24.94 3.89 33.03
C SER A 239 25.95 3.95 34.17
N ARG A 240 25.89 4.99 35.00
CA ARG A 240 26.82 5.16 36.10
C ARG A 240 26.59 4.16 37.22
N GLY A 241 27.67 3.80 37.92
CA GLY A 241 27.66 2.89 39.05
C GLY A 241 28.85 3.16 39.95
N TRP A 242 28.73 2.82 41.24
CA TRP A 242 29.73 2.98 42.26
C TRP A 242 29.78 1.72 43.13
N HIS A 243 30.94 1.44 43.73
CA HIS A 243 31.11 0.30 44.61
C HIS A 243 32.17 0.60 45.67
N THR A 244 32.27 -0.23 46.69
CA THR A 244 33.24 -0.04 47.76
C THR A 244 34.46 -0.93 47.68
N THR A 245 34.40 -2.07 46.97
CA THR A 245 35.45 -3.05 46.97
C THR A 245 35.72 -3.65 45.59
N ASP A 246 36.98 -3.86 45.22
CA ASP A 246 37.36 -4.45 43.95
C ASP A 246 37.65 -5.95 44.03
N LEU A 247 38.34 -6.37 45.09
CA LEU A 247 38.80 -7.73 45.28
C LEU A 247 37.91 -8.58 46.16
N LYS A 248 37.79 -9.86 45.82
CA LYS A 248 37.10 -10.85 46.64
C LYS A 248 38.04 -11.27 47.75
N TYR A 249 37.52 -11.47 48.95
CA TYR A 249 38.30 -11.94 50.08
C TYR A 249 38.13 -13.44 50.25
N ASN A 250 39.24 -14.18 50.30
CA ASN A 250 39.27 -15.61 50.51
C ASN A 250 40.14 -15.87 51.74
N PRO A 251 39.83 -16.89 52.55
CA PRO A 251 40.60 -17.17 53.74
C PRO A 251 42.04 -17.54 53.41
N SER A 252 42.97 -17.27 54.33
CA SER A 252 44.37 -17.60 54.19
C SER A 252 44.61 -19.09 54.37
N ARG A 253 45.66 -19.62 53.75
CA ARG A 253 46.00 -21.03 53.81
C ARG A 253 46.29 -21.52 55.22
N VAL A 254 45.76 -22.72 55.49
CA VAL A 254 45.95 -23.54 56.67
C VAL A 254 45.89 -24.95 56.12
N GLU A 255 47.05 -25.61 55.98
CA GLU A 255 47.14 -26.93 55.37
C GLU A 255 46.13 -27.94 55.91
N ALA A 256 45.43 -28.64 55.03
CA ALA A 256 44.45 -29.67 55.30
C ALA A 256 43.17 -29.26 56.01
N PHE A 257 42.76 -27.98 55.89
CA PHE A 257 41.54 -27.46 56.45
C PHE A 257 40.60 -26.89 55.40
N HIS A 258 39.30 -26.86 55.74
CA HIS A 258 38.27 -26.19 54.98
C HIS A 258 38.04 -24.87 55.72
N ARG A 259 38.11 -23.73 55.04
CA ARG A 259 37.90 -22.42 55.65
C ARG A 259 36.93 -21.58 54.84
N TYR A 260 36.28 -20.61 55.48
CA TYR A 260 35.30 -19.72 54.88
C TYR A 260 35.77 -18.28 54.89
N GLY A 261 35.45 -17.50 53.86
CA GLY A 261 35.80 -16.09 53.77
C GLY A 261 34.65 -15.29 53.19
N THR A 262 34.32 -14.16 53.83
CA THR A 262 33.22 -13.31 53.41
C THR A 262 33.65 -12.02 52.72
N THR A 263 32.99 -11.68 51.62
CA THR A 263 33.17 -10.42 50.91
C THR A 263 31.84 -9.69 50.93
N VAL A 264 31.84 -8.37 51.18
CA VAL A 264 30.64 -7.56 51.15
C VAL A 264 30.99 -6.31 50.33
N ASN A 265 30.46 -6.21 49.12
CA ASN A 265 30.71 -5.09 48.24
C ASN A 265 29.43 -4.28 48.12
N CYS A 266 29.37 -3.06 48.66
CA CYS A 266 28.18 -2.23 48.55
C CYS A 266 28.16 -1.65 47.15
N ILE A 267 27.09 -1.82 46.38
CA ILE A 267 26.97 -1.36 45.01
C ILE A 267 25.78 -0.41 44.88
N VAL A 268 25.96 0.65 44.09
CA VAL A 268 24.96 1.64 43.78
C VAL A 268 24.93 1.79 42.27
N GLU A 269 23.76 1.74 41.62
CA GLU A 269 23.66 1.87 40.18
C GLU A 269 22.50 2.74 39.73
N GLU A 270 22.74 3.66 38.80
CA GLU A 270 21.66 4.40 38.16
C GLU A 270 21.15 3.49 37.05
N VAL A 271 19.84 3.22 36.97
CA VAL A 271 19.28 2.33 35.97
C VAL A 271 18.01 2.91 35.36
N ASP A 272 17.77 2.55 34.09
CA ASP A 272 16.53 2.91 33.44
C ASP A 272 15.44 1.96 33.92
N ALA A 273 14.28 2.51 34.27
CA ALA A 273 13.12 1.74 34.68
C ALA A 273 12.05 1.87 33.60
N ARG A 274 11.30 0.80 33.33
CA ARG A 274 10.28 0.76 32.31
C ARG A 274 8.99 0.19 32.89
N SER A 275 7.83 0.66 32.44
CA SER A 275 6.55 0.17 32.90
C SER A 275 5.52 0.26 31.79
N VAL A 276 4.60 -0.71 31.67
CA VAL A 276 3.56 -0.69 30.66
C VAL A 276 2.19 -0.62 31.32
N TYR A 277 1.19 -0.14 30.58
CA TYR A 277 -0.18 -0.06 31.04
C TYR A 277 -0.62 -1.40 31.61
N PRO A 278 -1.37 -1.46 32.71
CA PRO A 278 -1.93 -0.38 33.51
C PRO A 278 -0.98 0.27 34.53
N TYR A 279 0.32 0.08 34.41
CA TYR A 279 1.34 0.63 35.28
C TYR A 279 1.26 0.17 36.73
N ASP A 280 0.99 -1.11 36.95
CA ASP A 280 0.89 -1.72 38.27
C ASP A 280 2.19 -2.35 38.74
N GLU A 281 3.25 -2.35 37.92
CA GLU A 281 4.56 -2.89 38.20
C GLU A 281 5.57 -2.30 37.22
N PHE A 282 6.86 -2.43 37.49
CA PHE A 282 7.89 -1.94 36.60
C PHE A 282 9.13 -2.84 36.64
N VAL A 283 10.03 -2.67 35.67
CA VAL A 283 11.27 -3.42 35.58
C VAL A 283 12.46 -2.48 35.54
N LEU A 284 13.60 -2.98 35.99
CA LEU A 284 14.88 -2.28 35.98
C LEU A 284 15.74 -2.82 34.84
N ALA A 285 16.73 -2.05 34.38
CA ALA A 285 17.61 -2.45 33.30
C ALA A 285 18.34 -3.77 33.55
N THR A 286 18.46 -4.21 34.80
CA THR A 286 19.08 -5.46 35.22
C THR A 286 18.19 -6.69 34.99
N GLY A 287 16.94 -6.49 34.58
CA GLY A 287 15.98 -7.56 34.38
C GLY A 287 15.16 -7.87 35.62
N ASP A 288 15.33 -7.11 36.70
CA ASP A 288 14.59 -7.30 37.94
C ASP A 288 13.23 -6.61 37.90
N PHE A 289 12.17 -7.31 38.30
CA PHE A 289 10.82 -6.79 38.42
C PHE A 289 10.59 -6.19 39.80
N VAL A 290 9.70 -5.20 39.85
CA VAL A 290 9.27 -4.52 41.05
C VAL A 290 7.75 -4.48 40.99
N TYR A 291 7.08 -5.24 41.86
CA TYR A 291 5.64 -5.39 41.88
C TYR A 291 4.91 -4.31 42.65
N MET A 292 5.15 -3.06 42.24
CA MET A 292 4.55 -1.87 42.80
C MET A 292 4.39 -0.86 41.67
N SER A 293 3.31 -0.09 41.65
CA SER A 293 3.15 0.92 40.62
C SER A 293 4.22 2.00 40.76
N PRO A 294 4.84 2.48 39.69
CA PRO A 294 5.81 3.56 39.81
C PRO A 294 5.18 4.85 40.32
N PHE A 295 3.84 4.94 40.32
CA PHE A 295 3.10 6.09 40.80
C PHE A 295 2.61 5.94 42.24
N TYR A 296 2.87 4.82 42.90
CA TYR A 296 2.47 4.59 44.27
C TYR A 296 3.10 5.60 45.21
N GLY A 297 2.37 6.01 46.25
CA GLY A 297 2.83 6.99 47.23
C GLY A 297 1.79 7.20 48.32
N TYR A 298 1.89 8.27 49.10
CA TYR A 298 0.91 8.57 50.13
C TYR A 298 -0.08 9.67 49.75
N ARG A 299 0.45 10.79 49.22
CA ARG A 299 -0.28 11.98 48.84
C ARG A 299 -1.09 11.83 47.56
N GLU A 300 -2.02 12.77 47.34
CA GLU A 300 -2.85 12.89 46.15
C GLU A 300 -3.57 11.63 45.72
N GLY A 301 -4.02 10.81 46.67
CA GLY A 301 -4.73 9.58 46.39
C GLY A 301 -3.87 8.50 45.74
N SER A 302 -2.55 8.66 45.67
CA SER A 302 -1.65 7.68 45.09
C SER A 302 -1.54 6.41 45.92
N HIS A 303 -2.05 6.38 47.15
CA HIS A 303 -2.03 5.20 47.99
C HIS A 303 -2.95 4.10 47.47
N THR A 304 -3.82 4.38 46.50
CA THR A 304 -4.70 3.40 45.90
C THR A 304 -4.04 2.64 44.75
N GLU A 305 -2.85 3.03 44.31
CA GLU A 305 -2.12 2.32 43.27
C GLU A 305 -1.68 0.95 43.77
N HIS A 306 -1.32 0.04 42.85
CA HIS A 306 -0.96 -1.31 43.23
C HIS A 306 0.36 -1.44 43.98
N THR A 307 0.42 -2.39 44.92
CA THR A 307 1.61 -2.78 45.65
C THR A 307 1.45 -4.21 46.16
N SER A 308 2.45 -5.06 45.89
CA SER A 308 2.49 -6.43 46.36
C SER A 308 3.32 -6.59 47.64
N TYR A 309 3.89 -5.50 48.16
CA TYR A 309 4.76 -5.53 49.32
C TYR A 309 4.08 -5.04 50.60
N ALA A 310 4.62 -5.46 51.75
CA ALA A 310 4.17 -5.02 53.05
C ALA A 310 4.47 -3.53 53.25
N ALA A 311 3.69 -2.84 54.08
CA ALA A 311 3.85 -1.42 54.31
C ALA A 311 5.23 -0.99 54.76
N ASP A 312 5.92 -1.77 55.60
CA ASP A 312 7.24 -1.43 56.09
C ASP A 312 8.35 -1.57 55.08
N ARG A 313 8.10 -2.19 53.91
CA ARG A 313 9.06 -2.29 52.84
C ARG A 313 9.10 -1.02 52.00
N PHE A 314 8.20 -0.06 52.19
CA PHE A 314 8.12 1.17 51.45
C PHE A 314 8.27 2.40 52.34
N LYS A 315 8.90 3.45 51.81
CA LYS A 315 9.14 4.71 52.48
C LYS A 315 9.10 5.82 51.44
N GLN A 316 8.57 6.99 51.81
CA GLN A 316 8.52 8.15 50.93
C GLN A 316 9.09 9.34 51.69
N VAL A 317 10.13 9.98 51.13
CA VAL A 317 10.81 11.11 51.73
C VAL A 317 10.46 12.39 50.99
N ASP A 318 9.72 13.29 51.64
CA ASP A 318 9.39 14.59 51.07
C ASP A 318 10.57 15.53 51.27
N GLY A 319 10.80 16.45 50.33
CA GLY A 319 11.89 17.40 50.47
C GLY A 319 13.28 16.77 50.42
N PHE A 320 13.45 15.68 49.67
CA PHE A 320 14.70 14.98 49.53
C PHE A 320 15.65 15.68 48.57
N TYR A 321 16.92 15.84 48.95
CA TYR A 321 17.96 16.43 48.12
C TYR A 321 19.01 15.39 47.79
N ALA A 322 19.09 14.97 46.52
CA ALA A 322 20.06 13.99 46.08
C ALA A 322 21.46 14.57 46.06
N ARG A 323 22.45 13.82 46.58
CA ARG A 323 23.85 14.18 46.54
C ARG A 323 24.53 13.28 45.52
N ASP A 324 25.17 13.87 44.50
CA ASP A 324 25.85 13.10 43.47
C ASP A 324 27.07 12.40 44.05
N LEU A 325 27.20 11.08 43.85
CA LEU A 325 28.30 10.32 44.41
C LEU A 325 29.66 10.61 43.81
N THR A 326 29.75 11.13 42.59
CA THR A 326 31.01 11.46 41.96
C THR A 326 31.45 12.88 42.27
N THR A 327 30.58 13.87 42.00
CA THR A 327 30.89 15.27 42.22
C THR A 327 30.72 15.76 43.64
N LYS A 328 30.02 15.00 44.49
CA LYS A 328 29.72 15.32 45.88
C LYS A 328 28.82 16.53 46.05
N ALA A 329 28.29 17.07 44.96
CA ALA A 329 27.40 18.22 44.96
C ALA A 329 25.98 17.82 45.32
N ARG A 330 25.30 18.65 46.12
CA ARG A 330 23.92 18.44 46.50
C ARG A 330 23.00 19.10 45.47
N ALA A 331 21.87 18.48 45.16
CA ALA A 331 20.91 19.01 44.21
C ALA A 331 20.39 20.37 44.66
N THR A 332 20.05 21.23 43.70
CA THR A 332 19.54 22.57 43.96
C THR A 332 18.09 22.58 44.43
N SER A 333 17.25 21.72 43.86
CA SER A 333 15.83 21.60 44.16
C SER A 333 15.47 20.23 44.72
N PRO A 334 14.54 20.16 45.67
CA PRO A 334 14.14 18.91 46.28
C PRO A 334 13.15 18.12 45.43
N THR A 335 12.97 16.83 45.74
CA THR A 335 12.03 15.93 45.12
C THR A 335 11.33 15.09 46.18
N THR A 336 10.24 14.41 45.80
CA THR A 336 9.59 13.45 46.67
C THR A 336 10.21 12.13 46.28
N ARG A 337 11.03 11.53 47.17
CA ARG A 337 11.75 10.31 46.86
C ARG A 337 11.05 9.06 47.38
N ASN A 338 10.73 8.11 46.49
CA ASN A 338 10.18 6.83 46.85
C ASN A 338 11.34 5.86 47.08
N LEU A 339 11.28 5.02 48.11
CA LEU A 339 12.27 4.00 48.39
C LEU A 339 11.51 2.71 48.71
N LEU A 340 11.89 1.60 48.06
CA LEU A 340 11.28 0.31 48.26
C LEU A 340 12.37 -0.73 48.47
N THR A 341 12.28 -1.49 49.56
CA THR A 341 13.22 -2.55 49.87
C THR A 341 12.63 -3.89 49.49
N THR A 342 13.11 -4.48 48.39
CA THR A 342 12.70 -5.82 47.97
C THR A 342 13.61 -6.82 48.67
N PRO A 343 13.39 -8.13 48.57
CA PRO A 343 14.27 -9.11 49.20
C PRO A 343 15.69 -9.16 48.67
N LYS A 344 15.99 -8.52 47.53
CA LYS A 344 17.29 -8.55 46.89
C LYS A 344 17.98 -7.20 46.75
N PHE A 345 17.25 -6.09 46.78
CA PHE A 345 17.83 -4.76 46.62
C PHE A 345 16.84 -3.69 47.04
N THR A 346 17.36 -2.50 47.37
CA THR A 346 16.53 -1.34 47.62
C THR A 346 16.54 -0.51 46.33
N VAL A 347 15.39 -0.02 45.88
CA VAL A 347 15.28 0.80 44.69
C VAL A 347 14.64 2.13 45.06
N ALA A 348 15.19 3.23 44.53
CA ALA A 348 14.67 4.56 44.77
C ALA A 348 14.38 5.28 43.47
N TRP A 349 13.33 6.11 43.43
CA TRP A 349 12.95 6.88 42.27
C TRP A 349 12.14 8.09 42.69
N ASP A 350 12.06 9.13 41.85
CA ASP A 350 11.28 10.31 42.17
C ASP A 350 9.81 10.06 41.88
N TRP A 351 8.95 10.35 42.86
CA TRP A 351 7.51 10.24 42.71
C TRP A 351 6.94 11.41 41.94
N VAL A 352 5.99 11.14 41.04
CA VAL A 352 5.30 12.12 40.23
C VAL A 352 3.84 11.72 40.08
N PRO A 353 2.90 12.65 39.89
CA PRO A 353 1.51 12.31 39.69
C PRO A 353 1.32 11.51 38.41
N LYS A 354 0.47 10.48 38.45
CA LYS A 354 0.22 9.59 37.34
C LYS A 354 -0.38 10.22 36.09
N ARG A 355 -1.51 10.92 36.20
CA ARG A 355 -2.22 11.47 35.05
C ARG A 355 -1.38 12.32 34.11
N PRO A 356 -0.56 13.28 34.56
CA PRO A 356 0.26 14.05 33.65
C PRO A 356 1.48 13.31 33.11
N ALA A 357 1.84 12.14 33.64
CA ALA A 357 3.02 11.41 33.23
C ALA A 357 2.80 10.39 32.12
N VAL A 358 1.67 9.69 32.10
CA VAL A 358 1.37 8.65 31.13
C VAL A 358 0.19 9.00 30.24
N CYS A 359 0.07 8.31 29.11
CA CYS A 359 -1.02 8.49 28.15
C CYS A 359 -1.19 7.26 27.28
N THR A 360 -2.42 6.82 27.03
CA THR A 360 -2.66 5.67 26.18
C THR A 360 -2.64 6.00 24.70
N MET A 361 -2.50 7.26 24.32
CA MET A 361 -2.40 7.72 22.95
C MET A 361 -1.10 8.51 22.77
N THR A 362 -0.56 8.49 21.55
CA THR A 362 0.68 9.16 21.18
C THR A 362 0.45 10.04 19.97
N LYS A 363 0.96 11.28 19.99
CA LYS A 363 0.86 12.17 18.85
C LYS A 363 1.68 11.57 17.72
N TRP A 364 1.08 11.41 16.53
CA TRP A 364 1.73 10.81 15.39
C TRP A 364 2.01 11.78 14.24
N GLN A 365 1.01 12.53 13.78
CA GLN A 365 1.15 13.45 12.68
C GLN A 365 0.54 14.81 12.98
N GLU A 366 1.25 15.89 12.62
CA GLU A 366 0.76 17.24 12.69
C GLU A 366 0.48 17.64 11.25
N VAL A 367 -0.78 17.95 10.93
CA VAL A 367 -1.21 18.28 9.58
C VAL A 367 -1.73 19.70 9.55
N ASP A 368 -0.99 20.63 8.92
CA ASP A 368 -1.41 22.01 8.84
C ASP A 368 -2.45 22.31 7.76
N GLU A 369 -2.75 21.38 6.86
CA GLU A 369 -3.75 21.49 5.83
C GLU A 369 -4.59 20.23 5.77
N MET A 370 -5.57 20.10 6.66
CA MET A 370 -6.47 18.97 6.72
C MET A 370 -7.84 19.41 6.22
N LEU A 371 -8.26 18.93 5.05
CA LEU A 371 -9.55 19.29 4.51
C LEU A 371 -10.61 18.32 5.01
N ARG A 372 -11.74 18.83 5.50
CA ARG A 372 -12.85 18.00 5.96
C ARG A 372 -14.02 18.13 5.01
N ALA A 373 -14.46 17.01 4.43
CA ALA A 373 -15.62 16.92 3.57
C ALA A 373 -16.68 16.09 4.27
N GLU A 374 -17.95 16.27 3.92
CA GLU A 374 -19.06 15.55 4.52
C GLU A 374 -20.00 14.99 3.46
N TYR A 375 -20.20 13.67 3.43
CA TYR A 375 -21.13 13.01 2.54
C TYR A 375 -21.42 11.61 3.03
N GLY A 376 -22.58 11.05 2.66
CA GLY A 376 -22.96 9.70 3.05
C GLY A 376 -23.01 9.45 4.55
N GLY A 377 -23.28 10.48 5.36
CA GLY A 377 -23.34 10.36 6.80
C GLY A 377 -21.99 10.12 7.47
N SER A 378 -20.89 10.62 6.88
CA SER A 378 -19.55 10.48 7.41
C SER A 378 -18.65 11.64 6.98
N PHE A 379 -17.66 11.96 7.80
CA PHE A 379 -16.66 12.95 7.48
C PHE A 379 -15.45 12.26 6.84
N ARG A 380 -14.83 12.92 5.86
CA ARG A 380 -13.62 12.50 5.21
C ARG A 380 -12.57 13.56 5.47
N PHE A 381 -11.54 13.23 6.25
CA PHE A 381 -10.44 14.13 6.56
C PHE A 381 -9.29 13.76 5.64
N SER A 382 -8.94 14.61 4.68
CA SER A 382 -7.87 14.32 3.75
C SER A 382 -6.71 15.30 3.87
N SER A 383 -5.50 14.75 3.82
CA SER A 383 -4.27 15.51 3.87
C SER A 383 -3.48 15.30 2.59
N ASP A 384 -3.27 16.38 1.84
CA ASP A 384 -2.52 16.35 0.61
C ASP A 384 -1.04 16.12 0.86
N ALA A 385 -0.52 16.57 2.00
CA ALA A 385 0.87 16.44 2.39
C ALA A 385 1.27 14.99 2.66
N ILE A 386 0.48 14.25 3.43
CA ILE A 386 0.77 12.85 3.73
C ILE A 386 -0.02 11.88 2.86
N SER A 387 -0.79 12.35 1.87
CA SER A 387 -1.55 11.55 0.93
C SER A 387 -2.38 10.51 1.66
N THR A 388 -3.25 10.97 2.57
CA THR A 388 -4.03 10.09 3.41
C THR A 388 -5.44 10.62 3.63
N THR A 389 -6.45 9.74 3.63
CA THR A 389 -7.83 10.09 3.88
C THR A 389 -8.42 9.22 4.98
N PHE A 390 -8.81 9.83 6.09
CA PHE A 390 -9.44 9.17 7.22
C PHE A 390 -10.96 9.36 7.16
N THR A 391 -11.72 8.33 7.56
CA THR A 391 -13.16 8.35 7.55
C THR A 391 -13.70 8.25 8.98
N THR A 392 -14.69 9.05 9.35
CA THR A 392 -15.27 9.06 10.68
C THR A 392 -16.78 9.26 10.66
N ASN A 393 -17.45 8.88 11.74
CA ASN A 393 -18.86 9.20 11.92
C ASN A 393 -18.97 10.70 12.18
N LEU A 394 -20.16 11.29 12.03
CA LEU A 394 -20.35 12.72 12.21
C LEU A 394 -20.30 13.20 13.67
N THR A 395 -20.54 12.31 14.63
CA THR A 395 -20.55 12.63 16.04
C THR A 395 -19.13 12.64 16.62
N GLN A 396 -18.78 13.64 17.43
CA GLN A 396 -17.48 13.69 18.06
C GLN A 396 -17.27 12.56 19.05
N TYR A 397 -16.02 12.14 19.23
CA TYR A 397 -15.62 11.13 20.19
C TYR A 397 -15.29 11.85 21.49
N SER A 398 -16.02 11.55 22.57
CA SER A 398 -15.78 12.22 23.84
C SER A 398 -14.47 11.77 24.48
N LEU A 399 -13.54 12.68 24.75
CA LEU A 399 -12.27 12.33 25.37
C LEU A 399 -12.42 11.70 26.75
N SER A 400 -13.56 11.91 27.43
CA SER A 400 -13.84 11.29 28.71
C SER A 400 -13.87 9.78 28.62
N ARG A 401 -14.02 9.19 27.44
CA ARG A 401 -14.00 7.76 27.20
C ARG A 401 -12.60 7.18 27.22
N VAL A 402 -11.58 7.97 26.94
CA VAL A 402 -10.20 7.52 26.89
C VAL A 402 -9.61 7.39 28.28
N ASP A 403 -9.13 6.20 28.64
CA ASP A 403 -8.46 6.03 29.92
C ASP A 403 -7.10 6.72 29.89
N LEU A 404 -6.74 7.53 30.88
CA LEU A 404 -5.48 8.24 30.94
C LEU A 404 -5.18 9.12 29.74
N GLY A 405 -6.18 9.61 29.01
CA GLY A 405 -5.98 10.42 27.81
C GLY A 405 -5.63 11.88 28.03
N ASP A 406 -5.11 12.32 29.18
CA ASP A 406 -4.85 13.73 29.43
C ASP A 406 -3.87 14.40 28.49
N CYS A 407 -2.93 13.65 27.90
CA CYS A 407 -1.99 14.23 26.96
C CYS A 407 -2.63 14.65 25.64
N ILE A 408 -3.77 14.08 25.27
CA ILE A 408 -4.44 14.36 24.01
C ILE A 408 -4.83 15.82 23.89
N GLY A 409 -5.60 16.35 24.85
CA GLY A 409 -6.01 17.74 24.80
C GLY A 409 -4.82 18.69 24.86
N ARG A 410 -3.87 18.40 25.75
CA ARG A 410 -2.66 19.18 25.97
C ARG A 410 -1.79 19.27 24.72
N ASP A 411 -1.48 18.13 24.09
CA ASP A 411 -0.66 18.10 22.89
C ASP A 411 -1.39 18.67 21.69
N ALA A 412 -2.69 18.42 21.56
CA ALA A 412 -3.48 18.96 20.47
C ALA A 412 -3.51 20.48 20.53
N ARG A 413 -3.83 21.08 21.68
CA ARG A 413 -3.87 22.52 21.83
C ARG A 413 -2.52 23.17 21.54
N GLU A 414 -1.42 22.58 22.02
CA GLU A 414 -0.09 23.12 21.76
C GLU A 414 0.26 23.10 20.28
N ALA A 415 0.09 21.96 19.61
CA ALA A 415 0.41 21.81 18.21
C ALA A 415 -0.49 22.63 17.30
N ILE A 416 -1.80 22.69 17.57
CA ILE A 416 -2.74 23.46 16.78
C ILE A 416 -2.39 24.94 16.85
N ASP A 417 -2.13 25.47 18.05
CA ASP A 417 -1.77 26.87 18.20
C ASP A 417 -0.46 27.20 17.51
N ARG A 418 0.52 26.30 17.56
CA ARG A 418 1.80 26.50 16.92
C ARG A 418 1.70 26.52 15.40
N MET A 419 0.96 25.57 14.81
CA MET A 419 0.75 25.53 13.37
C MET A 419 -0.06 26.73 12.91
N PHE A 420 -1.08 27.14 13.68
CA PHE A 420 -1.88 28.30 13.32
C PHE A 420 -1.03 29.56 13.28
N ALA A 421 -0.20 29.80 14.31
CA ALA A 421 0.66 30.96 14.36
C ALA A 421 1.68 31.01 13.23
N ARG A 422 2.22 29.86 12.83
CA ARG A 422 3.20 29.75 11.78
C ARG A 422 2.67 29.97 10.38
N LYS A 423 1.43 29.57 10.08
CA LYS A 423 0.89 29.59 8.74
C LYS A 423 -0.40 30.35 8.48
N TYR A 424 -1.22 30.64 9.50
CA TYR A 424 -2.54 31.21 9.30
C TYR A 424 -2.90 32.50 10.01
N ASN A 425 -2.14 32.97 10.99
CA ASN A 425 -2.48 34.15 11.77
C ASN A 425 -2.81 35.38 10.95
N ALA A 426 -2.20 35.56 9.78
CA ALA A 426 -2.41 36.70 8.91
C ALA A 426 -3.53 36.55 7.90
N THR A 427 -4.15 35.38 7.73
CA THR A 427 -5.13 35.14 6.69
C THR A 427 -6.42 34.43 7.09
N HIS A 428 -6.46 33.74 8.23
CA HIS A 428 -7.62 33.01 8.70
C HIS A 428 -7.90 33.25 10.19
N ILE A 429 -9.02 32.71 10.65
CA ILE A 429 -9.47 32.71 12.03
C ILE A 429 -9.86 31.29 12.43
N LYS A 430 -9.74 30.97 13.73
CA LYS A 430 -10.18 29.69 14.25
C LYS A 430 -11.68 29.73 14.47
N VAL A 431 -12.40 28.68 14.07
CA VAL A 431 -13.84 28.59 14.26
C VAL A 431 -14.11 27.60 15.39
N GLY A 432 -14.38 28.11 16.58
CA GLY A 432 -14.64 27.30 17.76
C GLY A 432 -13.41 26.58 18.29
N GLN A 433 -13.61 25.77 19.33
CA GLN A 433 -12.57 24.98 19.96
C GLN A 433 -12.27 23.70 19.18
N PRO A 434 -11.13 23.04 19.41
CA PRO A 434 -10.81 21.80 18.74
C PRO A 434 -11.87 20.72 18.95
N GLN A 435 -12.11 19.93 17.91
CA GLN A 435 -13.08 18.85 17.87
C GLN A 435 -12.36 17.51 17.79
N TYR A 436 -12.89 16.43 18.35
CA TYR A 436 -12.24 15.15 18.34
C TYR A 436 -13.08 14.09 17.63
N TYR A 437 -12.49 13.35 16.69
CA TYR A 437 -13.18 12.33 15.94
C TYR A 437 -12.38 11.04 15.90
N LEU A 438 -13.05 9.89 16.07
CA LEU A 438 -12.40 8.60 15.97
C LEU A 438 -12.55 8.08 14.55
N ALA A 439 -11.43 7.87 13.85
CA ALA A 439 -11.42 7.38 12.49
C ALA A 439 -11.26 5.88 12.39
N THR A 440 -11.75 5.31 11.28
CA THR A 440 -11.60 3.91 10.96
C THR A 440 -10.12 3.55 11.01
N GLY A 441 -9.79 2.40 11.60
CA GLY A 441 -8.42 1.98 11.81
C GLY A 441 -7.89 2.35 13.19
N GLY A 442 -8.64 3.10 13.99
CA GLY A 442 -8.28 3.45 15.35
C GLY A 442 -7.37 4.67 15.48
N PHE A 443 -7.55 5.69 14.64
CA PHE A 443 -6.80 6.92 14.72
C PHE A 443 -7.69 8.00 15.32
N LEU A 444 -7.22 8.74 16.32
CA LEU A 444 -8.01 9.81 16.91
C LEU A 444 -7.54 11.12 16.29
N ILE A 445 -8.44 11.90 15.70
CA ILE A 445 -8.11 13.13 15.02
C ILE A 445 -8.61 14.32 15.82
N ALA A 446 -7.69 15.19 16.26
CA ALA A 446 -8.02 16.46 16.88
C ALA A 446 -8.07 17.43 15.71
N TYR A 447 -9.22 18.08 15.46
CA TYR A 447 -9.42 18.96 14.33
C TYR A 447 -9.82 20.37 14.73
N GLN A 448 -9.17 21.38 14.14
CA GLN A 448 -9.48 22.79 14.36
C GLN A 448 -9.98 23.37 13.04
N PRO A 449 -11.28 23.63 12.90
CA PRO A 449 -11.79 24.26 11.70
C PRO A 449 -11.29 25.69 11.61
N LEU A 450 -11.06 26.18 10.38
CA LEU A 450 -10.62 27.53 10.09
C LEU A 450 -11.56 28.20 9.10
N LEU A 451 -11.45 29.53 9.00
CA LEU A 451 -12.20 30.33 8.06
C LEU A 451 -11.33 31.47 7.57
N SER A 452 -11.31 31.73 6.26
CA SER A 452 -10.53 32.82 5.69
C SER A 452 -11.10 34.17 6.10
N ASN A 453 -10.24 35.17 6.29
CA ASN A 453 -10.63 36.52 6.63
C ASN A 453 -11.60 37.11 5.62
N THR A 454 -11.45 36.74 4.34
CA THR A 454 -12.31 37.18 3.25
C THR A 454 -13.73 36.63 3.32
N LEU A 455 -13.98 35.58 4.11
CA LEU A 455 -15.28 34.98 4.33
C LEU A 455 -15.88 35.29 5.69
N ALA A 456 -15.24 36.15 6.48
CA ALA A 456 -15.73 36.60 7.78
C ALA A 456 -16.85 37.61 7.57
N GLU A 457 -18.02 37.08 7.18
CA GLU A 457 -19.26 37.74 6.80
C GLU A 457 -19.12 38.59 5.55
N SER A 488 -17.13 2.05 31.59
CA SER A 488 -17.08 3.46 31.17
C SER A 488 -15.91 3.72 30.24
N VAL A 489 -14.68 3.85 30.75
CA VAL A 489 -13.49 4.10 29.95
C VAL A 489 -13.03 2.90 29.15
N GLU A 490 -12.30 3.16 28.07
CA GLU A 490 -11.77 2.18 27.14
C GLU A 490 -10.45 2.62 26.52
N ARG A 491 -9.85 1.76 25.71
CA ARG A 491 -8.61 2.00 24.99
C ARG A 491 -8.82 1.77 23.50
N ILE A 492 -8.40 2.75 22.70
CA ILE A 492 -8.48 2.72 21.25
C ILE A 492 -7.39 1.79 20.73
N LYS A 493 -7.71 0.92 19.77
CA LYS A 493 -6.79 -0.03 19.17
C LYS A 493 -6.46 0.41 17.76
N THR A 494 -5.20 0.79 17.49
CA THR A 494 -4.78 1.26 16.18
C THR A 494 -4.16 0.16 15.34
N THR A 495 -4.56 0.05 14.07
CA THR A 495 -3.99 -0.89 13.12
C THR A 495 -2.54 -0.55 12.85
N SER A 496 -1.69 -1.50 12.46
CA SER A 496 -0.29 -1.23 12.21
C SER A 496 -0.03 -0.72 10.79
N SER A 497 -1.04 -0.76 9.93
CA SER A 497 -0.95 -0.38 8.53
C SER A 497 -1.85 0.78 8.15
N ILE A 498 -1.27 1.85 7.60
CA ILE A 498 -1.99 3.02 7.12
C ILE A 498 -2.39 2.90 5.66
N GLU A 499 -1.97 1.84 4.95
CA GLU A 499 -2.18 1.75 3.52
C GLU A 499 -3.63 1.86 3.04
N PHE A 500 -4.61 1.40 3.80
CA PHE A 500 -6.01 1.55 3.42
C PHE A 500 -6.37 3.03 3.25
N ALA A 501 -5.84 3.91 4.09
CA ALA A 501 -6.12 5.34 4.01
C ALA A 501 -5.37 6.03 2.88
N ARG A 502 -4.24 5.48 2.42
CA ARG A 502 -3.48 6.02 1.32
C ARG A 502 -4.07 5.55 -0.01
N LEU A 503 -4.60 4.33 -0.05
CA LEU A 503 -5.34 3.84 -1.20
C LEU A 503 -6.60 4.67 -1.31
N GLN A 504 -7.28 4.97 -0.20
CA GLN A 504 -8.47 5.79 -0.20
C GLN A 504 -8.18 7.16 -0.80
N PHE A 505 -7.08 7.80 -0.36
CA PHE A 505 -6.69 9.10 -0.88
C PHE A 505 -6.43 9.03 -2.38
N THR A 506 -5.63 8.06 -2.83
CA THR A 506 -5.26 7.89 -4.22
C THR A 506 -6.46 7.62 -5.11
N TYR A 507 -7.33 6.71 -4.70
CA TYR A 507 -8.52 6.38 -5.45
C TYR A 507 -9.43 7.60 -5.54
N ASN A 508 -9.67 8.30 -4.44
CA ASN A 508 -10.51 9.47 -4.45
C ASN A 508 -9.96 10.56 -5.35
N HIS A 509 -8.64 10.79 -5.31
CA HIS A 509 -7.99 11.81 -6.11
C HIS A 509 -8.15 11.55 -7.61
N ILE A 510 -7.95 10.31 -8.04
CA ILE A 510 -8.10 9.92 -9.43
C ILE A 510 -9.56 9.91 -9.83
N GLN A 511 -10.44 9.30 -9.02
CA GLN A 511 -11.87 9.22 -9.28
C GLN A 511 -12.48 10.60 -9.48
N ARG A 512 -12.16 11.55 -8.60
CA ARG A 512 -12.67 12.90 -8.66
C ARG A 512 -12.26 13.60 -9.95
N HIS A 513 -11.02 13.42 -10.41
CA HIS A 513 -10.55 14.02 -11.64
C HIS A 513 -11.21 13.38 -12.86
N VAL A 514 -11.24 12.04 -12.93
CA VAL A 514 -11.86 11.33 -14.04
C VAL A 514 -13.34 11.65 -14.13
N ASN A 515 -14.09 11.67 -13.02
CA ASN A 515 -15.50 12.01 -13.04
C ASN A 515 -15.74 13.45 -13.47
N ASP A 516 -14.83 14.37 -13.14
CA ASP A 516 -14.95 15.76 -13.54
C ASP A 516 -14.75 15.88 -15.05
N MET A 517 -13.65 15.36 -15.59
CA MET A 517 -13.35 15.43 -17.01
C MET A 517 -14.36 14.67 -17.86
N LEU A 518 -14.76 13.45 -17.49
CA LEU A 518 -15.76 12.74 -18.26
C LEU A 518 -17.11 13.43 -18.18
N GLY A 519 -17.44 14.06 -17.05
CA GLY A 519 -18.66 14.83 -16.92
C GLY A 519 -18.65 16.02 -17.87
N ARG A 520 -17.52 16.71 -18.04
CA ARG A 520 -17.39 17.81 -18.97
C ARG A 520 -17.54 17.33 -20.41
N ILE A 521 -16.98 16.16 -20.75
CA ILE A 521 -17.10 15.60 -22.08
C ILE A 521 -18.56 15.23 -22.34
N ALA A 522 -19.28 14.64 -21.38
CA ALA A 522 -20.67 14.28 -21.55
C ALA A 522 -21.53 15.52 -21.81
N VAL A 523 -21.25 16.63 -21.14
CA VAL A 523 -21.96 17.88 -21.33
C VAL A 523 -21.67 18.45 -22.72
N ALA A 524 -20.40 18.59 -23.07
CA ALA A 524 -20.01 19.13 -24.36
C ALA A 524 -20.55 18.29 -25.52
N TRP A 525 -20.56 16.96 -25.38
CA TRP A 525 -21.09 16.08 -26.40
C TRP A 525 -22.57 16.35 -26.65
N CYS A 526 -23.37 16.45 -25.60
CA CYS A 526 -24.78 16.74 -25.72
C CYS A 526 -25.01 18.11 -26.34
N GLU A 527 -24.25 19.12 -25.94
CA GLU A 527 -24.36 20.45 -26.50
C GLU A 527 -24.05 20.45 -27.99
N LEU A 528 -23.05 19.69 -28.43
CA LEU A 528 -22.69 19.58 -29.84
C LEU A 528 -23.79 18.91 -30.63
N GLN A 529 -24.36 17.81 -30.14
CA GLN A 529 -25.45 17.13 -30.82
C GLN A 529 -26.65 18.06 -31.00
N ASN A 530 -27.00 18.83 -29.97
CA ASN A 530 -28.10 19.78 -30.07
C ASN A 530 -27.79 20.90 -31.06
N HIS A 531 -26.56 21.42 -31.04
CA HIS A 531 -26.13 22.51 -31.88
C HIS A 531 -26.15 22.17 -33.37
N GLU A 532 -25.73 20.95 -33.73
CA GLU A 532 -25.71 20.52 -35.11
C GLU A 532 -27.08 20.23 -35.71
N LEU A 533 -28.13 20.10 -34.91
CA LEU A 533 -29.47 19.91 -35.45
C LEU A 533 -29.82 21.02 -36.42
N THR A 534 -29.31 22.23 -36.18
CA THR A 534 -29.52 23.38 -37.03
C THR A 534 -28.94 23.16 -38.43
N LEU A 535 -27.82 22.44 -38.56
CA LEU A 535 -27.23 22.12 -39.84
C LEU A 535 -28.03 21.02 -40.52
N TRP A 536 -28.45 20.00 -39.77
CA TRP A 536 -29.23 18.89 -40.28
C TRP A 536 -30.57 19.33 -40.86
N ASN A 537 -31.33 20.17 -40.14
CA ASN A 537 -32.63 20.58 -40.65
C ASN A 537 -32.53 21.58 -41.79
N GLU A 538 -31.31 22.02 -42.14
CA GLU A 538 -31.05 22.85 -43.29
C GLU A 538 -30.60 22.01 -44.47
N ALA A 539 -29.77 20.98 -44.21
CA ALA A 539 -29.32 20.04 -45.21
C ALA A 539 -30.47 19.23 -45.80
N ARG A 540 -31.48 18.86 -45.01
CA ARG A 540 -32.59 18.09 -45.51
C ARG A 540 -33.38 18.78 -46.61
N LYS A 541 -33.38 20.11 -46.68
CA LYS A 541 -34.08 20.81 -47.75
C LYS A 541 -33.33 20.70 -49.07
N LEU A 542 -32.00 20.57 -49.01
CA LEU A 542 -31.14 20.47 -50.18
C LEU A 542 -31.17 19.08 -50.81
N ASN A 543 -31.16 18.04 -49.99
CA ASN A 543 -31.13 16.67 -50.45
C ASN A 543 -31.86 15.74 -49.49
N PRO A 544 -33.20 15.76 -49.48
CA PRO A 544 -33.95 14.93 -48.56
C PRO A 544 -33.64 13.46 -48.69
N ASN A 545 -33.36 12.92 -49.89
CA ASN A 545 -33.05 11.51 -50.05
C ASN A 545 -31.83 11.09 -49.23
N ALA A 546 -30.74 11.84 -49.32
CA ALA A 546 -29.52 11.51 -48.60
C ALA A 546 -29.67 11.67 -47.10
N ILE A 547 -30.30 12.76 -46.65
CA ILE A 547 -30.45 13.04 -45.24
C ILE A 547 -31.43 12.06 -44.60
N ALA A 548 -32.52 11.71 -45.28
CA ALA A 548 -33.45 10.73 -44.77
C ALA A 548 -32.75 9.38 -44.67
N SER A 549 -32.01 8.95 -45.70
CA SER A 549 -31.31 7.69 -45.66
C SER A 549 -30.29 7.60 -44.54
N ALA A 550 -29.60 8.71 -44.25
CA ALA A 550 -28.60 8.78 -43.19
C ALA A 550 -29.16 8.73 -41.78
N THR A 551 -30.40 9.21 -41.58
CA THR A 551 -31.05 9.28 -40.28
C THR A 551 -32.01 8.11 -40.03
N VAL A 552 -32.75 7.66 -41.03
CA VAL A 552 -33.69 6.55 -40.92
C VAL A 552 -32.95 5.22 -40.79
N GLY A 553 -31.72 5.11 -41.32
CA GLY A 553 -30.89 3.93 -41.20
C GLY A 553 -30.98 2.93 -42.34
N ARG A 554 -31.72 3.24 -43.41
CA ARG A 554 -31.87 2.42 -44.60
C ARG A 554 -32.09 3.33 -45.80
N ARG A 555 -31.79 2.87 -47.01
CA ARG A 555 -31.94 3.66 -48.22
C ARG A 555 -33.41 3.94 -48.50
N VAL A 556 -33.79 5.22 -48.59
CA VAL A 556 -35.15 5.65 -48.85
C VAL A 556 -35.20 6.89 -49.72
N SER A 557 -36.33 7.11 -50.42
CA SER A 557 -36.61 8.35 -51.10
C SER A 557 -37.35 9.22 -50.09
N ALA A 558 -37.23 10.54 -50.22
CA ALA A 558 -37.89 11.47 -49.33
C ALA A 558 -38.26 12.77 -50.01
N ARG A 559 -39.21 13.48 -49.40
CA ARG A 559 -39.75 14.74 -49.89
C ARG A 559 -40.31 15.56 -48.74
N MET A 560 -40.10 16.87 -48.74
CA MET A 560 -40.60 17.73 -47.69
C MET A 560 -42.08 18.05 -47.89
N LEU A 561 -42.92 17.71 -46.92
CA LEU A 561 -44.34 18.04 -46.92
C LEU A 561 -44.54 19.21 -45.97
N GLY A 562 -43.89 20.33 -46.28
CA GLY A 562 -43.91 21.51 -45.43
C GLY A 562 -42.78 21.39 -44.42
N ASP A 563 -43.10 21.12 -43.15
CA ASP A 563 -42.15 21.03 -42.06
C ASP A 563 -41.82 19.62 -41.59
N VAL A 564 -42.37 18.59 -42.24
CA VAL A 564 -42.07 17.20 -41.99
C VAL A 564 -41.59 16.56 -43.28
N MET A 565 -40.98 15.37 -43.17
CA MET A 565 -40.39 14.69 -44.30
C MET A 565 -41.09 13.37 -44.61
N ALA A 566 -41.71 13.25 -45.78
CA ALA A 566 -42.33 12.02 -46.23
C ALA A 566 -41.25 11.07 -46.73
N VAL A 567 -41.37 9.76 -46.48
CA VAL A 567 -40.38 8.78 -46.87
C VAL A 567 -40.98 7.53 -47.49
N SER A 568 -40.20 6.79 -48.26
CA SER A 568 -40.58 5.55 -48.90
C SER A 568 -39.36 4.69 -49.16
N THR A 569 -39.43 3.40 -48.81
CA THR A 569 -38.28 2.51 -48.97
C THR A 569 -37.98 2.19 -50.42
N CYS A 570 -36.71 2.27 -50.80
CA CYS A 570 -36.24 1.97 -52.13
C CYS A 570 -36.05 0.48 -52.34
N VAL A 571 -36.28 -0.01 -53.57
CA VAL A 571 -36.10 -1.41 -53.91
C VAL A 571 -34.69 -1.64 -54.46
N PRO A 572 -33.93 -2.61 -53.95
CA PRO A 572 -32.61 -2.89 -54.46
C PRO A 572 -32.64 -3.46 -55.88
N VAL A 573 -31.53 -3.28 -56.59
CA VAL A 573 -31.30 -3.78 -57.94
C VAL A 573 -29.87 -4.27 -58.00
N ALA A 574 -29.65 -5.52 -58.41
CA ALA A 574 -28.31 -6.07 -58.50
C ALA A 574 -27.48 -5.35 -59.55
N PRO A 575 -26.18 -5.11 -59.31
CA PRO A 575 -25.32 -4.42 -60.24
C PRO A 575 -25.14 -5.12 -61.58
N ASP A 576 -25.46 -6.42 -61.66
CA ASP A 576 -25.39 -7.19 -62.89
C ASP A 576 -26.53 -6.89 -63.85
N ASN A 577 -27.65 -6.37 -63.35
CA ASN A 577 -28.85 -6.08 -64.11
C ASN A 577 -28.96 -4.66 -64.66
N VAL A 578 -27.85 -3.91 -64.75
CA VAL A 578 -27.81 -2.56 -65.25
C VAL A 578 -26.82 -2.40 -66.39
N ILE A 579 -27.14 -1.54 -67.35
CA ILE A 579 -26.35 -1.23 -68.53
C ILE A 579 -26.47 0.26 -68.82
N VAL A 580 -25.34 0.96 -68.92
CA VAL A 580 -25.29 2.38 -69.22
C VAL A 580 -25.22 2.61 -70.72
N GLN A 581 -25.91 3.64 -71.23
CA GLN A 581 -25.89 4.00 -72.63
C GLN A 581 -24.62 4.76 -72.99
N ASN A 582 -24.12 4.60 -74.21
CA ASN A 582 -22.87 5.20 -74.65
C ASN A 582 -22.90 6.70 -74.91
N SER A 583 -24.06 7.36 -74.93
CA SER A 583 -24.17 8.78 -75.21
C SER A 583 -25.25 9.48 -74.40
N MET A 584 -25.00 10.75 -74.10
CA MET A 584 -25.85 11.68 -73.38
C MET A 584 -26.44 12.76 -74.27
N ARG A 585 -26.22 12.73 -75.59
CA ARG A 585 -26.78 13.71 -76.51
C ARG A 585 -28.22 13.37 -76.86
N VAL A 586 -29.12 14.35 -76.86
CA VAL A 586 -30.50 14.15 -77.21
C VAL A 586 -30.66 14.22 -78.73
N SER A 587 -30.65 13.06 -79.39
CA SER A 587 -30.77 12.95 -80.83
C SER A 587 -32.02 13.60 -81.39
N SER A 588 -33.12 13.59 -80.64
CA SER A 588 -34.40 14.18 -80.99
C SER A 588 -34.42 15.70 -81.05
N ARG A 589 -33.47 16.38 -80.42
CA ARG A 589 -33.36 17.83 -80.36
C ARG A 589 -31.92 18.26 -80.13
N PRO A 590 -31.09 18.30 -81.17
CA PRO A 590 -29.70 18.70 -81.10
C PRO A 590 -29.51 20.04 -80.39
N GLY A 591 -28.39 20.16 -79.67
CA GLY A 591 -28.06 21.30 -78.84
C GLY A 591 -28.42 21.10 -77.37
N THR A 592 -29.20 20.06 -77.06
CA THR A 592 -29.58 19.66 -75.72
C THR A 592 -29.03 18.28 -75.39
N CYS A 593 -28.62 18.10 -74.14
CA CYS A 593 -27.97 16.91 -73.62
C CYS A 593 -28.52 16.53 -72.26
N TYR A 594 -28.38 15.25 -71.88
CA TYR A 594 -28.77 14.73 -70.58
C TYR A 594 -27.72 15.09 -69.54
N SER A 595 -28.15 15.60 -68.38
CA SER A 595 -27.28 16.02 -67.31
C SER A 595 -26.51 14.88 -66.67
N ARG A 596 -27.14 13.70 -66.57
CA ARG A 596 -26.60 12.48 -66.03
C ARG A 596 -26.81 11.33 -67.01
N PRO A 597 -25.98 10.28 -66.98
CA PRO A 597 -26.06 9.19 -67.94
C PRO A 597 -27.41 8.48 -68.04
N LEU A 598 -27.75 8.06 -69.26
CA LEU A 598 -28.94 7.26 -69.50
C LEU A 598 -28.59 5.82 -69.13
N VAL A 599 -29.56 5.10 -68.55
CA VAL A 599 -29.36 3.75 -68.09
C VAL A 599 -30.55 2.87 -68.43
N SER A 600 -30.26 1.57 -68.58
CA SER A 600 -31.21 0.51 -68.88
C SER A 600 -31.04 -0.57 -67.82
N PHE A 601 -32.13 -1.09 -67.25
CA PHE A 601 -32.05 -2.08 -66.19
C PHE A 601 -33.28 -2.97 -66.08
N ARG A 602 -33.18 -4.01 -65.27
CA ARG A 602 -34.27 -4.94 -64.98
C ARG A 602 -34.31 -5.28 -63.50
N TYR A 603 -35.51 -5.39 -62.92
CA TYR A 603 -35.68 -5.67 -61.50
C TYR A 603 -35.22 -7.06 -61.11
N GLU A 604 -35.38 -8.06 -61.99
CA GLU A 604 -35.01 -9.45 -61.80
C GLU A 604 -34.07 -9.90 -62.91
N ASP A 605 -33.29 -10.96 -62.68
CA ASP A 605 -32.31 -11.50 -63.59
C ASP A 605 -32.82 -11.85 -64.99
N GLN A 606 -34.14 -12.03 -65.11
CA GLN A 606 -34.88 -12.29 -66.32
C GLN A 606 -36.22 -11.60 -66.18
N GLY A 607 -36.56 -10.75 -67.16
CA GLY A 607 -37.78 -9.96 -67.18
C GLY A 607 -37.67 -8.78 -68.12
N PRO A 608 -38.67 -7.87 -68.12
CA PRO A 608 -38.69 -6.71 -68.98
C PRO A 608 -37.53 -5.76 -68.67
N LEU A 609 -37.10 -5.02 -69.69
CA LEU A 609 -36.02 -4.06 -69.61
C LEU A 609 -36.58 -2.64 -69.57
N ILE A 610 -36.27 -1.90 -68.51
CA ILE A 610 -36.73 -0.56 -68.23
C ILE A 610 -35.67 0.49 -68.55
N GLU A 611 -36.09 1.57 -69.21
CA GLU A 611 -35.24 2.70 -69.56
C GLU A 611 -35.40 3.82 -68.55
N GLY A 612 -34.28 4.31 -68.01
CA GLY A 612 -34.24 5.37 -67.02
C GLY A 612 -32.99 6.24 -67.10
N GLN A 613 -32.72 7.01 -66.05
CA GLN A 613 -31.58 7.89 -65.95
C GLN A 613 -30.88 7.71 -64.60
N LEU A 614 -29.55 7.77 -64.62
CA LEU A 614 -28.73 7.62 -63.43
C LEU A 614 -28.90 8.82 -62.50
N GLY A 615 -29.22 8.58 -61.23
CA GLY A 615 -29.37 9.58 -60.21
C GLY A 615 -28.13 9.64 -59.32
N GLU A 616 -28.24 10.32 -58.18
CA GLU A 616 -27.15 10.44 -57.23
C GLU A 616 -26.93 9.12 -56.48
N ASN A 617 -25.68 8.74 -56.27
CA ASN A 617 -25.31 7.57 -55.48
C ASN A 617 -26.06 6.28 -55.82
N ASN A 618 -25.91 5.77 -57.04
CA ASN A 618 -26.53 4.54 -57.51
C ASN A 618 -28.05 4.52 -57.55
N GLU A 619 -28.68 5.71 -57.55
CA GLU A 619 -30.11 5.86 -57.73
C GLU A 619 -30.46 5.62 -59.19
N LEU A 620 -31.57 4.94 -59.48
CA LEU A 620 -32.06 4.69 -60.82
C LEU A 620 -33.42 5.35 -60.97
N ARG A 621 -33.49 6.46 -61.71
CA ARG A 621 -34.73 7.19 -61.93
C ARG A 621 -35.50 6.63 -63.12
N LEU A 622 -36.82 6.50 -62.97
CA LEU A 622 -37.73 5.98 -63.98
C LEU A 622 -38.15 7.03 -65.01
N THR A 623 -37.35 8.06 -65.25
CA THR A 623 -37.65 9.14 -66.17
C THR A 623 -36.37 9.78 -66.68
N ARG A 624 -36.33 10.17 -67.96
CA ARG A 624 -35.22 10.81 -68.61
C ARG A 624 -35.50 12.30 -68.79
N ASP A 625 -35.57 13.03 -67.68
CA ASP A 625 -35.90 14.44 -67.64
C ASP A 625 -34.76 15.37 -67.25
N ALA A 626 -33.64 14.90 -66.72
CA ALA A 626 -32.53 15.76 -66.36
C ALA A 626 -31.77 16.14 -67.62
N LEU A 627 -32.00 17.37 -68.08
CA LEU A 627 -31.47 17.96 -69.30
C LEU A 627 -30.76 19.28 -69.09
N GLU A 628 -29.86 19.60 -70.02
CA GLU A 628 -29.06 20.80 -70.07
C GLU A 628 -28.63 21.16 -71.48
N PRO A 629 -28.20 22.39 -71.77
CA PRO A 629 -27.67 22.75 -73.06
C PRO A 629 -26.29 22.13 -73.22
N CYS A 630 -25.96 21.54 -74.37
CA CYS A 630 -24.67 20.94 -74.59
C CYS A 630 -23.58 22.00 -74.64
N THR A 631 -22.49 21.82 -73.89
CA THR A 631 -21.37 22.75 -73.84
C THR A 631 -20.04 22.06 -74.11
N VAL A 632 -19.15 22.73 -74.86
CA VAL A 632 -17.82 22.23 -75.17
C VAL A 632 -16.96 22.10 -73.92
N GLY A 633 -16.03 21.15 -73.90
CA GLY A 633 -15.14 20.88 -72.78
C GLY A 633 -15.79 20.06 -71.68
N HIS A 634 -16.94 19.43 -71.95
CA HIS A 634 -17.67 18.59 -71.01
C HIS A 634 -16.86 17.38 -70.58
N ARG A 635 -16.67 17.23 -69.27
CA ARG A 635 -15.98 16.14 -68.60
C ARG A 635 -16.75 15.84 -67.32
N ARG A 636 -17.07 14.57 -67.04
CA ARG A 636 -17.84 14.20 -65.87
C ARG A 636 -17.50 12.79 -65.37
N TYR A 637 -17.62 12.59 -64.06
CA TYR A 637 -17.46 11.32 -63.38
C TYR A 637 -18.75 11.09 -62.60
N PHE A 638 -19.42 9.95 -62.77
CA PHE A 638 -20.64 9.65 -62.05
C PHE A 638 -20.46 8.37 -61.24
N ILE A 639 -21.03 8.28 -60.04
CA ILE A 639 -20.93 7.09 -59.22
C ILE A 639 -21.67 5.96 -59.94
N PHE A 640 -20.99 4.82 -60.09
CA PHE A 640 -21.51 3.66 -60.78
C PHE A 640 -21.02 2.41 -60.06
N GLY A 641 -21.93 1.73 -59.34
CA GLY A 641 -21.60 0.58 -58.53
C GLY A 641 -20.60 1.00 -57.45
N GLY A 642 -19.53 0.22 -57.25
CA GLY A 642 -18.49 0.52 -56.29
C GLY A 642 -17.38 1.42 -56.83
N GLY A 643 -17.60 2.08 -57.98
CA GLY A 643 -16.64 2.95 -58.61
C GLY A 643 -17.31 4.12 -59.32
N TYR A 644 -16.69 4.59 -60.41
CA TYR A 644 -17.17 5.69 -61.22
C TYR A 644 -17.20 5.35 -62.69
N VAL A 645 -17.97 6.12 -63.46
CA VAL A 645 -18.02 6.04 -64.92
C VAL A 645 -17.71 7.42 -65.47
N TYR A 646 -16.65 7.51 -66.29
CA TYR A 646 -16.17 8.74 -66.89
C TYR A 646 -16.79 9.00 -68.26
N PHE A 647 -17.10 10.27 -68.54
CA PHE A 647 -17.69 10.75 -69.77
C PHE A 647 -16.97 12.00 -70.26
N GLU A 648 -16.89 12.17 -71.59
CA GLU A 648 -16.28 13.29 -72.27
C GLU A 648 -17.12 13.69 -73.47
N GLU A 649 -17.37 14.99 -73.64
CA GLU A 649 -18.14 15.53 -74.74
C GLU A 649 -19.46 14.80 -74.96
N TYR A 650 -20.15 14.51 -73.85
CA TYR A 650 -21.42 13.80 -73.79
C TYR A 650 -21.39 12.36 -74.26
N ALA A 651 -20.21 11.73 -74.33
CA ALA A 651 -20.01 10.36 -74.74
C ALA A 651 -19.24 9.56 -73.69
N TYR A 652 -19.57 8.28 -73.55
CA TYR A 652 -18.94 7.37 -72.62
C TYR A 652 -17.44 7.25 -72.88
N SER A 653 -16.64 7.05 -71.84
CA SER A 653 -15.21 6.85 -71.94
C SER A 653 -14.76 5.55 -71.31
N HIS A 654 -14.82 5.41 -69.98
CA HIS A 654 -14.41 4.21 -69.27
C HIS A 654 -14.85 4.22 -67.81
N GLN A 655 -14.90 3.04 -67.19
CA GLN A 655 -15.17 2.89 -65.78
C GLN A 655 -13.87 2.97 -64.99
N LEU A 656 -13.97 3.36 -63.73
CA LEU A 656 -12.89 3.53 -62.77
C LEU A 656 -13.28 2.97 -61.41
N SER A 657 -12.28 2.59 -60.61
CA SER A 657 -12.47 2.15 -59.23
C SER A 657 -12.23 3.36 -58.33
N ARG A 658 -12.74 3.36 -57.09
CA ARG A 658 -12.50 4.48 -56.21
C ARG A 658 -11.01 4.70 -55.95
N ALA A 659 -10.19 3.65 -55.90
CA ALA A 659 -8.77 3.76 -55.68
C ALA A 659 -8.03 4.58 -56.75
N ASP A 660 -8.61 4.74 -57.93
CA ASP A 660 -8.03 5.50 -59.03
C ASP A 660 -8.12 7.01 -58.86
N VAL A 661 -8.95 7.50 -57.92
CA VAL A 661 -9.17 8.90 -57.65
C VAL A 661 -8.51 9.32 -56.34
N THR A 662 -7.92 10.52 -56.29
CA THR A 662 -7.28 11.05 -55.11
C THR A 662 -8.28 11.24 -53.98
N THR A 663 -7.99 10.73 -52.79
CA THR A 663 -8.88 10.82 -51.65
C THR A 663 -8.43 11.86 -50.62
N VAL A 664 -9.36 12.69 -50.15
CA VAL A 664 -9.16 13.64 -49.07
C VAL A 664 -10.15 13.31 -47.98
N SER A 665 -9.81 13.55 -46.71
CA SER A 665 -10.68 13.19 -45.61
C SER A 665 -11.37 14.36 -44.94
N THR A 666 -12.67 14.20 -44.67
CA THR A 666 -13.48 15.13 -43.88
C THR A 666 -13.48 14.71 -42.42
N PHE A 667 -12.81 13.62 -42.05
CA PHE A 667 -12.79 13.10 -40.69
C PHE A 667 -11.64 13.68 -39.86
N ILE A 668 -11.94 14.02 -38.60
CA ILE A 668 -10.95 14.47 -37.63
C ILE A 668 -10.50 13.21 -36.91
N ASP A 669 -9.19 12.92 -36.91
CA ASP A 669 -8.65 11.75 -36.26
C ASP A 669 -8.57 11.89 -34.75
N LEU A 670 -8.78 10.77 -34.04
CA LEU A 670 -8.69 10.67 -32.60
C LEU A 670 -8.15 9.28 -32.29
N ASN A 671 -6.89 9.20 -31.88
CA ASN A 671 -6.24 7.94 -31.60
C ASN A 671 -6.22 7.61 -30.12
N ILE A 672 -7.31 7.03 -29.61
CA ILE A 672 -7.41 6.59 -28.23
C ILE A 672 -6.90 5.16 -28.12
N THR A 673 -6.08 4.87 -27.11
CA THR A 673 -5.54 3.56 -26.83
C THR A 673 -5.83 3.15 -25.39
N MET A 674 -6.10 1.86 -25.18
CA MET A 674 -6.44 1.32 -23.87
C MET A 674 -5.24 1.29 -22.93
N LEU A 675 -5.50 1.45 -21.63
CA LEU A 675 -4.51 1.32 -20.58
C LEU A 675 -4.29 -0.18 -20.42
N GLU A 676 -3.04 -0.64 -20.63
CA GLU A 676 -2.71 -2.05 -20.58
C GLU A 676 -2.74 -2.66 -19.19
N ASP A 677 -2.87 -3.99 -19.14
CA ASP A 677 -2.85 -4.72 -17.89
C ASP A 677 -1.49 -4.60 -17.22
N HIS A 678 -1.48 -4.68 -15.88
CA HIS A 678 -0.26 -4.57 -15.10
C HIS A 678 -0.34 -5.54 -13.93
N GLU A 679 0.73 -6.29 -13.64
CA GLU A 679 0.76 -7.23 -12.54
C GLU A 679 1.65 -6.73 -11.41
N PHE A 680 1.08 -6.60 -10.21
CA PHE A 680 1.83 -6.21 -9.03
C PHE A 680 2.33 -7.45 -8.33
N VAL A 681 3.66 -7.62 -8.21
CA VAL A 681 4.25 -8.73 -7.50
C VAL A 681 4.36 -8.43 -6.02
N PRO A 682 4.42 -9.42 -5.13
CA PRO A 682 4.65 -9.18 -3.72
C PRO A 682 6.02 -8.56 -3.52
N LEU A 683 6.13 -7.54 -2.66
CA LEU A 683 7.38 -6.85 -2.42
C LEU A 683 7.47 -6.37 -0.98
N GLU A 684 8.56 -6.68 -0.28
CA GLU A 684 8.80 -6.31 1.10
C GLU A 684 10.23 -5.80 1.25
N VAL A 685 10.45 -4.78 2.08
CA VAL A 685 11.79 -4.29 2.34
C VAL A 685 12.52 -5.29 3.21
N TYR A 686 11.86 -5.74 4.30
CA TYR A 686 12.37 -6.74 5.22
C TYR A 686 11.26 -7.75 5.49
N THR A 687 11.52 -9.03 5.24
CA THR A 687 10.58 -10.08 5.56
C THR A 687 10.48 -10.25 7.06
N ARG A 688 9.42 -10.85 7.59
CA ARG A 688 9.33 -11.05 9.03
C ARG A 688 10.45 -11.94 9.56
N HIS A 689 11.05 -12.80 8.73
CA HIS A 689 12.18 -13.61 9.12
C HIS A 689 13.40 -12.74 9.35
N GLU A 690 13.66 -11.75 8.48
CA GLU A 690 14.75 -10.82 8.67
C GLU A 690 14.55 -9.96 9.91
N ILE A 691 13.30 -9.58 10.21
CA ILE A 691 13.01 -8.81 11.41
C ILE A 691 13.27 -9.66 12.64
N LYS A 692 12.89 -10.94 12.65
CA LYS A 692 13.13 -11.80 13.79
C LYS A 692 14.62 -12.03 14.00
N ASP A 693 15.36 -12.18 12.90
CA ASP A 693 16.79 -12.42 12.85
C ASP A 693 17.66 -11.22 13.21
N SER A 694 17.16 -9.99 13.13
CA SER A 694 17.93 -8.80 13.42
C SER A 694 18.30 -8.64 14.89
N GLY A 695 17.66 -9.38 15.80
CA GLY A 695 17.99 -9.37 17.21
C GLY A 695 19.28 -10.13 17.44
N LEU A 696 20.18 -9.61 18.29
CA LEU A 696 21.46 -10.24 18.54
C LEU A 696 21.33 -11.60 19.21
N LEU A 697 20.51 -11.73 20.26
CA LEU A 697 20.21 -12.98 20.93
C LEU A 697 18.73 -13.28 20.87
N ASP A 698 18.37 -14.56 20.66
CA ASP A 698 17.00 -15.03 20.68
C ASP A 698 16.83 -15.85 21.95
N TYR A 699 16.02 -15.37 22.90
CA TYR A 699 15.80 -16.05 24.16
C TYR A 699 15.36 -17.50 23.99
N THR A 700 14.48 -17.79 23.03
CA THR A 700 14.01 -19.13 22.79
C THR A 700 15.14 -20.06 22.38
N GLU A 701 16.01 -19.64 21.46
CA GLU A 701 17.10 -20.46 21.00
C GLU A 701 18.17 -20.66 22.06
N VAL A 702 18.47 -19.62 22.85
CA VAL A 702 19.44 -19.75 23.92
C VAL A 702 18.94 -20.74 24.95
N GLN A 703 17.67 -20.64 25.37
CA GLN A 703 17.09 -21.55 26.33
C GLN A 703 17.01 -22.97 25.80
N ARG A 704 16.58 -23.18 24.56
CA ARG A 704 16.48 -24.51 23.98
C ARG A 704 17.84 -25.20 24.01
N ARG A 705 18.89 -24.47 23.65
CA ARG A 705 20.26 -24.96 23.60
C ARG A 705 20.82 -25.24 24.99
N ASN A 706 20.64 -24.32 25.93
CA ASN A 706 21.18 -24.48 27.28
C ASN A 706 20.50 -25.59 28.05
N GLN A 707 19.21 -25.83 27.83
CA GLN A 707 18.50 -26.89 28.54
C GLN A 707 18.79 -28.28 27.99
N LEU A 708 19.41 -28.39 26.81
CA LEU A 708 19.85 -29.65 26.23
C LEU A 708 21.22 -30.07 26.78
N HIS A 709 21.91 -29.24 27.56
CA HIS A 709 23.23 -29.52 28.05
C HIS A 709 23.39 -30.89 28.71
N ASP A 710 22.50 -31.25 29.65
CA ASP A 710 22.61 -32.54 30.30
C ASP A 710 22.31 -33.71 29.38
N LEU A 711 21.38 -33.56 28.43
CA LEU A 711 21.06 -34.60 27.49
C LEU A 711 22.20 -34.85 26.50
N ARG A 712 23.05 -33.85 26.25
CA ARG A 712 24.18 -33.94 25.34
C ARG A 712 25.48 -34.37 26.02
N PHE A 713 25.85 -33.73 27.13
CA PHE A 713 27.11 -33.91 27.82
C PHE A 713 27.08 -34.70 29.13
N ALA A 714 25.93 -35.18 29.60
CA ALA A 714 25.84 -35.93 30.83
C ALA A 714 24.97 -37.17 30.65
N ASP A 715 24.65 -37.85 31.75
CA ASP A 715 23.78 -39.00 31.78
C ASP A 715 22.77 -38.75 32.89
N ILE A 716 21.52 -38.49 32.53
CA ILE A 716 20.47 -38.18 33.48
C ILE A 716 19.79 -39.42 34.07
N ASP A 717 20.18 -40.63 33.69
CA ASP A 717 19.50 -41.83 34.13
C ASP A 717 20.32 -42.80 34.97
N THR A 718 21.62 -42.96 34.73
CA THR A 718 22.44 -43.89 35.49
C THR A 718 22.53 -43.51 36.96
N VAL A 719 22.41 -44.50 37.86
CA VAL A 719 22.54 -44.34 39.29
C VAL A 719 23.68 -45.22 39.78
N ILE A 720 24.46 -44.72 40.74
CA ILE A 720 25.63 -45.39 41.28
C ILE A 720 25.49 -45.64 42.78
N ASN B 103 -5.63 45.51 -40.68
CA ASN B 103 -6.00 45.54 -42.11
C ASN B 103 -4.75 45.46 -42.98
N ALA B 104 -4.88 44.98 -44.22
CA ALA B 104 -3.80 44.77 -45.15
C ALA B 104 -2.68 43.90 -44.58
N ASP B 105 -3.07 42.88 -43.81
CA ASP B 105 -2.29 41.97 -43.02
C ASP B 105 -2.62 40.49 -43.21
N ALA B 106 -3.22 40.12 -44.34
CA ALA B 106 -3.59 38.78 -44.73
C ALA B 106 -3.52 38.62 -46.24
N GLN B 107 -3.15 37.43 -46.72
CA GLN B 107 -2.99 37.18 -48.14
C GLN B 107 -4.28 37.19 -48.95
N PHE B 108 -4.17 37.66 -50.20
CA PHE B 108 -5.22 37.60 -51.20
C PHE B 108 -4.87 36.44 -52.13
N TYR B 109 -5.84 35.95 -52.92
CA TYR B 109 -5.62 34.82 -53.80
C TYR B 109 -6.33 34.96 -55.13
N VAL B 110 -5.61 34.72 -56.23
CA VAL B 110 -6.19 34.67 -57.56
C VAL B 110 -6.36 33.18 -57.86
N CYS B 111 -7.60 32.79 -58.17
CA CYS B 111 -7.92 31.40 -58.41
C CYS B 111 -8.28 31.11 -59.86
N PRO B 112 -7.46 30.35 -60.59
CA PRO B 112 -7.76 30.00 -61.96
C PRO B 112 -8.90 28.98 -62.03
N PRO B 113 -9.69 28.94 -63.11
CA PRO B 113 -10.77 27.98 -63.26
C PRO B 113 -10.23 26.56 -63.26
N PRO B 114 -10.75 25.65 -62.44
CA PRO B 114 -10.29 24.26 -62.41
C PRO B 114 -10.62 23.52 -63.70
N THR B 115 -9.88 22.44 -63.92
CA THR B 115 -10.02 21.52 -65.04
C THR B 115 -9.78 20.10 -64.55
N GLY B 116 -10.24 19.09 -65.29
CA GLY B 116 -10.13 17.69 -64.94
C GLY B 116 -8.72 17.12 -64.72
N ALA B 117 -7.69 17.95 -64.80
CA ALA B 117 -6.30 17.57 -64.58
C ALA B 117 -6.04 17.04 -63.18
N THR B 118 -6.86 17.42 -62.19
CA THR B 118 -6.77 16.96 -60.81
C THR B 118 -8.16 16.92 -60.20
N VAL B 119 -8.60 15.74 -59.77
CA VAL B 119 -9.89 15.53 -59.14
C VAL B 119 -9.74 14.79 -57.82
N VAL B 120 -10.64 15.07 -56.87
CA VAL B 120 -10.65 14.47 -55.55
C VAL B 120 -12.03 13.98 -55.16
N GLN B 121 -12.04 13.04 -54.21
CA GLN B 121 -13.22 12.45 -53.60
C GLN B 121 -13.06 12.47 -52.09
N PHE B 122 -14.16 12.42 -51.34
CA PHE B 122 -14.09 12.31 -49.90
C PHE B 122 -13.94 10.86 -49.47
N GLU B 123 -13.17 10.63 -48.41
CA GLU B 123 -13.00 9.31 -47.82
C GLU B 123 -14.37 8.77 -47.40
N GLN B 124 -14.71 7.53 -47.73
CA GLN B 124 -15.97 6.92 -47.36
C GLN B 124 -16.00 6.51 -45.89
N PRO B 125 -17.17 6.31 -45.28
CA PRO B 125 -17.30 5.98 -43.88
C PRO B 125 -16.40 4.85 -43.41
N ARG B 126 -15.69 5.06 -42.30
CA ARG B 126 -14.79 4.09 -41.70
C ARG B 126 -15.57 3.06 -40.89
N ARG B 127 -15.06 1.83 -40.76
CA ARG B 127 -15.70 0.84 -39.92
C ARG B 127 -15.38 1.20 -38.49
N CYS B 128 -16.39 1.54 -37.69
CA CYS B 128 -16.15 1.93 -36.31
C CYS B 128 -15.75 0.77 -35.42
N PRO B 129 -14.90 0.99 -34.42
CA PRO B 129 -14.51 -0.06 -33.49
C PRO B 129 -15.73 -0.54 -32.72
N THR B 130 -15.68 -1.76 -32.20
CA THR B 130 -16.76 -2.33 -31.41
C THR B 130 -16.44 -2.19 -29.92
N ARG B 131 -17.47 -1.99 -29.10
CA ARG B 131 -17.35 -1.93 -27.65
C ARG B 131 -16.86 -3.31 -27.23
N PRO B 132 -15.66 -3.47 -26.66
CA PRO B 132 -15.15 -4.78 -26.30
C PRO B 132 -16.08 -5.55 -25.37
N GLU B 133 -16.12 -6.87 -25.52
CA GLU B 133 -16.95 -7.73 -24.69
C GLU B 133 -16.52 -7.66 -23.24
N GLY B 134 -17.46 -7.46 -22.32
CA GLY B 134 -17.20 -7.38 -20.90
C GLY B 134 -16.66 -8.68 -20.31
N GLN B 135 -15.81 -8.59 -19.29
CA GLN B 135 -15.24 -9.75 -18.64
C GLN B 135 -16.31 -10.57 -17.94
N ASN B 136 -16.36 -11.88 -18.17
CA ASN B 136 -17.29 -12.77 -17.49
C ASN B 136 -16.76 -13.09 -16.10
N TYR B 137 -17.63 -13.04 -15.10
CA TYR B 137 -17.32 -13.34 -13.72
C TYR B 137 -18.18 -14.47 -13.18
N THR B 138 -17.54 -15.47 -12.58
CA THR B 138 -18.24 -16.52 -11.87
C THR B 138 -18.46 -15.97 -10.46
N GLU B 139 -19.69 -16.03 -9.93
CA GLU B 139 -19.92 -15.62 -8.56
C GLU B 139 -19.55 -16.77 -7.63
N GLY B 140 -19.15 -16.47 -6.39
CA GLY B 140 -18.79 -17.52 -5.46
C GLY B 140 -18.52 -17.01 -4.05
N ILE B 141 -18.37 -17.96 -3.14
CA ILE B 141 -18.04 -17.74 -1.74
C ILE B 141 -16.61 -18.23 -1.59
N ALA B 142 -15.78 -17.54 -0.80
CA ALA B 142 -14.40 -17.94 -0.61
C ALA B 142 -13.94 -17.82 0.84
N VAL B 143 -12.92 -18.62 1.17
CA VAL B 143 -12.25 -18.59 2.46
C VAL B 143 -10.77 -18.55 2.13
N VAL B 144 -10.07 -17.50 2.59
CA VAL B 144 -8.66 -17.32 2.33
C VAL B 144 -7.87 -17.76 3.55
N PHE B 145 -6.88 -18.62 3.35
CA PHE B 145 -6.01 -19.13 4.40
C PHE B 145 -4.59 -18.59 4.21
N LYS B 146 -3.91 -18.33 5.32
CA LYS B 146 -2.54 -17.86 5.39
C LYS B 146 -1.69 -18.87 6.15
N GLU B 147 -0.37 -18.83 5.98
CA GLU B 147 0.55 -19.68 6.72
C GLU B 147 0.36 -19.46 8.21
N ASN B 148 0.26 -20.53 8.99
CA ASN B 148 0.09 -20.42 10.43
C ASN B 148 1.41 -20.09 11.12
N ILE B 149 1.44 -19.01 11.89
CA ILE B 149 2.60 -18.60 12.65
C ILE B 149 2.39 -18.75 14.16
N ALA B 150 1.17 -19.01 14.63
CA ALA B 150 0.87 -19.15 16.02
C ALA B 150 1.27 -20.52 16.56
N PRO B 151 1.87 -20.62 17.75
CA PRO B 151 2.19 -21.91 18.33
C PRO B 151 0.94 -22.67 18.72
N TYR B 152 1.03 -24.00 18.83
CA TYR B 152 -0.02 -24.84 19.36
C TYR B 152 -0.01 -24.60 20.87
N LYS B 153 -1.18 -24.34 21.47
CA LYS B 153 -1.31 -24.04 22.89
C LYS B 153 -2.16 -25.07 23.60
N PHE B 154 -1.75 -25.50 24.79
CA PHE B 154 -2.48 -26.47 25.58
C PHE B 154 -2.20 -26.28 27.06
N LYS B 155 -3.06 -26.81 27.94
CA LYS B 155 -2.88 -26.70 29.38
C LYS B 155 -2.05 -27.88 29.88
N ALA B 156 -1.15 -27.63 30.83
CA ALA B 156 -0.33 -28.64 31.46
C ALA B 156 -0.22 -28.35 32.95
N THR B 157 0.20 -29.34 33.75
CA THR B 157 0.39 -29.18 35.18
C THR B 157 1.77 -29.66 35.59
N MET B 158 2.53 -28.84 36.32
CA MET B 158 3.84 -29.20 36.82
C MET B 158 3.73 -29.66 38.27
N TYR B 159 4.50 -30.68 38.64
CA TYR B 159 4.58 -31.24 39.98
C TYR B 159 6.06 -31.35 40.34
N TYR B 160 6.52 -30.58 41.31
CA TYR B 160 7.91 -30.63 41.74
C TYR B 160 8.02 -30.23 43.21
N LYS B 161 9.14 -30.56 43.85
CA LYS B 161 9.40 -30.19 45.23
C LYS B 161 10.58 -29.23 45.25
N ASP B 162 10.40 -28.06 45.85
CA ASP B 162 11.47 -27.09 46.07
C ASP B 162 12.25 -27.60 47.28
N VAL B 163 13.43 -28.18 47.04
CA VAL B 163 14.30 -28.68 48.09
C VAL B 163 15.33 -27.60 48.39
N THR B 164 15.46 -27.19 49.65
CA THR B 164 16.42 -26.17 50.05
C THR B 164 17.21 -26.65 51.25
N VAL B 165 18.54 -26.64 51.16
CA VAL B 165 19.41 -26.98 52.27
C VAL B 165 20.25 -25.75 52.61
N SER B 166 19.99 -25.13 53.75
CA SER B 166 20.76 -23.98 54.19
C SER B 166 21.81 -24.43 55.20
N GLN B 167 22.97 -23.76 55.16
CA GLN B 167 24.06 -23.99 56.08
C GLN B 167 24.26 -22.68 56.84
N VAL B 168 24.13 -22.70 58.16
CA VAL B 168 24.22 -21.51 58.99
C VAL B 168 25.38 -21.61 59.96
N TRP B 169 26.11 -20.50 60.13
CA TRP B 169 27.18 -20.34 61.09
C TRP B 169 26.63 -19.50 62.25
N PHE B 170 26.84 -19.94 63.49
CA PHE B 170 26.36 -19.22 64.66
C PHE B 170 27.49 -18.52 65.40
N GLY B 171 27.84 -17.31 64.94
CA GLY B 171 28.86 -16.49 65.59
C GLY B 171 28.32 -15.86 66.87
N HIS B 172 29.18 -15.17 67.62
CA HIS B 172 28.75 -14.52 68.84
C HIS B 172 27.83 -13.34 68.52
N ARG B 173 26.57 -13.43 68.95
CA ARG B 173 25.50 -12.45 68.75
C ARG B 173 25.04 -12.22 67.33
N TYR B 174 25.42 -13.05 66.35
CA TYR B 174 24.95 -12.95 64.98
C TYR B 174 24.96 -14.31 64.30
N SER B 175 24.10 -14.51 63.30
CA SER B 175 24.01 -15.73 62.51
C SER B 175 24.29 -15.38 61.06
N GLN B 176 24.89 -16.30 60.29
CA GLN B 176 25.20 -16.04 58.90
C GLN B 176 25.04 -17.26 58.01
N PHE B 177 24.42 -17.11 56.84
CA PHE B 177 24.33 -18.20 55.89
C PHE B 177 25.68 -18.41 55.23
N MET B 178 26.23 -19.62 55.34
CA MET B 178 27.47 -20.00 54.67
C MET B 178 27.17 -20.52 53.27
N GLY B 179 25.94 -20.96 53.02
CA GLY B 179 25.49 -21.48 51.74
C GLY B 179 24.01 -21.81 51.79
N ILE B 180 23.34 -21.76 50.63
CA ILE B 180 21.95 -22.11 50.48
C ILE B 180 21.86 -22.87 49.16
N PHE B 181 21.75 -24.21 49.26
CA PHE B 181 21.61 -25.06 48.09
C PHE B 181 20.14 -25.17 47.75
N GLU B 182 19.75 -24.79 46.53
CA GLU B 182 18.38 -24.84 46.07
C GLU B 182 18.26 -25.79 44.89
N ASP B 183 17.27 -26.69 44.90
CA ASP B 183 17.06 -27.65 43.84
C ASP B 183 15.57 -27.92 43.64
N ARG B 184 15.17 -28.29 42.42
CA ARG B 184 13.81 -28.69 42.10
C ARG B 184 13.86 -30.18 41.84
N ALA B 185 13.04 -30.96 42.56
CA ALA B 185 12.98 -32.40 42.42
C ALA B 185 11.65 -32.83 41.80
N PRO B 186 11.62 -33.77 40.86
CA PRO B 186 10.36 -34.24 40.31
C PRO B 186 9.58 -35.07 41.31
N VAL B 187 8.25 -35.02 41.22
CA VAL B 187 7.36 -35.84 42.02
C VAL B 187 7.14 -37.16 41.28
N PRO B 188 7.34 -38.33 41.87
CA PRO B 188 7.15 -39.60 41.18
C PRO B 188 5.72 -39.85 40.74
N PHE B 189 5.50 -40.70 39.74
CA PHE B 189 4.16 -41.01 39.27
C PHE B 189 3.26 -41.57 40.37
N GLU B 190 3.77 -42.47 41.21
CA GLU B 190 2.98 -43.05 42.27
C GLU B 190 2.43 -41.95 43.18
N GLU B 191 3.21 -40.91 43.46
CA GLU B 191 2.79 -39.81 44.31
C GLU B 191 1.82 -38.88 43.59
N VAL B 192 2.03 -38.58 42.31
CA VAL B 192 1.10 -37.73 41.58
C VAL B 192 -0.27 -38.40 41.50
N ILE B 193 -0.33 -39.70 41.24
CA ILE B 193 -1.59 -40.42 41.11
C ILE B 193 -2.21 -40.78 42.45
N ASP B 194 -1.49 -41.44 43.35
CA ASP B 194 -2.01 -41.95 44.60
C ASP B 194 -2.05 -40.97 45.77
N LYS B 195 -1.33 -39.85 45.74
CA LYS B 195 -1.35 -38.88 46.83
C LYS B 195 -1.94 -37.56 46.37
N ILE B 196 -1.38 -36.95 45.32
CA ILE B 196 -1.84 -35.65 44.89
C ILE B 196 -3.22 -35.72 44.25
N ASN B 197 -3.40 -36.49 43.17
CA ASN B 197 -4.70 -36.55 42.53
C ASN B 197 -5.75 -37.29 43.36
N ALA B 198 -5.37 -38.30 44.14
CA ALA B 198 -6.33 -39.03 44.93
C ALA B 198 -6.80 -38.33 46.21
N LYS B 199 -5.89 -37.66 46.93
CA LYS B 199 -6.16 -37.10 48.24
C LYS B 199 -5.75 -35.65 48.47
N GLY B 200 -5.03 -35.02 47.54
CA GLY B 200 -4.60 -33.64 47.69
C GLY B 200 -3.47 -33.43 48.69
N VAL B 201 -2.57 -34.41 48.85
CA VAL B 201 -1.45 -34.36 49.76
C VAL B 201 -0.15 -34.78 49.07
N CYS B 202 1.00 -34.42 49.62
CA CYS B 202 2.30 -34.86 49.17
C CYS B 202 3.09 -35.42 50.33
N ARG B 203 4.04 -36.33 50.09
CA ARG B 203 4.94 -36.80 51.12
C ARG B 203 5.86 -35.63 51.49
N SER B 204 6.22 -35.46 52.76
CA SER B 204 7.12 -34.43 53.20
C SER B 204 8.58 -34.70 52.84
N THR B 205 8.86 -35.77 52.10
CA THR B 205 10.18 -36.15 51.63
C THR B 205 10.31 -36.02 50.12
N ALA B 206 11.54 -35.87 49.63
CA ALA B 206 11.84 -35.81 48.22
C ALA B 206 12.94 -36.85 47.96
N LYS B 207 12.64 -37.89 47.19
CA LYS B 207 13.59 -38.93 46.82
C LYS B 207 13.70 -38.93 45.31
N TYR B 208 14.88 -38.60 44.79
CA TYR B 208 15.09 -38.43 43.37
C TYR B 208 16.56 -38.62 42.97
N VAL B 209 16.80 -38.74 41.67
CA VAL B 209 18.15 -38.90 41.13
C VAL B 209 18.68 -37.56 40.65
N ARG B 210 19.87 -37.19 41.14
CA ARG B 210 20.57 -35.96 40.79
C ARG B 210 22.05 -36.32 40.69
N ASN B 211 22.75 -35.84 39.66
CA ASN B 211 24.17 -36.10 39.48
C ASN B 211 24.54 -37.57 39.65
N ASN B 212 23.78 -38.49 39.06
CA ASN B 212 24.01 -39.92 39.13
C ASN B 212 23.95 -40.55 40.51
N MET B 213 23.30 -39.90 41.48
CA MET B 213 23.14 -40.40 42.84
C MET B 213 21.69 -40.28 43.26
N GLU B 214 21.17 -41.26 44.01
CA GLU B 214 19.83 -41.16 44.55
C GLU B 214 19.90 -40.39 45.86
N THR B 215 19.40 -39.15 45.87
CA THR B 215 19.39 -38.28 47.02
C THR B 215 18.01 -38.27 47.67
N THR B 216 17.96 -38.14 49.00
CA THR B 216 16.73 -38.11 49.76
C THR B 216 16.75 -36.92 50.71
N ALA B 217 15.70 -36.10 50.73
CA ALA B 217 15.57 -34.96 51.60
C ALA B 217 14.29 -35.07 52.43
N PHE B 218 14.33 -34.64 53.69
CA PHE B 218 13.20 -34.69 54.60
C PHE B 218 12.87 -33.29 55.10
N HIS B 219 11.62 -32.85 55.00
CA HIS B 219 11.26 -31.53 55.49
C HIS B 219 11.57 -31.42 56.98
N ARG B 220 12.27 -30.37 57.40
CA ARG B 220 12.68 -30.12 58.76
C ARG B 220 13.52 -31.23 59.38
N ASP B 221 14.03 -32.13 58.54
CA ASP B 221 14.80 -33.30 58.96
C ASP B 221 14.02 -34.25 59.85
N ASP B 222 12.69 -34.18 59.84
CA ASP B 222 11.76 -35.01 60.58
C ASP B 222 11.33 -36.25 59.80
N HIS B 223 10.57 -37.15 60.42
CA HIS B 223 10.03 -38.33 59.77
C HIS B 223 9.04 -37.96 58.67
N GLU B 224 8.86 -38.84 57.68
CA GLU B 224 7.93 -38.61 56.59
C GLU B 224 6.49 -38.54 57.06
N THR B 225 5.74 -37.54 56.55
CA THR B 225 4.35 -37.29 56.81
C THR B 225 3.66 -36.80 55.54
N ASP B 226 2.34 -36.95 55.43
CA ASP B 226 1.60 -36.46 54.28
C ASP B 226 1.12 -35.04 54.58
N MET B 227 1.60 -34.07 53.81
CA MET B 227 1.26 -32.67 53.96
C MET B 227 0.17 -32.25 52.99
N GLU B 228 -0.79 -31.47 53.48
CA GLU B 228 -1.93 -30.97 52.72
C GLU B 228 -1.54 -29.88 51.73
N LEU B 229 -1.90 -30.02 50.45
CA LEU B 229 -1.66 -28.99 49.47
C LEU B 229 -2.71 -27.90 49.63
N LYS B 230 -2.30 -26.63 49.70
CA LYS B 230 -3.19 -25.50 49.85
C LYS B 230 -2.89 -24.41 48.83
N PRO B 231 -3.82 -23.53 48.49
CA PRO B 231 -3.62 -22.53 47.46
C PRO B 231 -2.50 -21.55 47.75
N ALA B 232 -1.73 -21.21 46.71
CA ALA B 232 -0.67 -20.23 46.78
C ALA B 232 -1.25 -18.82 46.92
N LYS B 233 -0.44 -17.85 47.38
CA LYS B 233 -0.91 -16.48 47.52
C LYS B 233 -1.19 -15.91 46.14
N VAL B 234 -2.30 -15.18 46.02
CA VAL B 234 -2.75 -14.62 44.75
C VAL B 234 -1.82 -13.53 44.25
N ALA B 235 -1.62 -13.53 42.93
CA ALA B 235 -0.85 -12.57 42.17
C ALA B 235 -1.62 -12.31 40.87
N THR B 236 -1.57 -11.07 40.37
CA THR B 236 -2.27 -10.71 39.15
C THR B 236 -1.67 -11.41 37.95
N ARG B 237 -2.53 -11.72 36.97
CA ARG B 237 -2.20 -12.35 35.70
C ARG B 237 -1.59 -13.74 35.75
N THR B 238 -1.33 -14.35 36.90
CA THR B 238 -0.81 -15.70 37.01
C THR B 238 -1.92 -16.74 37.13
N SER B 239 -1.61 -17.97 36.73
CA SER B 239 -2.45 -19.15 36.81
C SER B 239 -2.50 -19.72 38.21
N ARG B 240 -3.32 -20.75 38.46
CA ARG B 240 -3.45 -21.37 39.76
C ARG B 240 -2.22 -22.16 40.18
N GLY B 241 -1.97 -22.20 41.49
CA GLY B 241 -0.87 -22.94 42.06
C GLY B 241 -1.18 -23.32 43.51
N TRP B 242 -0.60 -24.42 43.99
CA TRP B 242 -0.76 -24.93 45.34
C TRP B 242 0.59 -25.34 45.90
N HIS B 243 0.74 -25.30 47.23
CA HIS B 243 1.96 -25.70 47.89
C HIS B 243 1.69 -26.22 49.29
N THR B 244 2.66 -26.89 49.92
CA THR B 244 2.50 -27.45 51.24
C THR B 244 3.08 -26.61 52.37
N THR B 245 4.07 -25.75 52.09
CA THR B 245 4.82 -25.04 53.11
C THR B 245 5.07 -23.58 52.77
N ASP B 246 4.97 -22.67 53.74
CA ASP B 246 5.22 -21.26 53.55
C ASP B 246 6.62 -20.82 53.98
N LEU B 247 7.08 -21.31 55.13
CA LEU B 247 8.34 -20.93 55.74
C LEU B 247 9.50 -21.87 55.41
N LYS B 248 10.69 -21.28 55.26
CA LYS B 248 11.92 -22.03 55.11
C LYS B 248 12.35 -22.48 56.49
N TYR B 249 12.89 -23.71 56.61
CA TYR B 249 13.39 -24.23 57.85
C TYR B 249 14.90 -24.07 57.92
N ASN B 250 15.39 -23.41 58.98
CA ASN B 250 16.81 -23.23 59.24
C ASN B 250 17.11 -23.85 60.60
N PRO B 251 18.30 -24.42 60.81
CA PRO B 251 18.63 -25.06 62.06
C PRO B 251 18.63 -24.07 63.22
N SER B 252 18.37 -24.56 64.44
CA SER B 252 18.39 -23.76 65.65
C SER B 252 19.81 -23.43 66.09
N ARG B 253 20.00 -22.31 66.79
CA ARG B 253 21.29 -21.85 67.24
C ARG B 253 21.98 -22.83 68.18
N VAL B 254 23.29 -22.98 67.96
CA VAL B 254 24.25 -23.72 68.75
C VAL B 254 25.53 -22.91 68.57
N GLU B 255 25.91 -22.11 69.57
CA GLU B 255 27.03 -21.21 69.50
C GLU B 255 28.31 -21.86 68.97
N ALA B 256 28.95 -21.21 67.99
CA ALA B 256 30.18 -21.59 67.34
C ALA B 256 30.17 -22.86 66.50
N PHE B 257 29.01 -23.26 65.95
CA PHE B 257 28.87 -24.40 65.06
C PHE B 257 28.31 -24.01 63.70
N HIS B 258 28.63 -24.83 62.70
CA HIS B 258 28.01 -24.77 61.38
C HIS B 258 26.93 -25.85 61.42
N ARG B 259 25.68 -25.54 61.08
CA ARG B 259 24.59 -26.50 61.07
C ARG B 259 23.82 -26.45 59.75
N TYR B 260 23.14 -27.54 59.40
CA TYR B 260 22.37 -27.66 58.18
C TYR B 260 20.88 -27.83 58.46
N GLY B 261 20.01 -27.25 57.64
CA GLY B 261 18.57 -27.38 57.77
C GLY B 261 17.92 -27.59 56.41
N THR B 262 17.02 -28.58 56.31
CA THR B 262 16.34 -28.92 55.07
C THR B 262 14.90 -28.45 55.00
N THR B 263 14.48 -27.89 53.87
CA THR B 263 13.10 -27.52 53.57
C THR B 263 12.67 -28.29 52.34
N VAL B 264 11.44 -28.82 52.32
CA VAL B 264 10.88 -29.51 51.18
C VAL B 264 9.47 -28.95 51.02
N ASN B 265 9.24 -28.19 49.96
CA ASN B 265 7.94 -27.61 49.68
C ASN B 265 7.40 -28.24 48.41
N CYS B 266 6.34 -29.04 48.49
CA CYS B 266 5.75 -29.67 47.32
C CYS B 266 4.92 -28.62 46.61
N ILE B 267 5.18 -28.34 45.33
CA ILE B 267 4.50 -27.32 44.54
C ILE B 267 3.80 -27.95 43.35
N VAL B 268 2.59 -27.48 43.07
CA VAL B 268 1.78 -27.90 41.95
C VAL B 268 1.32 -26.65 41.22
N GLU B 269 1.53 -26.54 39.91
CA GLU B 269 1.14 -25.36 39.15
C GLU B 269 0.45 -25.71 37.83
N GLU B 270 -0.67 -25.06 37.53
CA GLU B 270 -1.28 -25.15 36.22
C GLU B 270 -0.52 -24.16 35.35
N VAL B 271 -0.04 -24.56 34.18
CA VAL B 271 0.74 -23.70 33.30
C VAL B 271 0.31 -23.86 31.85
N ASP B 272 0.49 -22.79 31.07
CA ASP B 272 0.25 -22.83 29.64
C ASP B 272 1.48 -23.45 28.98
N ALA B 273 1.26 -24.40 28.06
CA ALA B 273 2.31 -25.03 27.29
C ALA B 273 2.19 -24.58 25.84
N ARG B 274 3.31 -24.38 25.16
CA ARG B 274 3.38 -23.91 23.79
C ARG B 274 4.29 -24.81 22.98
N SER B 275 3.99 -25.03 21.70
CA SER B 275 4.80 -25.84 20.82
C SER B 275 4.70 -25.33 19.40
N VAL B 276 5.77 -25.42 18.59
CA VAL B 276 5.78 -24.98 17.22
C VAL B 276 6.14 -26.13 16.29
N TYR B 277 5.71 -26.04 15.03
CA TYR B 277 5.99 -27.05 14.02
C TYR B 277 7.48 -27.37 14.01
N PRO B 278 7.91 -28.62 13.87
CA PRO B 278 7.15 -29.84 13.66
C PRO B 278 6.51 -30.48 14.88
N TYR B 279 6.40 -29.76 16.01
CA TYR B 279 5.82 -30.23 17.25
C TYR B 279 6.57 -31.39 17.89
N ASP B 280 7.90 -31.37 17.88
CA ASP B 280 8.74 -32.40 18.45
C ASP B 280 9.19 -32.10 19.88
N GLU B 281 8.82 -30.95 20.43
CA GLU B 281 9.12 -30.50 21.78
C GLU B 281 8.16 -29.38 22.15
N PHE B 282 8.06 -29.05 23.45
CA PHE B 282 7.22 -27.97 23.91
C PHE B 282 7.86 -27.24 25.09
N VAL B 283 7.35 -26.06 25.42
CA VAL B 283 7.82 -25.26 26.53
C VAL B 283 6.68 -24.96 27.50
N LEU B 284 7.02 -24.76 28.77
CA LEU B 284 6.10 -24.38 29.83
C LEU B 284 6.23 -22.90 30.11
N ALA B 285 5.20 -22.29 30.71
CA ALA B 285 5.20 -20.88 31.04
C ALA B 285 6.35 -20.45 31.94
N THR B 286 6.98 -21.38 32.67
CA THR B 286 8.12 -21.15 33.53
C THR B 286 9.44 -20.99 32.77
N GLY B 287 9.43 -21.21 31.46
CA GLY B 287 10.61 -21.15 30.61
C GLY B 287 11.30 -22.49 30.46
N ASP B 288 10.76 -23.57 31.03
CA ASP B 288 11.32 -24.91 30.94
C ASP B 288 10.92 -25.62 29.66
N PHE B 289 11.87 -26.25 28.97
CA PHE B 289 11.65 -27.05 27.79
C PHE B 289 11.38 -28.50 28.14
N VAL B 290 10.60 -29.18 27.30
CA VAL B 290 10.27 -30.59 27.40
C VAL B 290 10.54 -31.18 26.03
N TYR B 291 11.57 -32.01 25.91
CA TYR B 291 12.01 -32.60 24.65
C TYR B 291 11.24 -33.86 24.26
N MET B 292 9.92 -33.71 24.14
CA MET B 292 9.00 -34.76 23.76
C MET B 292 7.84 -34.10 23.01
N SER B 293 7.32 -34.74 21.97
CA SER B 293 6.18 -34.21 21.25
C SER B 293 4.96 -34.16 22.16
N PRO B 294 4.18 -33.09 22.20
CA PRO B 294 2.97 -33.06 23.01
C PRO B 294 1.95 -34.10 22.57
N PHE B 295 2.11 -34.68 21.38
CA PHE B 295 1.25 -35.71 20.83
C PHE B 295 1.76 -37.12 21.08
N TYR B 296 2.93 -37.29 21.70
CA TYR B 296 3.50 -38.59 22.01
C TYR B 296 2.58 -39.40 22.92
N GLY B 297 2.51 -40.72 22.70
CA GLY B 297 1.69 -41.64 23.47
C GLY B 297 1.93 -43.08 23.04
N TYR B 298 1.04 -44.00 23.40
CA TYR B 298 1.17 -45.39 23.01
C TYR B 298 0.23 -45.77 21.86
N ARG B 299 -1.03 -45.39 21.99
CA ARG B 299 -2.11 -45.67 21.05
C ARG B 299 -2.05 -44.87 19.76
N GLU B 300 -2.82 -45.32 18.77
CA GLU B 300 -3.04 -44.64 17.51
C GLU B 300 -1.78 -44.22 16.76
N GLY B 301 -0.71 -45.03 16.82
CA GLY B 301 0.54 -44.74 16.15
C GLY B 301 1.33 -43.57 16.71
N SER B 302 0.89 -42.96 17.81
CA SER B 302 1.54 -41.84 18.43
C SER B 302 2.90 -42.18 19.04
N HIS B 303 3.24 -43.46 19.21
CA HIS B 303 4.53 -43.87 19.72
C HIS B 303 5.66 -43.57 18.75
N THR B 304 5.35 -43.18 17.50
CA THR B 304 6.31 -42.78 16.50
C THR B 304 6.74 -41.33 16.65
N GLU B 305 6.08 -40.54 17.49
CA GLU B 305 6.42 -39.16 17.74
C GLU B 305 7.76 -39.03 18.47
N HIS B 306 8.35 -37.83 18.48
CA HIS B 306 9.64 -37.63 19.09
C HIS B 306 9.67 -37.68 20.61
N THR B 307 10.74 -38.23 21.17
CA THR B 307 11.02 -38.26 22.59
C THR B 307 12.51 -38.39 22.82
N SER B 308 13.08 -37.51 23.66
CA SER B 308 14.47 -37.55 24.05
C SER B 308 14.72 -38.27 25.36
N TYR B 309 13.66 -38.76 26.02
CA TYR B 309 13.73 -39.41 27.31
C TYR B 309 13.65 -40.93 27.24
N ALA B 310 14.14 -41.59 28.30
CA ALA B 310 14.06 -43.03 28.45
C ALA B 310 12.63 -43.47 28.67
N ALA B 311 12.28 -44.70 28.31
CA ALA B 311 10.91 -45.19 28.41
C ALA B 311 10.31 -45.10 29.81
N ASP B 312 11.09 -45.34 30.87
CA ASP B 312 10.60 -45.29 32.23
C ASP B 312 10.32 -43.88 32.75
N ARG B 313 10.75 -42.84 32.04
CA ARG B 313 10.44 -41.46 32.42
C ARG B 313 9.06 -41.04 31.95
N PHE B 314 8.36 -41.83 31.13
CA PHE B 314 7.03 -41.53 30.61
C PHE B 314 6.01 -42.56 31.03
N LYS B 315 4.77 -42.12 31.24
CA LYS B 315 3.63 -42.94 31.64
C LYS B 315 2.36 -42.34 31.06
N GLN B 316 1.41 -43.19 30.66
CA GLN B 316 0.14 -42.75 30.11
C GLN B 316 -0.96 -43.47 30.86
N VAL B 317 -1.89 -42.71 31.47
CA VAL B 317 -2.99 -43.25 32.24
C VAL B 317 -4.29 -43.09 31.46
N ASP B 318 -4.90 -44.21 31.03
CA ASP B 318 -6.17 -44.18 30.36
C ASP B 318 -7.28 -44.10 31.40
N GLY B 319 -8.39 -43.43 31.08
CA GLY B 319 -9.51 -43.33 32.00
C GLY B 319 -9.19 -42.53 33.27
N PHE B 320 -8.33 -41.52 33.17
CA PHE B 320 -7.94 -40.69 34.29
C PHE B 320 -8.98 -39.63 34.63
N TYR B 321 -9.31 -39.49 35.91
CA TYR B 321 -10.26 -38.49 36.39
C TYR B 321 -9.51 -37.48 37.27
N ALA B 322 -9.36 -36.25 36.78
CA ALA B 322 -8.69 -35.20 37.53
C ALA B 322 -9.52 -34.75 38.72
N ARG B 323 -8.89 -34.53 39.88
CA ARG B 323 -9.52 -34.02 41.08
C ARG B 323 -8.99 -32.61 41.29
N ASP B 324 -9.87 -31.60 41.33
CA ASP B 324 -9.46 -30.23 41.53
C ASP B 324 -8.93 -30.03 42.93
N LEU B 325 -7.73 -29.47 43.09
CA LEU B 325 -7.11 -29.30 44.39
C LEU B 325 -7.79 -28.29 45.30
N THR B 326 -8.56 -27.33 44.76
CA THR B 326 -9.24 -26.33 45.57
C THR B 326 -10.64 -26.79 45.97
N THR B 327 -11.47 -27.17 44.99
CA THR B 327 -12.84 -27.58 45.24
C THR B 327 -12.99 -29.02 45.69
N LYS B 328 -11.94 -29.84 45.53
CA LYS B 328 -11.90 -31.26 45.86
C LYS B 328 -12.84 -32.11 45.02
N ALA B 329 -13.47 -31.51 44.01
CA ALA B 329 -14.40 -32.17 43.11
C ALA B 329 -13.67 -32.98 42.05
N ARG B 330 -14.18 -34.18 41.77
CA ARG B 330 -13.66 -35.05 40.74
C ARG B 330 -14.31 -34.71 39.40
N ALA B 331 -13.55 -34.74 38.30
CA ALA B 331 -14.06 -34.46 36.98
C ALA B 331 -15.16 -35.44 36.59
N THR B 332 -16.11 -34.98 35.76
CA THR B 332 -17.23 -35.77 35.31
C THR B 332 -16.87 -36.78 34.24
N SER B 333 -15.98 -36.43 33.31
CA SER B 333 -15.54 -37.27 32.22
C SER B 333 -14.04 -37.56 32.29
N PRO B 334 -13.60 -38.76 31.91
CA PRO B 334 -12.20 -39.11 31.95
C PRO B 334 -11.42 -38.59 30.75
N THR B 335 -10.09 -38.61 30.86
CA THR B 335 -9.15 -38.24 29.80
C THR B 335 -7.99 -39.23 29.76
N THR B 336 -7.19 -39.17 28.71
CA THR B 336 -5.97 -39.96 28.61
C THR B 336 -4.88 -39.01 29.11
N ARG B 337 -4.31 -39.30 30.28
CA ARG B 337 -3.33 -38.41 30.91
C ARG B 337 -1.90 -38.83 30.63
N ASN B 338 -1.10 -37.94 30.02
CA ASN B 338 0.32 -38.16 29.81
C ASN B 338 1.05 -37.63 31.04
N LEU B 339 2.07 -38.33 31.53
CA LEU B 339 2.91 -37.89 32.62
C LEU B 339 4.35 -38.16 32.23
N LEU B 340 5.21 -37.15 32.37
CA LEU B 340 6.62 -37.24 32.03
C LEU B 340 7.44 -36.71 33.21
N THR B 341 8.39 -37.51 33.70
CA THR B 341 9.28 -37.13 34.78
C THR B 341 10.61 -36.67 34.20
N THR B 342 10.90 -35.37 34.20
CA THR B 342 12.17 -34.85 33.76
C THR B 342 13.11 -34.78 34.96
N PRO B 343 14.39 -34.43 34.83
CA PRO B 343 15.28 -34.36 35.97
C PRO B 343 14.93 -33.28 36.99
N LYS B 344 14.11 -32.29 36.65
CA LYS B 344 13.76 -31.18 37.52
C LYS B 344 12.30 -31.14 37.95
N PHE B 345 11.36 -31.73 37.22
CA PHE B 345 9.94 -31.70 37.54
C PHE B 345 9.18 -32.77 36.77
N THR B 346 7.98 -33.10 37.25
CA THR B 346 7.07 -33.98 36.54
C THR B 346 6.03 -33.10 35.87
N VAL B 347 5.67 -33.36 34.61
CA VAL B 347 4.67 -32.58 33.90
C VAL B 347 3.59 -33.52 33.38
N ALA B 348 2.32 -33.11 33.52
CA ALA B 348 1.18 -33.86 33.05
C ALA B 348 0.30 -33.03 32.13
N TRP B 349 -0.27 -33.65 31.10
CA TRP B 349 -1.16 -33.01 30.14
C TRP B 349 -2.08 -34.04 29.52
N ASP B 350 -3.22 -33.62 28.97
CA ASP B 350 -4.14 -34.53 28.32
C ASP B 350 -3.66 -34.84 26.91
N TRP B 351 -3.61 -36.14 26.57
CA TRP B 351 -3.24 -36.59 25.25
C TRP B 351 -4.40 -36.45 24.27
N VAL B 352 -4.12 -35.98 23.06
CA VAL B 352 -5.08 -35.81 21.98
C VAL B 352 -4.42 -36.20 20.65
N PRO B 353 -5.16 -36.66 19.65
CA PRO B 353 -4.59 -37.00 18.36
C PRO B 353 -4.01 -35.76 17.68
N LYS B 354 -2.86 -35.89 17.03
CA LYS B 354 -2.16 -34.80 16.38
C LYS B 354 -2.90 -34.12 15.25
N ARG B 355 -3.33 -34.88 14.23
CA ARG B 355 -3.94 -34.33 13.04
C ARG B 355 -5.11 -33.38 13.27
N PRO B 356 -6.11 -33.68 14.10
CA PRO B 356 -7.19 -32.75 14.34
C PRO B 356 -6.84 -31.58 15.26
N ALA B 357 -5.68 -31.58 15.92
CA ALA B 357 -5.27 -30.55 16.85
C ALA B 357 -4.44 -29.41 16.26
N VAL B 358 -3.55 -29.69 15.30
CA VAL B 358 -2.68 -28.70 14.69
C VAL B 358 -2.97 -28.51 13.21
N CYS B 359 -2.52 -27.38 12.65
CA CYS B 359 -2.65 -27.08 11.24
C CYS B 359 -1.58 -26.12 10.77
N THR B 360 -1.00 -26.31 9.59
CA THR B 360 0.01 -25.40 9.07
C THR B 360 -0.57 -24.16 8.40
N MET B 361 -1.89 -24.07 8.24
CA MET B 361 -2.59 -22.93 7.67
C MET B 361 -3.63 -22.42 8.67
N THR B 362 -3.96 -21.13 8.58
CA THR B 362 -4.92 -20.46 9.44
C THR B 362 -5.97 -19.74 8.59
N LYS B 363 -7.24 -19.85 8.94
CA LYS B 363 -8.30 -19.14 8.25
C LYS B 363 -8.10 -17.64 8.51
N TRP B 364 -8.06 -16.82 7.46
CA TRP B 364 -7.83 -15.41 7.58
C TRP B 364 -9.03 -14.54 7.22
N GLN B 365 -9.64 -14.74 6.04
CA GLN B 365 -10.77 -13.98 5.59
C GLN B 365 -11.88 -14.86 5.05
N GLU B 366 -13.12 -14.54 5.41
CA GLU B 366 -14.32 -15.18 4.89
C GLU B 366 -14.93 -14.15 3.94
N VAL B 367 -15.02 -14.47 2.66
CA VAL B 367 -15.52 -13.57 1.63
C VAL B 367 -16.80 -14.13 1.03
N ASP B 368 -17.95 -13.51 1.31
CA ASP B 368 -19.21 -13.98 0.79
C ASP B 368 -19.47 -13.57 -0.65
N GLU B 369 -18.75 -12.59 -1.21
CA GLU B 369 -18.84 -12.15 -2.59
C GLU B 369 -17.47 -12.13 -3.25
N MET B 370 -16.96 -13.31 -3.65
CA MET B 370 -15.69 -13.42 -4.34
C MET B 370 -15.97 -13.68 -5.81
N LEU B 371 -15.54 -12.79 -6.71
CA LEU B 371 -15.75 -12.97 -8.14
C LEU B 371 -14.52 -13.61 -8.76
N ARG B 372 -14.71 -14.63 -9.60
CA ARG B 372 -13.61 -15.27 -10.30
C ARG B 372 -13.68 -14.99 -11.79
N ALA B 373 -12.66 -14.33 -12.32
CA ALA B 373 -12.50 -14.05 -13.74
C ALA B 373 -11.36 -14.92 -14.28
N GLU B 374 -11.35 -15.19 -15.58
CA GLU B 374 -10.31 -15.98 -16.21
C GLU B 374 -9.82 -15.31 -17.49
N TYR B 375 -8.52 -15.05 -17.56
CA TYR B 375 -7.87 -14.48 -18.74
C TYR B 375 -6.36 -14.66 -18.64
N GLY B 376 -5.68 -14.71 -19.77
CA GLY B 376 -4.23 -14.86 -19.82
C GLY B 376 -3.70 -16.13 -19.16
N GLY B 377 -4.49 -17.20 -19.12
CA GLY B 377 -4.10 -18.46 -18.51
C GLY B 377 -3.99 -18.41 -16.99
N SER B 378 -4.79 -17.57 -16.33
CA SER B 378 -4.81 -17.42 -14.89
C SER B 378 -6.16 -16.96 -14.39
N PHE B 379 -6.52 -17.37 -13.16
CA PHE B 379 -7.73 -16.91 -12.52
C PHE B 379 -7.42 -15.67 -11.68
N ARG B 380 -8.38 -14.75 -11.61
CA ARG B 380 -8.31 -13.55 -10.80
C ARG B 380 -9.51 -13.61 -9.85
N PHE B 381 -9.25 -13.75 -8.55
CA PHE B 381 -10.27 -13.79 -7.51
C PHE B 381 -10.31 -12.41 -6.87
N SER B 382 -11.37 -11.62 -7.11
CA SER B 382 -11.48 -10.29 -6.56
C SER B 382 -12.62 -10.16 -5.56
N SER B 383 -12.35 -9.44 -4.48
CA SER B 383 -13.32 -9.15 -3.43
C SER B 383 -13.51 -7.65 -3.31
N ASP B 384 -14.74 -7.20 -3.58
CA ASP B 384 -15.10 -5.80 -3.45
C ASP B 384 -15.13 -5.34 -2.00
N ALA B 385 -15.45 -6.24 -1.07
CA ALA B 385 -15.53 -5.95 0.35
C ALA B 385 -14.18 -5.64 0.96
N ILE B 386 -13.15 -6.44 0.68
CA ILE B 386 -11.81 -6.23 1.19
C ILE B 386 -10.89 -5.54 0.18
N SER B 387 -11.37 -5.14 -1.00
CA SER B 387 -10.60 -4.44 -2.01
C SER B 387 -9.30 -5.17 -2.33
N THR B 388 -9.40 -6.44 -2.72
CA THR B 388 -8.25 -7.28 -2.95
C THR B 388 -8.44 -8.21 -4.14
N THR B 389 -7.40 -8.39 -4.97
CA THR B 389 -7.42 -9.28 -6.10
C THR B 389 -6.25 -10.27 -6.04
N PHE B 390 -6.56 -11.57 -5.94
CA PHE B 390 -5.58 -12.63 -5.91
C PHE B 390 -5.46 -13.27 -7.29
N THR B 391 -4.25 -13.65 -7.68
CA THR B 391 -3.97 -14.27 -8.97
C THR B 391 -3.51 -15.71 -8.78
N THR B 392 -4.01 -16.66 -9.56
CA THR B 392 -3.65 -18.06 -9.45
C THR B 392 -3.55 -18.75 -10.81
N ASN B 393 -2.85 -19.89 -10.87
CA ASN B 393 -2.85 -20.72 -12.06
C ASN B 393 -4.23 -21.36 -12.18
N LEU B 394 -4.58 -21.93 -13.35
CA LEU B 394 -5.87 -22.53 -13.57
C LEU B 394 -6.06 -23.89 -12.89
N THR B 395 -4.96 -24.59 -12.60
CA THR B 395 -4.99 -25.90 -11.97
C THR B 395 -5.18 -25.78 -10.46
N GLN B 396 -6.05 -26.61 -9.88
CA GLN B 396 -6.24 -26.61 -8.44
C GLN B 396 -5.01 -27.10 -7.69
N TYR B 397 -4.84 -26.60 -6.46
CA TYR B 397 -3.77 -27.02 -5.57
C TYR B 397 -4.29 -28.21 -4.77
N SER B 398 -3.65 -29.38 -4.88
CA SER B 398 -4.11 -30.55 -4.16
C SER B 398 -3.81 -30.44 -2.67
N LEU B 399 -4.83 -30.51 -1.80
CA LEU B 399 -4.63 -30.43 -0.37
C LEU B 399 -3.73 -31.53 0.18
N SER B 400 -3.57 -32.65 -0.52
CA SER B 400 -2.68 -33.72 -0.13
C SER B 400 -1.22 -33.28 -0.05
N ARG B 401 -0.87 -32.17 -0.71
CA ARG B 401 0.47 -31.59 -0.68
C ARG B 401 0.75 -30.86 0.62
N VAL B 402 -0.27 -30.37 1.34
CA VAL B 402 -0.10 -29.62 2.57
C VAL B 402 0.20 -30.54 3.74
N ASP B 403 1.31 -30.32 4.44
CA ASP B 403 1.59 -31.09 5.64
C ASP B 403 0.68 -30.61 6.75
N LEU B 404 0.01 -31.51 7.48
CA LEU B 404 -0.90 -31.19 8.55
C LEU B 404 -1.92 -30.13 8.14
N GLY B 405 -2.65 -30.37 7.05
CA GLY B 405 -3.63 -29.46 6.51
C GLY B 405 -5.08 -29.80 6.78
N ASP B 406 -5.39 -30.73 7.70
CA ASP B 406 -6.75 -31.19 7.92
C ASP B 406 -7.74 -30.11 8.32
N CYS B 407 -7.30 -29.00 8.92
CA CYS B 407 -8.20 -27.91 9.27
C CYS B 407 -8.71 -27.16 8.06
N ILE B 408 -8.01 -27.16 6.92
CA ILE B 408 -8.38 -26.40 5.75
C ILE B 408 -9.74 -26.86 5.21
N GLY B 409 -9.89 -28.16 4.93
CA GLY B 409 -11.16 -28.67 4.43
C GLY B 409 -12.29 -28.47 5.42
N ARG B 410 -12.05 -28.77 6.70
CA ARG B 410 -13.02 -28.64 7.76
C ARG B 410 -13.51 -27.21 7.96
N ASP B 411 -12.60 -26.24 8.05
CA ASP B 411 -12.94 -24.84 8.23
C ASP B 411 -13.58 -24.25 6.98
N ALA B 412 -13.10 -24.63 5.80
CA ALA B 412 -13.66 -24.16 4.54
C ALA B 412 -15.10 -24.62 4.39
N ARG B 413 -15.39 -25.90 4.60
CA ARG B 413 -16.74 -26.42 4.50
C ARG B 413 -17.67 -25.77 5.51
N GLU B 414 -17.24 -25.59 6.76
CA GLU B 414 -18.07 -24.95 7.76
C GLU B 414 -18.41 -23.52 7.38
N ALA B 415 -17.42 -22.69 7.04
CA ALA B 415 -17.62 -21.30 6.69
C ALA B 415 -18.40 -21.11 5.38
N ILE B 416 -18.13 -21.90 4.35
CA ILE B 416 -18.83 -21.81 3.09
C ILE B 416 -20.31 -22.11 3.29
N ASP B 417 -20.64 -23.16 4.03
CA ASP B 417 -22.03 -23.51 4.29
C ASP B 417 -22.74 -22.44 5.10
N ARG B 418 -22.05 -21.82 6.06
CA ARG B 418 -22.61 -20.77 6.90
C ARG B 418 -22.93 -19.52 6.11
N MET B 419 -21.99 -19.06 5.26
CA MET B 419 -22.18 -17.90 4.41
C MET B 419 -23.27 -18.14 3.38
N PHE B 420 -23.31 -19.34 2.77
CA PHE B 420 -24.33 -19.68 1.81
C PHE B 420 -25.71 -19.63 2.43
N ALA B 421 -25.88 -20.22 3.62
CA ALA B 421 -27.17 -20.22 4.30
C ALA B 421 -27.64 -18.81 4.63
N ARG B 422 -26.73 -17.96 5.11
CA ARG B 422 -27.03 -16.59 5.50
C ARG B 422 -27.40 -15.65 4.35
N LYS B 423 -26.81 -15.81 3.17
CA LYS B 423 -26.97 -14.86 2.08
C LYS B 423 -27.48 -15.39 0.74
N TYR B 424 -27.40 -16.69 0.48
CA TYR B 424 -27.71 -17.24 -0.83
C TYR B 424 -28.76 -18.34 -0.94
N ASN B 425 -29.19 -18.98 0.16
CA ASN B 425 -30.09 -20.10 0.09
C ASN B 425 -31.37 -19.85 -0.69
N ALA B 426 -31.88 -18.62 -0.71
CA ALA B 426 -33.08 -18.24 -1.39
C ALA B 426 -32.93 -17.82 -2.85
N THR B 427 -31.72 -17.63 -3.38
CA THR B 427 -31.52 -17.10 -4.71
C THR B 427 -30.49 -17.80 -5.59
N HIS B 428 -29.60 -18.63 -5.04
CA HIS B 428 -28.57 -19.32 -5.78
C HIS B 428 -28.46 -20.79 -5.38
N ILE B 429 -27.64 -21.53 -6.12
CA ILE B 429 -27.27 -22.92 -5.90
C ILE B 429 -25.76 -23.06 -5.94
N LYS B 430 -25.23 -24.05 -5.22
CA LYS B 430 -23.81 -24.36 -5.24
C LYS B 430 -23.51 -25.19 -6.47
N VAL B 431 -22.43 -24.88 -7.20
CA VAL B 431 -22.01 -25.64 -8.36
C VAL B 431 -20.80 -26.47 -8.00
N GLY B 432 -21.01 -27.76 -7.72
CA GLY B 432 -19.97 -28.69 -7.34
C GLY B 432 -19.41 -28.43 -5.94
N GLN B 433 -18.42 -29.23 -5.54
CA GLN B 433 -17.73 -29.12 -4.28
C GLN B 433 -16.72 -27.99 -4.25
N PRO B 434 -16.26 -27.52 -3.10
CA PRO B 434 -15.26 -26.48 -3.01
C PRO B 434 -13.97 -26.83 -3.74
N GLN B 435 -13.35 -25.83 -4.37
CA GLN B 435 -12.13 -25.92 -5.14
C GLN B 435 -11.00 -25.20 -4.40
N TYR B 436 -9.75 -25.64 -4.52
CA TYR B 436 -8.64 -25.02 -3.82
C TYR B 436 -7.60 -24.50 -4.81
N TYR B 437 -7.19 -23.23 -4.67
CA TYR B 437 -6.22 -22.59 -5.53
C TYR B 437 -5.15 -21.88 -4.72
N LEU B 438 -3.88 -22.04 -5.10
CA LEU B 438 -2.79 -21.34 -4.45
C LEU B 438 -2.52 -20.03 -5.19
N ALA B 439 -2.69 -18.91 -4.50
CA ALA B 439 -2.47 -17.59 -5.06
C ALA B 439 -1.08 -17.04 -4.80
N THR B 440 -0.64 -16.15 -5.69
CA THR B 440 0.62 -15.45 -5.58
C THR B 440 0.68 -14.76 -4.22
N GLY B 441 1.82 -14.86 -3.54
CA GLY B 441 2.01 -14.34 -2.20
C GLY B 441 1.81 -15.41 -1.13
N GLY B 442 1.39 -16.62 -1.51
CA GLY B 442 1.23 -17.74 -0.60
C GLY B 442 -0.10 -17.77 0.14
N PHE B 443 -1.21 -17.38 -0.51
CA PHE B 443 -2.53 -17.45 0.09
C PHE B 443 -3.27 -18.63 -0.53
N LEU B 444 -3.86 -19.52 0.29
CA LEU B 444 -4.62 -20.63 -0.23
C LEU B 444 -6.09 -20.24 -0.21
N ILE B 445 -6.76 -20.28 -1.37
CA ILE B 445 -8.15 -19.88 -1.51
C ILE B 445 -9.04 -21.09 -1.69
N ALA B 446 -9.98 -21.30 -0.77
CA ALA B 446 -11.02 -22.30 -0.90
C ALA B 446 -12.16 -21.56 -1.56
N TYR B 447 -12.60 -21.98 -2.76
CA TYR B 447 -13.62 -21.31 -3.53
C TYR B 447 -14.83 -22.19 -3.84
N GLN B 448 -16.04 -21.69 -3.61
CA GLN B 448 -17.28 -22.37 -3.91
C GLN B 448 -17.99 -21.61 -5.01
N PRO B 449 -18.02 -22.11 -6.25
CA PRO B 449 -18.75 -21.45 -7.33
C PRO B 449 -20.25 -21.50 -7.05
N LEU B 450 -20.98 -20.46 -7.47
CA LEU B 450 -22.41 -20.34 -7.33
C LEU B 450 -23.06 -20.06 -8.68
N LEU B 451 -24.38 -20.27 -8.74
CA LEU B 451 -25.19 -19.98 -9.91
C LEU B 451 -26.57 -19.49 -9.46
N SER B 452 -27.08 -18.43 -10.07
CA SER B 452 -28.38 -17.89 -9.73
C SER B 452 -29.49 -18.83 -10.17
N ASN B 453 -30.59 -18.91 -9.41
CA ASN B 453 -31.74 -19.72 -9.74
C ASN B 453 -32.29 -19.39 -11.13
N THR B 454 -32.24 -18.13 -11.52
CA THR B 454 -32.70 -17.64 -12.81
C THR B 454 -31.88 -18.15 -14.00
N LEU B 455 -30.67 -18.64 -13.78
CA LEU B 455 -29.78 -19.21 -14.78
C LEU B 455 -29.66 -20.72 -14.69
N ALA B 456 -30.40 -21.38 -13.79
CA ALA B 456 -30.40 -22.82 -13.62
C ALA B 456 -31.18 -23.49 -14.73
N GLU B 457 -30.59 -23.47 -15.93
CA GLU B 457 -31.05 -23.97 -17.21
C GLU B 457 -32.36 -23.35 -17.68
N SER B 488 6.04 -35.83 -2.04
CA SER B 488 6.17 -35.49 -0.61
C SER B 488 5.40 -34.21 -0.29
N VAL B 489 5.18 -33.94 0.99
CA VAL B 489 4.48 -32.77 1.49
C VAL B 489 5.33 -31.52 1.55
N GLU B 490 4.66 -30.36 1.56
CA GLU B 490 5.22 -29.02 1.55
C GLU B 490 4.54 -28.13 2.58
N ARG B 491 5.09 -26.94 2.77
CA ARG B 491 4.55 -25.87 3.61
C ARG B 491 4.52 -24.58 2.80
N ILE B 492 3.35 -23.97 2.71
CA ILE B 492 3.12 -22.74 2.00
C ILE B 492 3.68 -21.58 2.82
N LYS B 493 4.43 -20.67 2.18
CA LYS B 493 5.03 -19.51 2.81
C LYS B 493 4.26 -18.25 2.41
N THR B 494 3.64 -17.56 3.37
CA THR B 494 2.85 -16.38 3.09
C THR B 494 3.61 -15.09 3.34
N THR B 495 3.51 -14.12 2.42
CA THR B 495 4.12 -12.81 2.59
C THR B 495 3.41 -12.05 3.69
N SER B 496 4.10 -11.16 4.41
CA SER B 496 3.46 -10.38 5.46
C SER B 496 2.69 -9.17 4.93
N SER B 497 2.86 -8.83 3.64
CA SER B 497 2.23 -7.67 3.04
C SER B 497 1.20 -8.02 1.98
N ILE B 498 -0.05 -7.58 2.17
CA ILE B 498 -1.13 -7.79 1.22
C ILE B 498 -1.23 -6.67 0.20
N GLU B 499 -0.45 -5.59 0.34
CA GLU B 499 -0.57 -4.40 -0.47
C GLU B 499 -0.49 -4.63 -1.98
N PHE B 500 0.29 -5.59 -2.47
CA PHE B 500 0.34 -5.89 -3.88
C PHE B 500 -1.03 -6.26 -4.42
N ALA B 501 -1.83 -7.02 -3.66
CA ALA B 501 -3.15 -7.44 -4.07
C ALA B 501 -4.19 -6.32 -3.97
N ARG B 502 -3.96 -5.31 -3.13
CA ARG B 502 -4.83 -4.16 -3.01
C ARG B 502 -4.53 -3.15 -4.11
N LEU B 503 -3.26 -3.01 -4.49
CA LEU B 503 -2.86 -2.20 -5.62
C LEU B 503 -3.43 -2.86 -6.87
N GLN B 504 -3.36 -4.18 -6.98
CA GLN B 504 -3.90 -4.91 -8.11
C GLN B 504 -5.40 -4.63 -8.25
N PHE B 505 -6.15 -4.71 -7.15
CA PHE B 505 -7.57 -4.44 -7.18
C PHE B 505 -7.85 -3.01 -7.60
N THR B 506 -7.14 -2.03 -7.02
CA THR B 506 -7.33 -0.62 -7.30
C THR B 506 -7.00 -0.27 -8.75
N TYR B 507 -5.87 -0.75 -9.26
CA TYR B 507 -5.47 -0.52 -10.63
C TYR B 507 -6.49 -1.13 -11.57
N ASN B 508 -6.90 -2.39 -11.36
CA ASN B 508 -7.86 -3.04 -12.21
C ASN B 508 -9.20 -2.30 -12.21
N HIS B 509 -9.66 -1.83 -11.04
CA HIS B 509 -10.93 -1.13 -10.93
C HIS B 509 -10.94 0.18 -11.72
N ILE B 510 -9.85 0.94 -11.67
CA ILE B 510 -9.71 2.19 -12.40
C ILE B 510 -9.52 1.92 -13.89
N GLN B 511 -8.58 1.03 -14.23
CA GLN B 511 -8.26 0.68 -15.61
C GLN B 511 -9.51 0.22 -16.36
N ARG B 512 -10.31 -0.66 -15.76
CA ARG B 512 -11.52 -1.17 -16.37
C ARG B 512 -12.53 -0.08 -16.69
N HIS B 513 -12.69 0.89 -15.79
CA HIS B 513 -13.61 2.01 -15.99
C HIS B 513 -13.09 2.97 -17.05
N VAL B 514 -11.81 3.35 -16.99
CA VAL B 514 -11.21 4.24 -17.96
C VAL B 514 -11.23 3.63 -19.35
N ASN B 515 -10.91 2.35 -19.51
CA ASN B 515 -10.95 1.68 -20.80
C ASN B 515 -12.37 1.59 -21.34
N ASP B 516 -13.38 1.43 -20.48
CA ASP B 516 -14.76 1.37 -20.91
C ASP B 516 -15.19 2.74 -21.43
N MET B 517 -15.02 3.80 -20.63
CA MET B 517 -15.42 5.14 -21.03
C MET B 517 -14.65 5.66 -22.23
N LEU B 518 -13.33 5.49 -22.31
CA LEU B 518 -12.59 5.93 -23.47
C LEU B 518 -12.95 5.11 -24.69
N GLY B 519 -13.30 3.83 -24.51
CA GLY B 519 -13.76 2.97 -25.58
C GLY B 519 -15.08 3.49 -26.15
N ARG B 520 -16.00 3.93 -25.30
CA ARG B 520 -17.26 4.51 -25.73
C ARG B 520 -17.04 5.82 -26.47
N ILE B 521 -16.11 6.66 -26.01
CA ILE B 521 -15.81 7.92 -26.67
C ILE B 521 -15.22 7.63 -28.05
N ALA B 522 -14.31 6.66 -28.18
CA ALA B 522 -13.73 6.30 -29.47
C ALA B 522 -14.80 5.84 -30.46
N VAL B 523 -15.79 5.08 -30.00
CA VAL B 523 -16.89 4.62 -30.84
C VAL B 523 -17.75 5.79 -31.27
N ALA B 524 -18.20 6.63 -30.32
CA ALA B 524 -19.04 7.76 -30.62
C ALA B 524 -18.33 8.76 -31.54
N TRP B 525 -17.02 8.96 -31.37
CA TRP B 525 -16.27 9.86 -32.23
C TRP B 525 -16.29 9.39 -33.68
N CYS B 526 -16.03 8.10 -33.90
CA CYS B 526 -16.06 7.53 -35.23
C CYS B 526 -17.46 7.60 -35.84
N GLU B 527 -18.51 7.28 -35.06
CA GLU B 527 -19.87 7.37 -35.52
C GLU B 527 -20.21 8.81 -35.92
N LEU B 528 -19.74 9.79 -35.16
CA LEU B 528 -19.96 11.19 -35.48
C LEU B 528 -19.24 11.56 -36.78
N GLN B 529 -17.96 11.24 -36.94
CA GLN B 529 -17.25 11.54 -38.16
C GLN B 529 -17.94 10.97 -39.39
N ASN B 530 -18.45 9.73 -39.33
CA ASN B 530 -19.17 9.10 -40.41
C ASN B 530 -20.49 9.81 -40.71
N HIS B 531 -21.20 10.24 -39.67
CA HIS B 531 -22.47 10.91 -39.78
C HIS B 531 -22.35 12.29 -40.41
N GLU B 532 -21.31 13.05 -40.07
CA GLU B 532 -21.06 14.37 -40.62
C GLU B 532 -20.79 14.38 -42.11
N LEU B 533 -20.32 13.28 -42.69
CA LEU B 533 -20.02 13.20 -44.11
C LEU B 533 -21.22 13.60 -44.96
N THR B 534 -22.43 13.30 -44.50
CA THR B 534 -23.66 13.66 -45.18
C THR B 534 -23.81 15.17 -45.30
N LEU B 535 -23.36 15.95 -44.31
CA LEU B 535 -23.41 17.40 -44.37
C LEU B 535 -22.32 17.92 -45.27
N TRP B 536 -21.11 17.34 -45.20
CA TRP B 536 -19.99 17.74 -46.02
C TRP B 536 -20.26 17.55 -47.50
N ASN B 537 -20.77 16.39 -47.92
CA ASN B 537 -21.02 16.17 -49.33
C ASN B 537 -22.21 16.94 -49.88
N GLU B 538 -22.93 17.66 -49.01
CA GLU B 538 -24.00 18.56 -49.40
C GLU B 538 -23.50 19.99 -49.45
N ALA B 539 -22.63 20.38 -48.52
CA ALA B 539 -22.01 21.69 -48.49
C ALA B 539 -21.11 21.91 -49.70
N ARG B 540 -20.41 20.89 -50.19
CA ARG B 540 -19.56 21.05 -51.36
C ARG B 540 -20.31 21.48 -52.61
N LYS B 541 -21.59 21.17 -52.76
CA LYS B 541 -22.34 21.62 -53.92
C LYS B 541 -22.60 23.12 -53.86
N LEU B 542 -22.73 23.69 -52.66
CA LEU B 542 -23.00 25.09 -52.44
C LEU B 542 -21.78 25.99 -52.63
N ASN B 543 -20.63 25.57 -52.09
CA ASN B 543 -19.41 26.36 -52.13
C ASN B 543 -18.19 25.46 -52.25
N PRO B 544 -17.94 24.87 -53.41
CA PRO B 544 -16.83 23.96 -53.61
C PRO B 544 -15.49 24.61 -53.28
N ASN B 545 -15.28 25.90 -53.53
CA ASN B 545 -14.01 26.55 -53.21
C ASN B 545 -13.68 26.46 -51.73
N ALA B 546 -14.63 26.80 -50.85
CA ALA B 546 -14.42 26.78 -49.43
C ALA B 546 -14.27 25.36 -48.88
N ILE B 547 -15.12 24.43 -49.34
CA ILE B 547 -15.08 23.06 -48.86
C ILE B 547 -13.83 22.35 -49.34
N ALA B 548 -13.41 22.55 -50.59
CA ALA B 548 -12.18 21.96 -51.07
C ALA B 548 -11.00 22.52 -50.29
N SER B 549 -10.93 23.83 -50.07
CA SER B 549 -9.85 24.43 -49.32
C SER B 549 -9.75 23.88 -47.90
N ALA B 550 -10.89 23.68 -47.23
CA ALA B 550 -10.94 23.16 -45.88
C ALA B 550 -10.52 21.70 -45.74
N THR B 551 -10.72 20.88 -46.78
CA THR B 551 -10.40 19.46 -46.76
C THR B 551 -9.05 19.13 -47.36
N VAL B 552 -8.64 19.81 -48.44
CA VAL B 552 -7.36 19.62 -49.10
C VAL B 552 -6.22 20.16 -48.26
N GLY B 553 -6.46 21.19 -47.45
CA GLY B 553 -5.49 21.77 -46.54
C GLY B 553 -4.70 22.97 -47.06
N ARG B 554 -5.06 23.50 -48.24
CA ARG B 554 -4.46 24.67 -48.85
C ARG B 554 -5.52 25.38 -49.67
N ARG B 555 -5.37 26.68 -49.92
CA ARG B 555 -6.34 27.45 -50.68
C ARG B 555 -6.39 27.01 -52.14
N VAL B 556 -7.56 26.58 -52.61
CA VAL B 556 -7.77 26.11 -53.97
C VAL B 556 -9.13 26.52 -54.53
N SER B 557 -9.24 26.61 -55.85
CA SER B 557 -10.51 26.76 -56.54
C SER B 557 -11.00 25.34 -56.82
N ALA B 558 -12.32 25.16 -56.88
CA ALA B 558 -12.90 23.86 -57.13
C ALA B 558 -14.20 23.93 -57.91
N ARG B 559 -14.56 22.81 -58.55
CA ARG B 559 -15.75 22.69 -59.36
C ARG B 559 -16.22 21.24 -59.39
N MET B 560 -17.53 21.00 -59.31
CA MET B 560 -18.05 19.65 -59.36
C MET B 560 -18.10 19.13 -60.78
N LEU B 561 -17.40 18.03 -61.08
CA LEU B 561 -17.43 17.35 -62.36
C LEU B 561 -18.33 16.14 -62.22
N GLY B 562 -19.60 16.39 -61.87
CA GLY B 562 -20.56 15.34 -61.60
C GLY B 562 -20.49 14.96 -60.12
N ASP B 563 -19.90 13.81 -59.81
CA ASP B 563 -19.80 13.28 -58.46
C ASP B 563 -18.42 13.36 -57.83
N VAL B 564 -17.45 13.98 -58.51
CA VAL B 564 -16.11 14.24 -58.01
C VAL B 564 -15.83 15.74 -58.12
N MET B 565 -14.81 16.21 -57.41
CA MET B 565 -14.49 17.62 -57.35
C MET B 565 -13.14 17.93 -57.99
N ALA B 566 -13.12 18.73 -59.05
CA ALA B 566 -11.91 19.18 -59.70
C ALA B 566 -11.31 20.30 -58.89
N VAL B 567 -9.98 20.37 -58.75
CA VAL B 567 -9.30 21.37 -57.95
C VAL B 567 -8.09 21.98 -58.65
N SER B 568 -7.70 23.18 -58.24
CA SER B 568 -6.55 23.90 -58.75
C SER B 568 -6.03 24.89 -57.72
N THR B 569 -4.73 24.91 -57.45
CA THR B 569 -4.16 25.77 -56.44
C THR B 569 -4.22 27.25 -56.83
N CYS B 570 -4.71 28.10 -55.93
CA CYS B 570 -4.78 29.54 -56.15
C CYS B 570 -3.43 30.17 -55.90
N VAL B 571 -3.06 31.20 -56.66
CA VAL B 571 -1.79 31.89 -56.50
C VAL B 571 -1.93 33.04 -55.49
N PRO B 572 -1.05 33.16 -54.50
CA PRO B 572 -1.12 34.23 -53.54
C PRO B 572 -0.80 35.60 -54.12
N VAL B 573 -1.30 36.65 -53.47
CA VAL B 573 -1.11 38.04 -53.81
C VAL B 573 -0.94 38.82 -52.52
N ALA B 574 0.13 39.61 -52.39
CA ALA B 574 0.36 40.40 -51.20
C ALA B 574 -0.69 41.51 -51.08
N PRO B 575 -1.19 41.81 -49.88
CA PRO B 575 -2.21 42.82 -49.68
C PRO B 575 -1.81 44.21 -50.14
N ASP B 576 -0.51 44.53 -50.15
CA ASP B 576 0.01 45.80 -50.59
C ASP B 576 -0.22 46.07 -52.07
N ASN B 577 -0.33 45.03 -52.88
CA ASN B 577 -0.53 45.10 -54.32
C ASN B 577 -1.98 45.12 -54.75
N VAL B 578 -2.91 45.48 -53.85
CA VAL B 578 -4.34 45.50 -54.09
C VAL B 578 -4.94 46.87 -53.77
N ILE B 579 -5.82 47.36 -54.64
CA ILE B 579 -6.51 48.64 -54.52
C ILE B 579 -7.97 48.46 -54.89
N VAL B 580 -8.90 48.89 -54.04
CA VAL B 580 -10.32 48.81 -54.25
C VAL B 580 -10.87 50.07 -54.90
N GLN B 581 -11.83 49.94 -55.82
CA GLN B 581 -12.45 51.07 -56.48
C GLN B 581 -13.52 51.71 -55.60
N ASN B 582 -13.72 53.03 -55.72
CA ASN B 582 -14.63 53.79 -54.90
C ASN B 582 -16.12 53.61 -55.17
N SER B 583 -16.52 52.97 -56.28
CA SER B 583 -17.90 52.80 -56.65
C SER B 583 -18.23 51.44 -57.26
N MET B 584 -19.46 51.00 -57.02
CA MET B 584 -20.06 49.76 -57.48
C MET B 584 -21.16 50.00 -58.50
N ARG B 585 -21.36 51.23 -58.99
CA ARG B 585 -22.36 51.54 -60.00
C ARG B 585 -21.80 51.30 -61.39
N VAL B 586 -22.60 50.71 -62.28
CA VAL B 586 -22.20 50.46 -63.66
C VAL B 586 -22.53 51.69 -64.50
N SER B 587 -21.55 52.58 -64.69
CA SER B 587 -21.69 53.81 -65.44
C SER B 587 -22.21 53.60 -66.86
N SER B 588 -21.85 52.48 -67.49
CA SER B 588 -22.25 52.12 -68.84
C SER B 588 -23.73 51.76 -69.00
N ARG B 589 -24.43 51.42 -67.91
CA ARG B 589 -25.82 51.04 -67.91
C ARG B 589 -26.48 51.36 -66.56
N PRO B 590 -26.84 52.62 -66.32
CA PRO B 590 -27.47 53.06 -65.09
C PRO B 590 -28.67 52.22 -64.68
N GLY B 591 -28.86 52.06 -63.37
CA GLY B 591 -29.87 51.21 -62.79
C GLY B 591 -29.35 49.81 -62.44
N THR B 592 -28.15 49.46 -62.90
CA THR B 592 -27.44 48.22 -62.61
C THR B 592 -26.15 48.52 -61.88
N CYS B 593 -25.81 47.65 -60.93
CA CYS B 593 -24.68 47.75 -60.03
C CYS B 593 -23.95 46.42 -59.90
N TYR B 594 -22.68 46.47 -59.47
CA TYR B 594 -21.89 45.29 -59.19
C TYR B 594 -22.28 44.72 -57.83
N SER B 595 -22.39 43.40 -57.70
CA SER B 595 -22.79 42.77 -56.46
C SER B 595 -21.73 42.86 -55.37
N ARG B 596 -20.45 42.79 -55.76
CA ARG B 596 -19.29 42.87 -54.89
C ARG B 596 -18.34 43.94 -55.41
N PRO B 597 -17.49 44.55 -54.58
CA PRO B 597 -16.61 45.62 -54.98
C PRO B 597 -15.69 45.33 -56.16
N LEU B 598 -15.44 46.36 -56.98
CA LEU B 598 -14.48 46.26 -58.06
C LEU B 598 -13.10 46.45 -57.44
N VAL B 599 -12.10 45.75 -57.99
CA VAL B 599 -10.75 45.77 -57.46
C VAL B 599 -9.71 45.80 -58.58
N SER B 600 -8.54 46.34 -58.25
CA SER B 600 -7.37 46.47 -59.11
C SER B 600 -6.17 45.91 -58.37
N PHE B 601 -5.34 45.11 -59.03
CA PHE B 601 -4.20 44.48 -58.38
C PHE B 601 -3.09 44.09 -59.35
N ARG B 602 -1.93 43.71 -58.81
CA ARG B 602 -0.78 43.24 -59.57
C ARG B 602 -0.15 42.04 -58.89
N TYR B 603 0.31 41.05 -59.67
CA TYR B 603 0.91 39.85 -59.14
C TYR B 603 2.23 40.07 -58.42
N GLU B 604 3.04 41.02 -58.88
CA GLU B 604 4.34 41.37 -58.34
C GLU B 604 4.38 42.84 -57.97
N ASP B 605 5.31 43.25 -57.10
CA ASP B 605 5.47 44.61 -56.61
C ASP B 605 5.64 45.67 -57.69
N GLN B 606 6.08 45.26 -58.89
CA GLN B 606 6.23 46.07 -60.08
C GLN B 606 5.85 45.18 -61.26
N GLY B 607 4.86 45.64 -62.04
CA GLY B 607 4.33 44.92 -63.18
C GLY B 607 2.99 45.49 -63.64
N PRO B 608 2.34 44.84 -64.62
CA PRO B 608 1.07 45.29 -65.15
C PRO B 608 -0.03 45.24 -64.08
N LEU B 609 -1.01 46.14 -64.22
CA LEU B 609 -2.14 46.26 -63.33
C LEU B 609 -3.36 45.59 -63.94
N ILE B 610 -3.96 44.65 -63.21
CA ILE B 610 -5.11 43.85 -63.62
C ILE B 610 -6.38 44.33 -62.92
N GLU B 611 -7.45 44.47 -63.70
CA GLU B 611 -8.77 44.86 -63.21
C GLU B 611 -9.63 43.61 -62.99
N GLY B 612 -10.25 43.50 -61.81
CA GLY B 612 -11.09 42.39 -61.42
C GLY B 612 -12.19 42.75 -60.43
N GLN B 613 -12.79 41.74 -59.81
CA GLN B 613 -13.85 41.90 -58.83
C GLN B 613 -13.56 41.08 -57.58
N LEU B 614 -13.92 41.64 -56.42
CA LEU B 614 -13.69 41.00 -55.14
C LEU B 614 -14.59 39.79 -54.97
N GLY B 615 -14.00 38.62 -54.70
CA GLY B 615 -14.70 37.38 -54.45
C GLY B 615 -14.86 37.13 -52.96
N GLU B 616 -15.20 35.88 -52.60
CA GLU B 616 -15.35 35.46 -51.22
C GLU B 616 -14.00 35.30 -50.54
N ASN B 617 -13.91 35.67 -49.26
CA ASN B 617 -12.74 35.48 -48.43
C ASN B 617 -11.40 35.82 -49.09
N ASN B 618 -11.22 37.07 -49.52
CA ASN B 618 -10.03 37.57 -50.17
C ASN B 618 -9.68 36.97 -51.53
N GLU B 619 -10.63 36.30 -52.20
CA GLU B 619 -10.41 35.83 -53.55
C GLU B 619 -10.50 37.01 -54.52
N LEU B 620 -9.66 37.03 -55.55
CA LEU B 620 -9.65 38.06 -56.58
C LEU B 620 -10.06 37.41 -57.90
N ARG B 621 -11.21 37.80 -58.45
CA ARG B 621 -11.72 37.28 -59.70
C ARG B 621 -11.28 38.16 -60.87
N LEU B 622 -10.92 37.52 -61.98
CA LEU B 622 -10.45 38.18 -63.19
C LEU B 622 -11.54 38.72 -64.10
N THR B 623 -12.81 38.62 -63.70
CA THR B 623 -13.95 39.07 -64.48
C THR B 623 -14.93 39.86 -63.62
N ARG B 624 -15.45 40.96 -64.16
CA ARG B 624 -16.41 41.84 -63.52
C ARG B 624 -17.82 41.49 -63.96
N ASP B 625 -18.26 40.26 -63.66
CA ASP B 625 -19.55 39.72 -64.05
C ASP B 625 -20.62 39.67 -62.97
N ALA B 626 -20.30 39.83 -61.68
CA ALA B 626 -21.31 39.81 -60.64
C ALA B 626 -22.04 41.14 -60.60
N LEU B 627 -23.29 41.11 -61.07
CA LEU B 627 -24.19 42.25 -61.23
C LEU B 627 -25.56 42.03 -60.61
N GLU B 628 -26.24 43.14 -60.30
CA GLU B 628 -27.56 43.21 -59.72
C GLU B 628 -28.25 44.54 -60.03
N PRO B 629 -29.57 44.64 -59.92
CA PRO B 629 -30.25 45.91 -60.06
C PRO B 629 -29.96 46.76 -58.84
N CYS B 630 -29.64 48.05 -59.00
CA CYS B 630 -29.35 48.92 -57.88
C CYS B 630 -30.61 49.16 -57.04
N THR B 631 -30.50 49.06 -55.71
CA THR B 631 -31.60 49.27 -54.79
C THR B 631 -31.29 50.29 -53.70
N VAL B 632 -32.33 50.93 -53.16
CA VAL B 632 -32.23 51.91 -52.10
C VAL B 632 -31.94 51.23 -50.76
N GLY B 633 -31.19 51.89 -49.89
CA GLY B 633 -30.82 51.39 -48.58
C GLY B 633 -29.69 50.37 -48.60
N HIS B 634 -28.95 50.29 -49.71
CA HIS B 634 -27.83 49.39 -49.88
C HIS B 634 -26.73 49.67 -48.88
N ARG B 635 -26.39 48.67 -48.05
CA ARG B 635 -25.35 48.66 -47.05
C ARG B 635 -24.66 47.30 -47.10
N ARG B 636 -23.33 47.24 -47.14
CA ARG B 636 -22.61 45.99 -47.24
C ARG B 636 -21.23 46.06 -46.60
N TYR B 637 -20.78 44.94 -46.04
CA TYR B 637 -19.45 44.75 -45.48
C TYR B 637 -18.83 43.59 -46.23
N PHE B 638 -17.62 43.74 -46.77
CA PHE B 638 -16.94 42.69 -47.50
C PHE B 638 -15.59 42.39 -46.86
N ILE B 639 -15.17 41.13 -46.83
CA ILE B 639 -13.88 40.76 -46.27
C ILE B 639 -12.79 41.38 -47.14
N PHE B 640 -11.84 42.08 -46.50
CA PHE B 640 -10.75 42.76 -47.16
C PHE B 640 -9.53 42.68 -46.25
N GLY B 641 -8.56 41.84 -46.62
CA GLY B 641 -7.38 41.58 -45.81
C GLY B 641 -7.80 40.96 -44.49
N GLY B 642 -7.19 41.35 -43.37
CA GLY B 642 -7.54 40.88 -42.04
C GLY B 642 -8.70 41.64 -41.41
N GLY B 643 -9.51 42.33 -42.21
CA GLY B 643 -10.65 43.11 -41.77
C GLY B 643 -11.76 43.16 -42.82
N TYR B 644 -12.56 44.22 -42.79
CA TYR B 644 -13.68 44.45 -43.68
C TYR B 644 -13.62 45.80 -44.37
N VAL B 645 -14.37 45.95 -45.46
CA VAL B 645 -14.54 47.20 -46.18
C VAL B 645 -16.05 47.44 -46.31
N TYR B 646 -16.50 48.60 -45.81
CA TYR B 646 -17.90 48.99 -45.79
C TYR B 646 -18.28 49.86 -46.98
N PHE B 647 -19.49 49.63 -47.51
CA PHE B 647 -20.08 50.33 -48.64
C PHE B 647 -21.51 50.74 -48.34
N GLU B 648 -21.92 51.89 -48.88
CA GLU B 648 -23.26 52.44 -48.75
C GLU B 648 -23.71 53.04 -50.08
N GLU B 649 -24.93 52.76 -50.50
CA GLU B 649 -25.51 53.25 -51.74
C GLU B 649 -24.58 53.06 -52.93
N TYR B 650 -23.92 51.91 -52.98
CA TYR B 650 -22.97 51.49 -53.99
C TYR B 650 -21.69 52.30 -54.06
N ALA B 651 -21.32 52.98 -52.98
CA ALA B 651 -20.11 53.78 -52.87
C ALA B 651 -19.32 53.42 -51.61
N TYR B 652 -17.99 53.47 -51.72
CA TYR B 652 -17.07 53.17 -50.63
C TYR B 652 -17.31 54.06 -49.42
N SER B 653 -17.13 53.55 -48.21
CA SER B 653 -17.25 54.29 -46.98
C SER B 653 -15.96 54.27 -46.17
N HIS B 654 -15.57 53.14 -45.60
CA HIS B 654 -14.36 52.99 -44.80
C HIS B 654 -14.02 51.53 -44.52
N GLN B 655 -12.79 51.27 -44.08
CA GLN B 655 -12.34 49.94 -43.68
C GLN B 655 -12.47 49.77 -42.17
N LEU B 656 -12.64 48.53 -41.71
CA LEU B 656 -12.78 48.14 -40.32
C LEU B 656 -11.90 46.94 -40.00
N SER B 657 -11.49 46.82 -38.74
CA SER B 657 -10.80 45.65 -38.24
C SER B 657 -11.85 44.65 -37.79
N ARG B 658 -11.53 43.36 -37.68
CA ARG B 658 -12.51 42.40 -37.19
C ARG B 658 -12.99 42.73 -35.79
N ALA B 659 -12.15 43.29 -34.93
CA ALA B 659 -12.52 43.66 -33.57
C ALA B 659 -13.64 44.69 -33.48
N ASP B 660 -13.91 45.45 -34.55
CA ASP B 660 -14.96 46.44 -34.60
C ASP B 660 -16.36 45.87 -34.75
N VAL B 661 -16.49 44.59 -35.13
CA VAL B 661 -17.73 43.88 -35.33
C VAL B 661 -18.01 42.94 -34.17
N THR B 662 -19.28 42.79 -33.78
CA THR B 662 -19.67 41.90 -32.69
C THR B 662 -19.43 40.45 -33.06
N THR B 663 -18.75 39.69 -32.21
CA THR B 663 -18.44 38.29 -32.48
C THR B 663 -19.33 37.34 -31.70
N VAL B 664 -19.86 36.32 -32.38
CA VAL B 664 -20.61 35.23 -31.80
C VAL B 664 -19.89 33.93 -32.16
N SER B 665 -19.93 32.93 -31.27
CA SER B 665 -19.21 31.70 -31.51
C SER B 665 -20.09 30.53 -31.93
N THR B 666 -19.61 29.78 -32.93
CA THR B 666 -20.21 28.54 -33.37
C THR B 666 -19.53 27.36 -32.68
N PHE B 667 -18.55 27.59 -31.81
CA PHE B 667 -17.80 26.55 -31.12
C PHE B 667 -18.42 26.17 -29.79
N ILE B 668 -18.43 24.86 -29.50
CA ILE B 668 -18.88 24.32 -28.24
C ILE B 668 -17.62 24.21 -27.38
N ASP B 669 -17.61 24.83 -26.20
CA ASP B 669 -16.46 24.79 -25.33
C ASP B 669 -16.32 23.47 -24.58
N LEU B 670 -15.08 23.02 -24.36
CA LEU B 670 -14.73 21.83 -23.61
C LEU B 670 -13.44 22.16 -22.88
N ASN B 671 -13.52 22.37 -21.56
CA ASN B 671 -12.38 22.75 -20.77
C ASN B 671 -11.78 21.55 -20.03
N ILE B 672 -10.89 20.81 -20.70
CA ILE B 672 -10.19 19.69 -20.11
C ILE B 672 -8.89 20.18 -19.47
N THR B 673 -8.61 19.74 -18.24
CA THR B 673 -7.41 20.08 -17.50
C THR B 673 -6.69 18.81 -17.06
N MET B 674 -5.36 18.82 -17.10
CA MET B 674 -4.53 17.69 -16.74
C MET B 674 -4.56 17.40 -15.25
N LEU B 675 -4.45 16.11 -14.90
CA LEU B 675 -4.31 15.65 -13.53
C LEU B 675 -2.89 15.99 -13.12
N GLU B 676 -2.72 16.83 -12.10
CA GLU B 676 -1.42 17.29 -11.66
C GLU B 676 -0.58 16.22 -10.96
N ASP B 677 0.74 16.45 -10.94
CA ASP B 677 1.68 15.56 -10.27
C ASP B 677 1.42 15.53 -8.78
N HIS B 678 1.76 14.41 -8.14
CA HIS B 678 1.59 14.21 -6.72
C HIS B 678 2.75 13.40 -6.16
N GLU B 679 3.31 13.77 -5.01
CA GLU B 679 4.42 13.07 -4.40
C GLU B 679 3.98 12.32 -3.15
N PHE B 680 4.19 11.01 -3.12
CA PHE B 680 3.88 10.20 -1.97
C PHE B 680 5.10 10.12 -1.07
N VAL B 681 5.02 10.62 0.17
CA VAL B 681 6.10 10.54 1.12
C VAL B 681 6.08 9.22 1.88
N PRO B 682 7.19 8.73 2.44
CA PRO B 682 7.19 7.54 3.26
C PRO B 682 6.35 7.80 4.51
N LEU B 683 5.52 6.84 4.91
CA LEU B 683 4.65 6.99 6.07
C LEU B 683 4.44 5.65 6.75
N GLU B 684 4.65 5.59 8.07
CA GLU B 684 4.51 4.40 8.88
C GLU B 684 3.78 4.73 10.18
N VAL B 685 2.90 3.84 10.65
CA VAL B 685 2.22 4.05 11.91
C VAL B 685 3.23 3.85 13.04
N TYR B 686 4.00 2.76 12.98
CA TYR B 686 5.04 2.44 13.94
C TYR B 686 6.29 2.00 13.18
N THR B 687 7.41 2.68 13.42
CA THR B 687 8.69 2.28 12.83
C THR B 687 9.15 0.97 13.47
N ARG B 688 10.03 0.22 12.83
CA ARG B 688 10.50 -1.01 13.44
C ARG B 688 11.23 -0.80 14.75
N HIS B 689 11.78 0.39 15.00
CA HIS B 689 12.40 0.72 16.26
C HIS B 689 11.35 0.85 17.36
N GLU B 690 10.20 1.45 17.09
CA GLU B 690 9.11 1.54 18.03
C GLU B 690 8.55 0.16 18.35
N ILE B 691 8.46 -0.73 17.35
CA ILE B 691 8.00 -2.08 17.56
C ILE B 691 8.97 -2.81 18.47
N LYS B 692 10.27 -2.72 18.21
CA LYS B 692 11.29 -3.36 19.03
C LYS B 692 11.25 -2.86 20.46
N ASP B 693 11.11 -1.55 20.65
CA ASP B 693 11.03 -0.90 21.95
C ASP B 693 9.72 -1.12 22.68
N SER B 694 8.66 -1.65 22.05
CA SER B 694 7.40 -1.87 22.71
C SER B 694 7.45 -2.97 23.75
N GLY B 695 8.42 -3.87 23.70
CA GLY B 695 8.61 -4.94 24.67
C GLY B 695 9.14 -4.38 25.98
N LEU B 696 8.64 -4.86 27.12
CA LEU B 696 9.05 -4.36 28.42
C LEU B 696 10.52 -4.64 28.72
N LEU B 697 10.98 -5.88 28.54
CA LEU B 697 12.36 -6.27 28.69
C LEU B 697 12.95 -6.77 27.36
N ASP B 698 14.22 -6.45 27.11
CA ASP B 698 14.94 -6.91 25.94
C ASP B 698 16.04 -7.86 26.44
N TYR B 699 15.92 -9.15 26.10
CA TYR B 699 16.88 -10.15 26.54
C TYR B 699 18.33 -9.82 26.18
N THR B 700 18.58 -9.27 24.99
CA THR B 700 19.92 -8.92 24.57
C THR B 700 20.52 -7.84 25.48
N GLU B 701 19.76 -6.79 25.79
CA GLU B 701 20.25 -5.70 26.62
C GLU B 701 20.45 -6.14 28.06
N VAL B 702 19.56 -6.96 28.60
CA VAL B 702 19.70 -7.46 29.96
C VAL B 702 20.95 -8.33 30.06
N GLN B 703 21.18 -9.25 29.12
CA GLN B 703 22.35 -10.09 29.16
C GLN B 703 23.64 -9.28 28.97
N ARG B 704 23.66 -8.33 28.03
CA ARG B 704 24.84 -7.51 27.82
C ARG B 704 25.24 -6.79 29.10
N ARG B 705 24.24 -6.21 29.79
CA ARG B 705 24.45 -5.47 31.02
C ARG B 705 24.85 -6.37 32.17
N ASN B 706 24.19 -7.51 32.36
CA ASN B 706 24.50 -8.39 33.47
C ASN B 706 25.86 -9.07 33.33
N GLN B 707 26.30 -9.40 32.12
CA GLN B 707 27.59 -10.04 31.92
C GLN B 707 28.75 -9.08 32.04
N LEU B 708 28.51 -7.77 32.05
CA LEU B 708 29.52 -6.74 32.28
C LEU B 708 29.77 -6.53 33.77
N HIS B 709 28.97 -7.12 34.67
CA HIS B 709 29.08 -6.90 36.09
C HIS B 709 30.49 -7.06 36.66
N ASP B 710 31.19 -8.15 36.36
CA ASP B 710 32.53 -8.34 36.87
C ASP B 710 33.55 -7.38 36.27
N LEU B 711 33.39 -6.99 35.00
CA LEU B 711 34.28 -6.04 34.36
C LEU B 711 34.11 -4.64 34.93
N ARG B 712 32.95 -4.30 35.51
CA ARG B 712 32.64 -3.02 36.10
C ARG B 712 32.94 -2.95 37.60
N PHE B 713 32.45 -3.92 38.38
CA PHE B 713 32.52 -3.92 39.82
C PHE B 713 33.53 -4.85 40.47
N ALA B 714 34.29 -5.65 39.71
CA ALA B 714 35.28 -6.56 40.26
C ALA B 714 36.60 -6.45 39.52
N ASP B 715 37.54 -7.33 39.85
CA ASP B 715 38.84 -7.46 39.22
C ASP B 715 39.00 -8.91 38.80
N ILE B 716 38.92 -9.18 37.49
CA ILE B 716 39.00 -10.52 36.96
C ILE B 716 40.42 -11.01 36.72
N ASP B 717 41.46 -10.22 37.02
CA ASP B 717 42.84 -10.58 36.72
C ASP B 717 43.76 -10.75 37.92
N THR B 718 43.60 -9.95 38.98
CA THR B 718 44.48 -10.04 40.14
C THR B 718 44.37 -11.36 40.87
N VAL B 719 45.51 -11.96 41.25
CA VAL B 719 45.60 -13.18 42.03
C VAL B 719 46.32 -12.87 43.33
N ILE B 720 45.86 -13.46 44.44
CA ILE B 720 46.37 -13.25 45.77
C ILE B 720 46.92 -14.55 46.37
N ASN C 103 -52.88 22.51 -28.97
CA ASN C 103 -51.46 22.56 -28.58
C ASN C 103 -51.18 23.76 -27.69
N ALA C 104 -50.87 24.93 -28.25
CA ALA C 104 -50.63 26.18 -27.54
C ALA C 104 -49.65 26.17 -26.38
N ASP C 105 -48.64 25.29 -26.41
CA ASP C 105 -47.62 25.09 -25.41
C ASP C 105 -46.23 25.62 -25.77
N ALA C 106 -46.14 26.53 -26.75
CA ALA C 106 -44.91 27.16 -27.19
C ALA C 106 -45.18 28.54 -27.78
N GLN C 107 -44.23 29.48 -27.62
CA GLN C 107 -44.34 30.84 -28.09
C GLN C 107 -44.26 31.02 -29.60
N PHE C 108 -44.94 32.03 -30.11
CA PHE C 108 -44.86 32.48 -31.49
C PHE C 108 -43.98 33.72 -31.51
N TYR C 109 -43.50 34.13 -32.69
CA TYR C 109 -42.62 35.27 -32.80
C TYR C 109 -42.86 36.08 -34.08
N VAL C 110 -42.85 37.41 -33.95
CA VAL C 110 -42.91 38.35 -35.04
C VAL C 110 -41.52 38.99 -35.10
N CYS C 111 -40.89 39.01 -36.28
CA CYS C 111 -39.58 39.58 -36.42
C CYS C 111 -39.54 40.69 -37.46
N PRO C 112 -39.12 41.90 -37.08
CA PRO C 112 -39.00 42.99 -38.03
C PRO C 112 -37.85 42.73 -38.99
N PRO C 113 -37.84 43.30 -40.19
CA PRO C 113 -36.73 43.15 -41.12
C PRO C 113 -35.48 43.74 -40.51
N PRO C 114 -34.34 43.03 -40.49
CA PRO C 114 -33.12 43.57 -39.93
C PRO C 114 -32.58 44.75 -40.72
N THR C 115 -31.77 45.55 -40.03
CA THR C 115 -31.09 46.72 -40.55
C THR C 115 -29.66 46.74 -40.02
N GLY C 116 -28.74 47.46 -40.68
CA GLY C 116 -27.35 47.55 -40.31
C GLY C 116 -27.01 48.09 -38.92
N ALA C 117 -28.00 48.37 -38.07
CA ALA C 117 -27.82 48.85 -36.72
C ALA C 117 -27.05 47.87 -35.85
N THR C 118 -27.22 46.56 -36.08
CA THR C 118 -26.53 45.51 -35.36
C THR C 118 -26.08 44.43 -36.32
N VAL C 119 -24.77 44.19 -36.39
CA VAL C 119 -24.17 43.18 -37.25
C VAL C 119 -23.24 42.29 -36.44
N VAL C 120 -23.15 41.01 -36.82
CA VAL C 120 -22.32 40.02 -36.18
C VAL C 120 -21.51 39.20 -37.18
N GLN C 121 -20.43 38.62 -36.66
CA GLN C 121 -19.52 37.74 -37.38
C GLN C 121 -19.27 36.50 -36.54
N PHE C 122 -18.87 35.39 -37.17
CA PHE C 122 -18.51 34.19 -36.43
C PHE C 122 -17.06 34.26 -35.97
N GLU C 123 -16.79 33.73 -34.78
CA GLU C 123 -15.44 33.62 -34.25
C GLU C 123 -14.57 32.81 -35.20
N GLN C 124 -13.39 33.29 -35.56
CA GLN C 124 -12.49 32.59 -36.45
C GLN C 124 -11.80 31.41 -35.77
N PRO C 125 -11.25 30.44 -36.51
CA PRO C 125 -10.64 29.26 -35.95
C PRO C 125 -9.65 29.53 -34.82
N ARG C 126 -9.79 28.80 -33.70
CA ARG C 126 -8.93 28.90 -32.55
C ARG C 126 -7.64 28.13 -32.78
N ARG C 127 -6.52 28.55 -32.17
CA ARG C 127 -5.27 27.82 -32.27
C ARG C 127 -5.41 26.61 -31.36
N CYS C 128 -5.35 25.40 -31.90
CA CYS C 128 -5.52 24.21 -31.08
C CYS C 128 -4.31 23.91 -30.22
N PRO C 129 -4.52 23.36 -29.01
CA PRO C 129 -3.41 23.00 -28.14
C PRO C 129 -2.56 21.93 -28.80
N THR C 130 -1.29 21.83 -28.44
CA THR C 130 -0.38 20.82 -28.97
C THR C 130 -0.31 19.64 -28.03
N ARG C 131 -0.16 18.43 -28.58
CA ARG C 131 0.02 17.21 -27.82
C ARG C 131 1.33 17.39 -27.06
N PRO C 132 1.35 17.42 -25.72
CA PRO C 132 2.58 17.66 -24.99
C PRO C 132 3.67 16.66 -25.30
N GLU C 133 4.93 17.10 -25.27
CA GLU C 133 6.08 16.26 -25.55
C GLU C 133 6.21 15.16 -24.50
N GLY C 134 6.39 13.92 -24.94
CA GLY C 134 6.54 12.77 -24.06
C GLY C 134 7.81 12.83 -23.22
N GLN C 135 7.76 12.29 -22.00
CA GLN C 135 8.88 12.28 -21.09
C GLN C 135 10.02 11.43 -21.63
N ASN C 136 11.24 11.97 -21.66
CA ASN C 136 12.41 11.21 -22.08
C ASN C 136 12.88 10.32 -20.95
N TYR C 137 13.20 9.06 -21.27
CA TYR C 137 13.67 8.05 -20.34
C TYR C 137 15.03 7.51 -20.75
N THR C 138 15.99 7.51 -19.82
CA THR C 138 17.26 6.85 -20.01
C THR C 138 17.03 5.39 -19.62
N GLU C 139 17.40 4.43 -20.48
CA GLU C 139 17.31 3.03 -20.12
C GLU C 139 18.54 2.66 -19.29
N GLY C 140 18.39 1.77 -18.31
CA GLY C 140 19.53 1.36 -17.51
C GLY C 140 19.25 0.13 -16.67
N ILE C 141 20.33 -0.37 -16.04
CA ILE C 141 20.31 -1.49 -15.13
C ILE C 141 20.50 -0.88 -13.75
N ALA C 142 19.86 -1.44 -12.72
CA ALA C 142 20.00 -0.92 -11.38
C ALA C 142 20.08 -2.01 -10.33
N VAL C 143 20.68 -1.67 -9.20
CA VAL C 143 20.80 -2.51 -8.03
C VAL C 143 20.38 -1.62 -6.88
N VAL C 144 19.33 -1.99 -6.13
CA VAL C 144 18.84 -1.22 -5.02
C VAL C 144 19.32 -1.83 -3.72
N PHE C 145 19.94 -1.00 -2.85
CA PHE C 145 20.44 -1.40 -1.56
C PHE C 145 19.61 -0.78 -0.45
N LYS C 146 19.45 -1.52 0.66
CA LYS C 146 18.74 -1.12 1.85
C LYS C 146 19.68 -1.16 3.04
N GLU C 147 19.33 -0.49 4.14
CA GLU C 147 20.08 -0.52 5.38
C GLU C 147 20.19 -1.95 5.87
N ASN C 148 21.39 -2.40 6.25
CA ASN C 148 21.59 -3.75 6.75
C ASN C 148 21.14 -3.87 8.20
N ILE C 149 20.24 -4.81 8.49
CA ILE C 149 19.77 -5.08 9.83
C ILE C 149 20.24 -6.44 10.35
N ALA C 150 20.80 -7.30 9.49
CA ALA C 150 21.27 -8.61 9.86
C ALA C 150 22.61 -8.54 10.59
N PRO C 151 22.82 -9.31 11.66
CA PRO C 151 24.11 -9.34 12.33
C PRO C 151 25.16 -10.02 11.48
N TYR C 152 26.44 -9.71 11.75
CA TYR C 152 27.56 -10.40 11.15
C TYR C 152 27.62 -11.77 11.81
N LYS C 153 27.70 -12.85 11.03
CA LYS C 153 27.70 -14.22 11.52
C LYS C 153 29.01 -14.92 11.18
N PHE C 154 29.55 -15.67 12.13
CA PHE C 154 30.78 -16.42 11.96
C PHE C 154 30.83 -17.63 12.87
N LYS C 155 31.69 -18.60 12.58
CA LYS C 155 31.84 -19.81 13.37
C LYS C 155 32.89 -19.59 14.46
N ALA C 156 32.63 -20.11 15.66
CA ALA C 156 33.56 -20.06 16.77
C ALA C 156 33.55 -21.40 17.51
N THR C 157 34.54 -21.63 18.36
CA THR C 157 34.66 -22.85 19.13
C THR C 157 34.93 -22.49 20.59
N MET C 158 34.13 -23.03 21.53
CA MET C 158 34.33 -22.81 22.95
C MET C 158 35.08 -24.00 23.55
N TYR C 159 35.97 -23.73 24.51
CA TYR C 159 36.73 -24.70 25.25
C TYR C 159 36.60 -24.35 26.73
N TYR C 160 35.95 -25.21 27.52
CA TYR C 160 35.79 -24.98 28.94
C TYR C 160 35.69 -26.32 29.67
N LYS C 161 35.86 -26.30 30.99
CA LYS C 161 35.73 -27.49 31.81
C LYS C 161 34.58 -27.26 32.79
N ASP C 162 33.59 -28.17 32.78
CA ASP C 162 32.50 -28.15 33.73
C ASP C 162 33.06 -28.74 35.01
N VAL C 163 33.35 -27.90 36.00
CA VAL C 163 33.86 -28.32 37.29
C VAL C 163 32.69 -28.41 38.25
N THR C 164 32.50 -29.55 38.91
CA THR C 164 31.42 -29.76 39.85
C THR C 164 31.94 -30.34 41.15
N VAL C 165 31.66 -29.71 42.29
CA VAL C 165 32.02 -30.22 43.60
C VAL C 165 30.73 -30.49 44.35
N SER C 166 30.41 -31.75 44.62
CA SER C 166 29.22 -32.10 45.39
C SER C 166 29.62 -32.39 46.82
N GLN C 167 28.75 -32.03 47.76
CA GLN C 167 28.93 -32.31 49.18
C GLN C 167 27.77 -33.24 49.56
N VAL C 168 28.09 -34.44 50.06
CA VAL C 168 27.08 -35.42 50.40
C VAL C 168 27.12 -35.76 51.87
N TRP C 169 25.94 -35.87 52.49
CA TRP C 169 25.75 -36.31 53.86
C TRP C 169 25.27 -37.75 53.82
N PHE C 170 25.87 -38.64 54.61
CA PHE C 170 25.50 -40.03 54.68
C PHE C 170 24.74 -40.36 55.95
N GLY C 171 23.41 -40.14 55.94
CA GLY C 171 22.56 -40.47 57.06
C GLY C 171 22.32 -41.97 57.13
N HIS C 172 21.59 -42.44 58.16
CA HIS C 172 21.31 -43.85 58.27
C HIS C 172 20.29 -44.28 57.21
N ARG C 173 20.72 -45.16 56.30
CA ARG C 173 19.94 -45.69 55.19
C ARG C 173 19.54 -44.71 54.09
N TYR C 174 20.10 -43.50 54.05
CA TYR C 174 19.85 -42.53 53.00
C TYR C 174 21.03 -41.59 52.83
N SER C 175 21.20 -41.05 51.62
CA SER C 175 22.24 -40.09 51.28
C SER C 175 21.58 -38.79 50.85
N GLN C 176 22.19 -37.63 51.08
CA GLN C 176 21.61 -36.36 50.71
C GLN C 176 22.64 -35.34 50.27
N PHE C 177 22.40 -34.62 49.16
CA PHE C 177 23.29 -33.56 48.77
C PHE C 177 23.09 -32.36 49.70
N MET C 178 24.16 -31.90 50.35
CA MET C 178 24.14 -30.71 51.17
C MET C 178 24.46 -29.49 50.33
N GLY C 179 25.05 -29.68 49.15
CA GLY C 179 25.39 -28.61 48.22
C GLY C 179 26.02 -29.19 46.97
N ILE C 180 25.88 -28.47 45.85
CA ILE C 180 26.47 -28.83 44.58
C ILE C 180 26.99 -27.53 43.97
N PHE C 181 28.30 -27.32 44.02
CA PHE C 181 28.94 -26.15 43.45
C PHE C 181 29.27 -26.45 42.00
N GLU C 182 28.78 -25.64 41.06
CA GLU C 182 29.01 -25.82 39.63
C GLU C 182 29.70 -24.59 39.05
N ASP C 183 30.75 -24.79 38.27
CA ASP C 183 31.51 -23.71 37.65
C ASP C 183 32.02 -24.11 36.29
N ARG C 184 32.29 -23.13 35.42
CA ARG C 184 32.87 -23.32 34.11
C ARG C 184 34.25 -22.67 34.16
N ALA C 185 35.30 -23.46 33.90
CA ALA C 185 36.66 -22.96 33.90
C ALA C 185 37.19 -22.88 32.48
N PRO C 186 37.93 -21.83 32.10
CA PRO C 186 38.51 -21.76 30.77
C PRO C 186 39.66 -22.74 30.61
N VAL C 187 39.86 -23.25 29.39
CA VAL C 187 40.99 -24.12 29.06
C VAL C 187 42.15 -23.22 28.66
N PRO C 188 43.36 -23.33 29.22
CA PRO C 188 44.47 -22.48 28.85
C PRO C 188 44.93 -22.66 27.41
N PHE C 189 45.58 -21.66 26.82
CA PHE C 189 46.07 -21.76 25.45
C PHE C 189 47.00 -22.93 25.22
N GLU C 190 47.92 -23.22 26.14
CA GLU C 190 48.84 -24.33 25.98
C GLU C 190 48.06 -25.64 25.80
N GLU C 191 46.94 -25.80 26.51
CA GLU C 191 46.13 -27.00 26.42
C GLU C 191 45.30 -27.02 25.15
N VAL C 192 44.72 -25.90 24.73
CA VAL C 192 43.96 -25.86 23.49
C VAL C 192 44.84 -26.21 22.31
N ILE C 193 46.08 -25.69 22.27
CA ILE C 193 47.00 -25.93 21.17
C ILE C 193 47.71 -27.27 21.26
N ASP C 194 48.38 -27.57 22.37
CA ASP C 194 49.21 -28.75 22.51
C ASP C 194 48.51 -30.04 22.93
N LYS C 195 47.29 -29.99 23.46
CA LYS C 195 46.56 -31.18 23.85
C LYS C 195 45.32 -31.39 23.00
N ILE C 196 44.42 -30.40 22.94
CA ILE C 196 43.18 -30.55 22.20
C ILE C 196 43.41 -30.55 20.70
N ASN C 197 43.97 -29.49 20.13
CA ASN C 197 44.17 -29.45 18.69
C ASN C 197 45.23 -30.44 18.22
N ALA C 198 46.27 -30.71 19.02
CA ALA C 198 47.31 -31.63 18.61
C ALA C 198 46.94 -33.10 18.69
N LYS C 199 46.25 -33.54 19.76
CA LYS C 199 45.99 -34.94 20.04
C LYS C 199 44.56 -35.31 20.38
N GLY C 200 43.64 -34.36 20.56
CA GLY C 200 42.27 -34.65 20.89
C GLY C 200 42.04 -35.13 22.31
N VAL C 201 42.84 -34.61 23.26
CA VAL C 201 42.77 -34.95 24.67
C VAL C 201 42.79 -33.70 25.54
N CYS C 202 42.35 -33.80 26.79
CA CYS C 202 42.41 -32.73 27.77
C CYS C 202 43.02 -33.27 29.06
N ARG C 203 43.66 -32.42 29.86
CA ARG C 203 44.12 -32.80 31.17
C ARG C 203 42.89 -33.03 32.04
N SER C 204 42.90 -34.01 32.93
CA SER C 204 41.79 -34.28 33.83
C SER C 204 41.70 -33.28 34.98
N THR C 205 42.50 -32.22 34.97
CA THR C 205 42.52 -31.17 35.96
C THR C 205 42.11 -29.82 35.37
N ALA C 206 41.59 -28.92 36.21
CA ALA C 206 41.24 -27.57 35.83
C ALA C 206 41.99 -26.64 36.78
N LYS C 207 42.86 -25.78 36.26
CA LYS C 207 43.64 -24.82 37.02
C LYS C 207 43.34 -23.46 36.43
N TYR C 208 42.67 -22.59 37.21
CA TYR C 208 42.19 -21.32 36.73
C TYR C 208 42.02 -20.30 37.85
N VAL C 209 41.80 -19.03 37.49
CA VAL C 209 41.60 -17.96 38.44
C VAL C 209 40.11 -17.68 38.58
N ARG C 210 39.61 -17.70 39.83
CA ARG C 210 38.23 -17.43 40.17
C ARG C 210 38.25 -16.61 41.46
N ASN C 211 37.46 -15.55 41.58
CA ASN C 211 37.40 -14.72 42.77
C ASN C 211 38.76 -14.34 43.31
N ASN C 212 39.69 -13.93 42.45
CA ASN C 212 41.04 -13.53 42.83
C ASN C 212 41.91 -14.61 43.45
N MET C 213 41.60 -15.89 43.25
CA MET C 213 42.35 -17.01 43.76
C MET C 213 42.67 -18.02 42.67
N GLU C 214 43.84 -18.66 42.74
CA GLU C 214 44.26 -19.71 41.84
C GLU C 214 43.68 -21.01 42.36
N THR C 215 42.59 -21.50 41.77
CA THR C 215 41.91 -22.71 42.17
C THR C 215 42.27 -23.87 41.25
N THR C 216 42.43 -25.07 41.82
CA THR C 216 42.78 -26.28 41.09
C THR C 216 41.81 -27.40 41.43
N ALA C 217 41.25 -28.07 40.44
CA ALA C 217 40.33 -29.18 40.62
C ALA C 217 40.83 -30.42 39.89
N PHE C 218 40.66 -31.61 40.46
CA PHE C 218 41.09 -32.87 39.87
C PHE C 218 39.89 -33.80 39.67
N HIS C 219 39.70 -34.36 38.48
CA HIS C 219 38.60 -35.28 38.25
C HIS C 219 38.72 -36.48 39.19
N ARG C 220 37.65 -36.79 39.92
CA ARG C 220 37.59 -37.88 40.89
C ARG C 220 38.60 -37.76 42.01
N ASP C 221 39.23 -36.58 42.16
CA ASP C 221 40.27 -36.33 43.13
C ASP C 221 41.50 -37.21 42.95
N ASP C 222 41.68 -37.79 41.75
CA ASP C 222 42.81 -38.61 41.36
C ASP C 222 43.94 -37.79 40.75
N HIS C 223 45.07 -38.41 40.43
CA HIS C 223 46.19 -37.76 39.77
C HIS C 223 45.82 -37.31 38.36
N GLU C 224 46.53 -36.30 37.83
CA GLU C 224 46.28 -35.80 36.49
C GLU C 224 46.59 -36.85 35.43
N THR C 225 45.70 -36.97 34.44
CA THR C 225 45.80 -37.86 33.30
C THR C 225 45.21 -37.17 32.07
N ASP C 226 45.60 -37.59 30.87
CA ASP C 226 45.06 -37.06 29.64
C ASP C 226 43.85 -37.88 29.23
N MET C 227 42.66 -37.27 29.24
CA MET C 227 41.41 -37.90 28.87
C MET C 227 41.06 -37.59 27.42
N GLU C 228 40.60 -38.61 26.68
CA GLU C 228 40.22 -38.50 25.30
C GLU C 228 38.86 -37.84 25.10
N LEU C 229 38.79 -36.84 24.20
CA LEU C 229 37.56 -36.18 23.85
C LEU C 229 36.77 -37.06 22.90
N LYS C 230 35.48 -37.28 23.18
CA LYS C 230 34.59 -38.10 22.39
C LYS C 230 33.30 -37.36 22.07
N PRO C 231 32.60 -37.67 20.98
CA PRO C 231 31.40 -36.95 20.60
C PRO C 231 30.29 -36.96 21.64
N ALA C 232 29.62 -35.82 21.80
CA ALA C 232 28.47 -35.69 22.68
C ALA C 232 27.26 -36.42 22.11
N LYS C 233 26.27 -36.75 22.95
CA LYS C 233 25.07 -37.39 22.48
C LYS C 233 24.32 -36.46 21.54
N VAL C 234 23.81 -37.02 20.44
CA VAL C 234 23.12 -36.26 19.42
C VAL C 234 21.79 -35.72 19.90
N ALA C 235 21.49 -34.49 19.47
CA ALA C 235 20.24 -33.77 19.69
C ALA C 235 19.91 -33.03 18.40
N THR C 236 18.62 -32.88 18.10
CA THR C 236 18.18 -32.20 16.89
C THR C 236 18.53 -30.72 16.92
N ARG C 237 18.80 -30.15 15.75
CA ARG C 237 19.10 -28.75 15.52
C ARG C 237 20.31 -28.16 16.22
N THR C 238 21.07 -28.90 17.04
CA THR C 238 22.28 -28.42 17.68
C THR C 238 23.53 -28.72 16.86
N SER C 239 24.57 -27.91 17.07
CA SER C 239 25.89 -28.04 16.47
C SER C 239 26.72 -29.13 17.12
N ARG C 240 27.91 -29.43 16.59
CA ARG C 240 28.78 -30.46 17.13
C ARG C 240 29.38 -30.10 18.47
N GLY C 241 29.59 -31.12 19.32
CA GLY C 241 30.19 -30.98 20.63
C GLY C 241 30.90 -32.26 21.03
N TRP C 242 31.92 -32.15 21.87
CA TRP C 242 32.71 -33.25 22.39
C TRP C 242 32.94 -33.06 23.89
N HIS C 243 33.13 -34.15 24.62
CA HIS C 243 33.40 -34.10 26.04
C HIS C 243 34.23 -35.29 26.48
N THR C 244 34.79 -35.27 27.69
CA THR C 244 35.62 -36.34 28.20
C THR C 244 34.92 -37.28 29.16
N THR C 245 33.84 -36.86 29.81
CA THR C 245 33.21 -37.62 30.88
C THR C 245 31.69 -37.60 30.82
N ASP C 246 31.03 -38.73 31.09
CA ASP C 246 29.58 -38.83 31.09
C ASP C 246 28.96 -38.72 32.47
N LEU C 247 29.57 -39.38 33.46
CA LEU C 247 29.06 -39.48 34.82
C LEU C 247 29.67 -38.47 35.78
N LYS C 248 28.84 -38.00 36.72
CA LYS C 248 29.29 -37.15 37.82
C LYS C 248 29.91 -38.06 38.87
N TYR C 249 30.99 -37.61 39.51
CA TYR C 249 31.64 -38.35 40.57
C TYR C 249 31.19 -37.82 41.93
N ASN C 250 30.67 -38.70 42.79
CA ASN C 250 30.26 -38.38 44.15
C ASN C 250 31.06 -39.26 45.10
N PRO C 251 31.40 -38.78 46.30
CA PRO C 251 32.18 -39.55 47.25
C PRO C 251 31.45 -40.81 47.68
N SER C 252 32.20 -41.85 48.04
CA SER C 252 31.65 -43.11 48.51
C SER C 252 31.13 -42.98 49.94
N ARG C 253 30.14 -43.80 50.31
CA ARG C 253 29.52 -43.76 51.62
C ARG C 253 30.51 -44.03 52.75
N VAL C 254 30.34 -43.24 53.82
CA VAL C 254 31.01 -43.32 55.10
C VAL C 254 29.95 -42.85 56.08
N GLU C 255 29.29 -43.78 56.80
CA GLU C 255 28.19 -43.46 57.68
C GLU C 255 28.45 -42.29 58.62
N ALA C 256 27.52 -41.34 58.68
CA ALA C 256 27.53 -40.16 59.51
C ALA C 256 28.60 -39.11 59.23
N PHE C 257 29.09 -39.01 57.99
CA PHE C 257 30.06 -38.02 57.56
C PHE C 257 29.55 -37.16 56.41
N HIS C 258 30.09 -35.94 56.30
CA HIS C 258 29.91 -35.07 55.16
C HIS C 258 31.15 -35.25 54.31
N ARG C 259 31.04 -35.57 53.02
CA ARG C 259 32.17 -35.77 52.14
C ARG C 259 32.03 -34.97 50.84
N TYR C 260 33.16 -34.66 50.19
CA TYR C 260 33.20 -33.91 48.96
C TYR C 260 33.73 -34.74 47.81
N GLY C 261 33.21 -34.53 46.59
CA GLY C 261 33.65 -35.23 45.40
C GLY C 261 33.70 -34.28 44.21
N THR C 262 34.82 -34.29 43.47
CA THR C 262 35.04 -33.43 42.34
C THR C 262 34.86 -34.11 40.99
N THR C 263 34.19 -33.45 40.05
CA THR C 263 34.03 -33.88 38.67
C THR C 263 34.62 -32.80 37.78
N VAL C 264 35.38 -33.16 36.74
CA VAL C 264 35.92 -32.21 35.78
C VAL C 264 35.63 -32.80 34.41
N ASN C 265 34.72 -32.19 33.66
CA ASN C 265 34.38 -32.64 32.33
C ASN C 265 34.87 -31.61 31.33
N CYS C 266 35.87 -31.93 30.51
CA CYS C 266 36.37 -31.01 29.50
C CYS C 266 35.39 -31.01 28.35
N ILE C 267 34.83 -29.86 27.96
CA ILE C 267 33.84 -29.72 26.91
C ILE C 267 34.37 -28.82 25.80
N VAL C 268 34.08 -29.21 24.56
CA VAL C 268 34.43 -28.46 23.37
C VAL C 268 33.17 -28.34 22.52
N GLU C 269 32.80 -27.14 22.08
CA GLU C 269 31.60 -26.95 21.28
C GLU C 269 31.80 -26.01 20.10
N GLU C 270 31.34 -26.41 18.91
CA GLU C 270 31.31 -25.51 17.78
C GLU C 270 30.04 -24.69 17.96
N VAL C 271 30.10 -23.35 17.91
CA VAL C 271 28.95 -22.50 18.09
C VAL C 271 28.90 -21.36 17.09
N ASP C 272 27.70 -20.91 16.76
CA ASP C 272 27.51 -19.75 15.91
C ASP C 272 27.75 -18.50 16.75
N ALA C 273 28.51 -17.56 16.20
CA ALA C 273 28.78 -16.28 16.84
C ALA C 273 28.09 -15.19 16.04
N ARG C 274 27.65 -14.13 16.72
CA ARG C 274 26.96 -13.02 16.11
C ARG C 274 27.48 -11.68 16.62
N SER C 275 27.49 -10.66 15.77
CA SER C 275 27.93 -9.32 16.14
C SER C 275 27.14 -8.28 15.37
N VAL C 276 26.82 -7.13 15.97
CA VAL C 276 26.11 -6.05 15.31
C VAL C 276 26.97 -4.81 15.30
N TYR C 277 26.71 -3.91 14.34
CA TYR C 277 27.44 -2.66 14.21
C TYR C 277 27.47 -1.93 15.56
N PRO C 278 28.58 -1.32 15.97
CA PRO C 278 29.85 -1.14 15.30
C PRO C 278 30.82 -2.30 15.38
N TYR C 279 30.38 -3.50 15.76
CA TYR C 279 31.17 -4.71 15.87
C TYR C 279 32.28 -4.63 16.92
N ASP C 280 31.99 -4.05 18.10
CA ASP C 280 32.93 -3.92 19.18
C ASP C 280 32.84 -5.05 20.20
N GLU C 281 31.90 -5.99 20.03
CA GLU C 281 31.67 -7.15 20.86
C GLU C 281 30.86 -8.17 20.08
N PHE C 282 30.78 -9.42 20.56
CA PHE C 282 29.99 -10.46 19.92
C PHE C 282 29.40 -11.41 20.95
N VAL C 283 28.44 -12.23 20.54
CA VAL C 283 27.80 -13.21 21.38
C VAL C 283 27.91 -14.60 20.77
N LEU C 284 27.86 -15.62 21.63
CA LEU C 284 27.89 -17.02 21.26
C LEU C 284 26.49 -17.61 21.38
N ALA C 285 26.21 -18.71 20.69
CA ALA C 285 24.92 -19.36 20.73
C ALA C 285 24.46 -19.77 22.13
N THR C 286 25.37 -19.90 23.09
CA THR C 286 25.10 -20.22 24.49
C THR C 286 24.54 -19.04 25.28
N GLY C 287 24.48 -17.84 24.69
CA GLY C 287 24.03 -16.63 25.32
C GLY C 287 25.14 -15.85 26.00
N ASP C 288 26.41 -16.29 25.88
CA ASP C 288 27.56 -15.62 26.46
C ASP C 288 28.10 -14.50 25.59
N PHE C 289 28.42 -13.34 26.16
CA PHE C 289 29.04 -12.21 25.48
C PHE C 289 30.56 -12.26 25.53
N VAL C 290 31.23 -11.76 24.49
CA VAL C 290 32.67 -11.61 24.34
C VAL C 290 32.85 -10.12 24.09
N TYR C 291 33.42 -9.36 25.03
CA TYR C 291 33.62 -7.93 24.93
C TYR C 291 34.90 -7.56 24.19
N MET C 292 35.03 -8.06 22.96
CA MET C 292 36.14 -7.81 22.07
C MET C 292 35.59 -7.83 20.64
N SER C 293 36.11 -6.98 19.75
CA SER C 293 35.67 -6.99 18.36
C SER C 293 36.06 -8.31 17.70
N PRO C 294 35.19 -8.96 16.92
CA PRO C 294 35.56 -10.17 16.23
C PRO C 294 36.68 -9.96 15.22
N PHE C 295 37.00 -8.70 14.88
CA PHE C 295 38.05 -8.31 13.97
C PHE C 295 39.35 -7.93 14.67
N TYR C 296 39.41 -7.95 16.00
CA TYR C 296 40.60 -7.63 16.75
C TYR C 296 41.73 -8.59 16.42
N GLY C 297 42.98 -8.10 16.37
CA GLY C 297 44.15 -8.88 16.07
C GLY C 297 45.41 -8.04 16.20
N TYR C 298 46.54 -8.50 15.65
CA TYR C 298 47.79 -7.76 15.71
C TYR C 298 48.14 -7.08 14.39
N ARG C 299 48.04 -7.84 13.30
CA ARG C 299 48.36 -7.43 11.94
C ARG C 299 47.33 -6.49 11.32
N GLU C 300 47.71 -5.86 10.21
CA GLU C 300 46.86 -5.03 9.38
C GLU C 300 46.10 -3.93 10.10
N GLY C 301 46.70 -3.35 11.15
CA GLY C 301 46.08 -2.30 11.93
C GLY C 301 44.87 -2.72 12.75
N SER C 302 44.59 -4.03 12.85
CA SER C 302 43.47 -4.54 13.61
C SER C 302 43.61 -4.38 15.12
N HIS C 303 44.79 -4.03 15.63
CA HIS C 303 45.00 -3.83 17.05
C HIS C 303 44.28 -2.61 17.61
N THR C 304 43.74 -1.74 16.75
CA THR C 304 42.98 -0.57 17.15
C THR C 304 41.52 -0.88 17.44
N GLU C 305 41.05 -2.09 17.12
CA GLU C 305 39.71 -2.55 17.39
C GLU C 305 39.46 -2.66 18.89
N HIS C 306 38.20 -2.71 19.32
CA HIS C 306 37.86 -2.75 20.72
C HIS C 306 38.22 -4.05 21.44
N THR C 307 38.64 -3.94 22.69
CA THR C 307 38.87 -5.06 23.60
C THR C 307 38.75 -4.59 25.05
N SER C 308 37.95 -5.29 25.85
CA SER C 308 37.78 -5.02 27.26
C SER C 308 38.68 -5.88 28.13
N TYR C 309 39.50 -6.76 27.55
CA TYR C 309 40.35 -7.69 28.28
C TYR C 309 41.82 -7.30 28.31
N ALA C 310 42.54 -7.81 29.31
CA ALA C 310 43.96 -7.61 29.44
C ALA C 310 44.71 -8.31 28.31
N ALA C 311 45.90 -7.82 27.95
CA ALA C 311 46.66 -8.37 26.84
C ALA C 311 46.97 -9.86 26.93
N ASP C 312 47.24 -10.40 28.12
CA ASP C 312 47.55 -11.80 28.29
C ASP C 312 46.36 -12.73 28.16
N ARG C 313 45.12 -12.21 28.14
CA ARG C 313 43.94 -13.01 27.90
C ARG C 313 43.73 -13.30 26.42
N PHE C 314 44.50 -12.71 25.51
CA PHE C 314 44.38 -12.89 24.08
C PHE C 314 45.66 -13.44 23.44
N LYS C 315 45.50 -14.26 22.41
CA LYS C 315 46.58 -14.87 21.66
C LYS C 315 46.14 -15.02 20.20
N GLN C 316 47.07 -14.87 19.25
CA GLN C 316 46.78 -15.04 17.84
C GLN C 316 47.84 -15.96 17.26
N VAL C 317 47.41 -17.08 16.68
CA VAL C 317 48.29 -18.08 16.10
C VAL C 317 48.24 -18.00 14.57
N ASP C 318 49.34 -17.59 13.95
CA ASP C 318 49.46 -17.55 12.50
C ASP C 318 49.83 -18.94 11.99
N GLY C 319 49.32 -19.32 10.81
CA GLY C 319 49.63 -20.62 10.25
C GLY C 319 49.04 -21.79 11.03
N PHE C 320 47.88 -21.61 11.66
CA PHE C 320 47.20 -22.61 12.44
C PHE C 320 46.46 -23.62 11.58
N TYR C 321 46.60 -24.92 11.85
CA TYR C 321 45.90 -25.98 11.15
C TYR C 321 44.96 -26.70 12.11
N ALA C 322 43.66 -26.53 11.92
CA ALA C 322 42.66 -27.17 12.75
C ALA C 322 42.60 -28.67 12.52
N ARG C 323 42.56 -29.47 13.59
CA ARG C 323 42.41 -30.91 13.52
C ARG C 323 40.98 -31.24 13.96
N ASP C 324 40.20 -31.90 13.10
CA ASP C 324 38.83 -32.26 13.43
C ASP C 324 38.81 -33.29 14.53
N LEU C 325 38.05 -33.06 15.61
CA LEU C 325 38.01 -33.97 16.74
C LEU C 325 37.33 -35.30 16.47
N THR C 326 36.48 -35.41 15.46
CA THR C 326 35.79 -36.64 15.13
C THR C 326 36.58 -37.47 14.12
N THR C 327 36.93 -36.89 12.97
CA THR C 327 37.65 -37.58 11.91
C THR C 327 39.14 -37.68 12.11
N LYS C 328 39.71 -36.87 13.02
CA LYS C 328 41.12 -36.77 13.34
C LYS C 328 41.96 -36.23 12.20
N ALA C 329 41.32 -35.76 11.12
CA ALA C 329 41.98 -35.20 9.96
C ALA C 329 42.41 -33.76 10.19
N ARG C 330 43.60 -33.40 9.73
CA ARG C 330 44.14 -32.06 9.81
C ARG C 330 43.70 -31.26 8.59
N ALA C 331 43.33 -29.99 8.76
CA ALA C 331 42.92 -29.12 7.68
C ALA C 331 44.00 -29.00 6.61
N THR C 332 43.60 -28.81 5.36
CA THR C 332 44.52 -28.70 4.23
C THR C 332 45.23 -27.36 4.16
N SER C 333 44.54 -26.26 4.50
CA SER C 333 45.04 -24.91 4.47
C SER C 333 45.04 -24.25 5.84
N PRO C 334 46.03 -23.42 6.16
CA PRO C 334 46.12 -22.76 7.44
C PRO C 334 45.23 -21.53 7.55
N THR C 335 45.00 -21.06 8.77
CA THR C 335 44.25 -19.85 9.09
C THR C 335 44.96 -19.06 10.18
N THR C 336 44.54 -17.81 10.39
CA THR C 336 45.03 -17.01 11.49
C THR C 336 44.00 -17.24 12.60
N ARG C 337 44.37 -17.95 13.67
CA ARG C 337 43.45 -18.30 14.73
C ARG C 337 43.52 -17.35 15.92
N ASN C 338 42.39 -16.72 16.27
CA ASN C 338 42.27 -15.89 17.44
C ASN C 338 41.84 -16.77 18.60
N LEU C 339 42.44 -16.60 19.79
CA LEU C 339 42.05 -17.31 21.00
C LEU C 339 41.93 -16.28 22.11
N LEU C 340 40.82 -16.33 22.85
CA LEU C 340 40.58 -15.43 23.96
C LEU C 340 40.12 -16.24 25.18
N THR C 341 40.81 -16.05 26.30
CA THR C 341 40.48 -16.70 27.57
C THR C 341 39.66 -15.74 28.41
N THR C 342 38.35 -15.95 28.55
CA THR C 342 37.51 -15.16 29.43
C THR C 342 37.49 -15.83 30.80
N PRO C 343 36.87 -15.27 31.83
CA PRO C 343 36.83 -15.91 33.13
C PRO C 343 36.05 -17.21 33.20
N LYS C 344 35.21 -17.53 32.22
CA LYS C 344 34.37 -18.70 32.20
C LYS C 344 34.70 -19.71 31.09
N PHE C 345 35.33 -19.31 29.99
CA PHE C 345 35.63 -20.19 28.88
C PHE C 345 36.66 -19.57 27.95
N THR C 346 37.32 -20.41 27.16
CA THR C 346 38.22 -19.96 26.11
C THR C 346 37.45 -20.05 24.81
N VAL C 347 37.51 -19.03 23.95
CA VAL C 347 36.82 -19.02 22.67
C VAL C 347 37.83 -18.81 21.56
N ALA C 348 37.69 -19.56 20.46
CA ALA C 348 38.57 -19.43 19.31
C ALA C 348 37.78 -19.23 18.02
N TRP C 349 38.32 -18.43 17.10
CA TRP C 349 37.70 -18.16 15.82
C TRP C 349 38.76 -17.72 14.80
N ASP C 350 38.47 -17.82 13.50
CA ASP C 350 39.41 -17.39 12.49
C ASP C 350 39.35 -15.89 12.30
N TRP C 351 40.51 -15.22 12.30
CA TRP C 351 40.61 -13.80 12.08
C TRP C 351 40.54 -13.50 10.59
N VAL C 352 39.80 -12.44 10.23
CA VAL C 352 39.64 -11.96 8.87
C VAL C 352 39.63 -10.44 8.88
N PRO C 353 40.04 -9.76 7.81
CA PRO C 353 39.99 -8.32 7.75
C PRO C 353 38.56 -7.81 7.83
N LYS C 354 38.33 -6.72 8.56
CA LYS C 354 37.02 -6.15 8.78
C LYS C 354 36.30 -5.63 7.54
N ARG C 355 36.92 -4.73 6.77
CA ARG C 355 36.27 -4.09 5.64
C ARG C 355 35.63 -5.01 4.62
N PRO C 356 36.27 -6.10 4.16
CA PRO C 356 35.63 -7.01 3.23
C PRO C 356 34.61 -7.94 3.87
N ALA C 357 34.52 -8.03 5.20
CA ALA C 357 33.60 -8.93 5.88
C ALA C 357 32.24 -8.37 6.23
N VAL C 358 32.16 -7.08 6.61
CA VAL C 358 30.92 -6.43 7.01
C VAL C 358 30.52 -5.31 6.07
N CYS C 359 29.24 -4.92 6.12
CA CYS C 359 28.69 -3.84 5.32
C CYS C 359 27.44 -3.28 5.95
N THR C 360 27.27 -1.96 5.97
CA THR C 360 26.09 -1.34 6.55
C THR C 360 24.89 -1.31 5.60
N MET C 361 25.05 -1.73 4.34
CA MET C 361 24.00 -1.82 3.35
C MET C 361 23.91 -3.24 2.83
N THR C 362 22.74 -3.66 2.37
CA THR C 362 22.46 -4.99 1.85
C THR C 362 21.82 -4.88 0.47
N LYS C 363 22.25 -5.69 -0.50
CA LYS C 363 21.62 -5.71 -1.80
C LYS C 363 20.21 -6.25 -1.64
N TRP C 364 19.21 -5.52 -2.15
CA TRP C 364 17.81 -5.88 -2.01
C TRP C 364 17.16 -6.32 -3.32
N GLN C 365 17.23 -5.49 -4.37
CA GLN C 365 16.62 -5.78 -5.65
C GLN C 365 17.59 -5.55 -6.80
N GLU C 366 17.61 -6.48 -7.76
CA GLU C 366 18.35 -6.36 -8.99
C GLU C 366 17.30 -6.07 -10.06
N VAL C 367 17.41 -4.91 -10.72
CA VAL C 367 16.44 -4.46 -11.71
C VAL C 367 17.11 -4.34 -13.07
N ASP C 368 16.79 -5.21 -14.02
CA ASP C 368 17.38 -5.17 -15.35
C ASP C 368 16.77 -4.13 -16.27
N GLU C 369 15.60 -3.57 -15.96
CA GLU C 369 14.94 -2.52 -16.73
C GLU C 369 14.52 -1.38 -15.81
N MET C 370 15.47 -0.49 -15.48
CA MET C 370 15.20 0.66 -14.64
C MET C 370 15.24 1.92 -15.51
N LEU C 371 14.10 2.57 -15.70
CA LEU C 371 14.01 3.77 -16.51
C LEU C 371 14.29 5.00 -15.63
N ARG C 372 15.12 5.93 -16.08
CA ARG C 372 15.40 7.15 -15.35
C ARG C 372 14.87 8.35 -16.11
N ALA C 373 13.94 9.08 -15.50
CA ALA C 373 13.38 10.32 -16.02
C ALA C 373 13.90 11.48 -15.18
N GLU C 374 13.90 12.69 -15.73
CA GLU C 374 14.34 13.89 -15.05
C GLU C 374 13.36 15.03 -15.26
N TYR C 375 12.83 15.58 -14.17
CA TYR C 375 11.93 16.72 -14.20
C TYR C 375 11.81 17.31 -12.80
N GLY C 376 11.50 18.60 -12.69
CA GLY C 376 11.34 19.27 -11.42
C GLY C 376 12.57 19.24 -10.51
N GLY C 377 13.77 19.14 -11.08
CA GLY C 377 15.00 19.10 -10.32
C GLY C 377 15.27 17.81 -9.57
N SER C 378 14.68 16.69 -10.01
CA SER C 378 14.85 15.38 -9.41
C SER C 378 14.81 14.26 -10.45
N PHE C 379 15.48 13.15 -10.16
CA PHE C 379 15.43 11.96 -10.99
C PHE C 379 14.32 11.05 -10.46
N ARG C 380 13.62 10.37 -11.37
CA ARG C 380 12.60 9.39 -11.05
C ARG C 380 13.07 8.07 -11.66
N PHE C 381 13.42 7.10 -10.82
CA PHE C 381 13.85 5.78 -11.25
C PHE C 381 12.66 4.84 -11.12
N SER C 382 12.11 4.36 -12.24
CA SER C 382 10.95 3.49 -12.20
C SER C 382 11.23 2.11 -12.79
N SER C 383 10.72 1.09 -12.09
CA SER C 383 10.82 -0.30 -12.49
C SER C 383 9.44 -0.87 -12.75
N ASP C 384 9.22 -1.30 -14.00
CA ASP C 384 7.96 -1.90 -14.40
C ASP C 384 7.79 -3.29 -13.81
N ALA C 385 8.90 -4.01 -13.57
CA ALA C 385 8.89 -5.35 -13.01
C ALA C 385 8.44 -5.38 -11.56
N ILE C 386 8.94 -4.49 -10.72
CA ILE C 386 8.58 -4.41 -9.32
C ILE C 386 7.54 -3.33 -9.02
N SER C 387 7.03 -2.62 -10.03
CA SER C 387 6.01 -1.60 -9.88
C SER C 387 6.39 -0.59 -8.81
N THR C 388 7.54 0.06 -8.95
CA THR C 388 8.08 0.96 -7.95
C THR C 388 8.77 2.16 -8.58
N THR C 389 8.58 3.35 -8.03
CA THR C 389 9.23 4.57 -8.48
C THR C 389 9.95 5.25 -7.33
N PHE C 390 11.28 5.37 -7.44
CA PHE C 390 12.12 6.03 -6.47
C PHE C 390 12.45 7.45 -6.93
N THR C 391 12.53 8.40 -6.01
CA THR C 391 12.83 9.79 -6.30
C THR C 391 14.16 10.20 -5.65
N THR C 392 15.01 10.93 -6.37
CA THR C 392 16.30 11.36 -5.86
C THR C 392 16.68 12.76 -6.34
N ASN C 393 17.62 13.40 -5.64
CA ASN C 393 18.18 14.66 -6.11
C ASN C 393 19.07 14.36 -7.32
N LEU C 394 19.44 15.36 -8.12
CA LEU C 394 20.25 15.16 -9.30
C LEU C 394 21.71 14.84 -9.02
N THR C 395 22.24 15.24 -7.87
CA THR C 395 23.62 15.02 -7.48
C THR C 395 23.83 13.59 -6.98
N GLN C 396 24.90 12.93 -7.43
CA GLN C 396 25.22 11.59 -6.95
C GLN C 396 25.60 11.58 -5.48
N TYR C 397 25.32 10.47 -4.81
CA TYR C 397 25.68 10.24 -3.42
C TYR C 397 27.07 9.65 -3.38
N SER C 398 28.04 10.30 -2.74
CA SER C 398 29.39 9.78 -2.69
C SER C 398 29.50 8.57 -1.77
N LEU C 399 29.97 7.42 -2.26
CA LEU C 399 30.12 6.24 -1.44
C LEU C 399 31.11 6.45 -0.28
N SER C 400 32.00 7.44 -0.37
CA SER C 400 32.94 7.77 0.68
C SER C 400 32.24 8.17 1.97
N ARG C 401 30.97 8.58 1.90
CA ARG C 401 30.16 8.96 3.05
C ARG C 401 29.64 7.77 3.82
N VAL C 402 29.55 6.59 3.21
CA VAL C 402 29.02 5.39 3.83
C VAL C 402 30.08 4.72 4.71
N ASP C 403 29.78 4.53 6.00
CA ASP C 403 30.68 3.81 6.87
C ASP C 403 30.67 2.33 6.50
N LEU C 404 31.84 1.69 6.35
CA LEU C 404 31.95 0.28 6.00
C LEU C 404 31.18 -0.13 4.75
N GLY C 405 30.97 0.77 3.78
CA GLY C 405 30.22 0.49 2.57
C GLY C 405 30.93 -0.26 1.46
N ASP C 406 32.04 -0.96 1.69
CA ASP C 406 32.79 -1.61 0.64
C ASP C 406 32.05 -2.65 -0.18
N CYS C 407 31.00 -3.28 0.37
CA CYS C 407 30.23 -4.25 -0.39
C CYS C 407 29.38 -3.62 -1.49
N ILE C 408 29.04 -2.34 -1.39
CA ILE C 408 28.17 -1.67 -2.33
C ILE C 408 28.78 -1.67 -3.73
N GLY C 409 30.01 -1.15 -3.89
CA GLY C 409 30.65 -1.13 -5.19
C GLY C 409 30.87 -2.52 -5.74
N ARG C 410 31.34 -3.45 -4.90
CA ARG C 410 31.60 -4.83 -5.26
C ARG C 410 30.36 -5.58 -5.73
N ASP C 411 29.25 -5.51 -4.99
CA ASP C 411 28.01 -6.17 -5.34
C ASP C 411 27.34 -5.52 -6.54
N ALA C 412 27.39 -4.19 -6.64
CA ALA C 412 26.81 -3.47 -7.76
C ALA C 412 27.51 -3.83 -9.06
N ARG C 413 28.85 -3.78 -9.10
CA ARG C 413 29.59 -4.12 -10.30
C ARG C 413 29.35 -5.56 -10.73
N GLU C 414 29.31 -6.52 -9.79
CA GLU C 414 29.06 -7.90 -10.13
C GLU C 414 27.67 -8.09 -10.74
N ALA C 415 26.62 -7.59 -10.09
CA ALA C 415 25.26 -7.73 -10.55
C ALA C 415 24.98 -6.98 -11.84
N ILE C 416 25.49 -5.76 -12.02
CA ILE C 416 25.30 -5.00 -13.23
C ILE C 416 25.91 -5.74 -14.41
N ASP C 417 27.14 -6.23 -14.27
CA ASP C 417 27.79 -6.97 -15.35
C ASP C 417 27.05 -8.26 -15.69
N ARG C 418 26.52 -8.96 -14.69
CA ARG C 418 25.79 -10.19 -14.89
C ARG C 418 24.48 -9.95 -15.64
N MET C 419 23.71 -8.93 -15.25
CA MET C 419 22.48 -8.57 -15.91
C MET C 419 22.73 -8.06 -17.32
N PHE C 420 23.78 -7.25 -17.53
CA PHE C 420 24.11 -6.77 -18.85
C PHE C 420 24.45 -7.91 -19.79
N ALA C 421 25.28 -8.86 -19.35
CA ALA C 421 25.65 -10.00 -20.17
C ALA C 421 24.44 -10.83 -20.56
N ARG C 422 23.54 -11.09 -19.61
CA ARG C 422 22.36 -11.91 -19.82
C ARG C 422 21.32 -11.31 -20.77
N LYS C 423 21.12 -9.99 -20.79
CA LYS C 423 20.05 -9.36 -21.52
C LYS C 423 20.40 -8.29 -22.54
N TYR C 424 21.58 -7.67 -22.47
CA TYR C 424 21.92 -6.54 -23.30
C TYR C 424 23.16 -6.61 -24.18
N ASN C 425 24.07 -7.57 -23.98
CA ASN C 425 25.32 -7.62 -24.72
C ASN C 425 25.19 -7.53 -26.24
N ALA C 426 24.10 -8.05 -26.80
CA ALA C 426 23.85 -8.04 -28.23
C ALA C 426 23.11 -6.83 -28.79
N THR C 427 22.59 -5.92 -27.96
CA THR C 427 21.78 -4.82 -28.42
C THR C 427 22.07 -3.43 -27.86
N HIS C 428 22.82 -3.33 -26.75
CA HIS C 428 23.15 -2.07 -26.11
C HIS C 428 24.61 -2.00 -25.68
N ILE C 429 25.03 -0.80 -25.25
CA ILE C 429 26.34 -0.49 -24.69
C ILE C 429 26.18 0.22 -23.36
N LYS C 430 27.16 0.08 -22.47
CA LYS C 430 27.18 0.77 -21.20
C LYS C 430 27.69 2.20 -21.42
N VAL C 431 27.04 3.19 -20.83
CA VAL C 431 27.46 4.58 -20.92
C VAL C 431 28.09 4.98 -19.60
N GLY C 432 29.42 5.05 -19.56
CA GLY C 432 30.17 5.38 -18.37
C GLY C 432 30.10 4.32 -17.28
N GLN C 433 30.68 4.62 -16.12
CA GLN C 433 30.70 3.77 -14.95
C GLN C 433 29.40 3.87 -14.15
N PRO C 434 29.10 2.93 -13.25
CA PRO C 434 27.92 2.99 -12.42
C PRO C 434 27.86 4.27 -11.59
N GLN C 435 26.66 4.81 -11.41
CA GLN C 435 26.36 6.03 -10.68
C GLN C 435 25.58 5.69 -9.42
N TYR C 436 25.73 6.44 -8.32
CA TYR C 436 25.04 6.15 -7.08
C TYR C 436 24.15 7.31 -6.66
N TYR C 437 22.89 7.02 -6.33
CA TYR C 437 21.92 8.01 -5.93
C TYR C 437 21.16 7.59 -4.68
N LEU C 438 21.01 8.49 -3.71
CA LEU C 438 20.23 8.20 -2.52
C LEU C 438 18.79 8.62 -2.77
N ALA C 439 17.86 7.68 -2.65
CA ALA C 439 16.44 7.92 -2.86
C ALA C 439 15.66 8.14 -1.56
N THR C 440 14.56 8.86 -1.67
CA THR C 440 13.64 9.12 -0.57
C THR C 440 13.24 7.78 0.03
N GLY C 441 13.24 7.69 1.37
CA GLY C 441 12.98 6.46 2.08
C GLY C 441 14.24 5.73 2.50
N GLY C 442 15.42 6.21 2.07
CA GLY C 442 16.70 5.64 2.45
C GLY C 442 17.13 4.43 1.63
N PHE C 443 16.85 4.42 0.31
CA PHE C 443 17.29 3.37 -0.58
C PHE C 443 18.45 3.90 -1.40
N LEU C 444 19.57 3.16 -1.49
CA LEU C 444 20.70 3.60 -2.29
C LEU C 444 20.62 2.86 -3.62
N ILE C 445 20.56 3.59 -4.74
CA ILE C 445 20.43 3.01 -6.06
C ILE C 445 21.75 3.10 -6.82
N ALA C 446 22.30 1.97 -7.24
CA ALA C 446 23.45 1.92 -8.12
C ALA C 446 22.84 1.81 -9.51
N TYR C 447 23.12 2.75 -10.41
CA TYR C 447 22.53 2.82 -11.74
C TYR C 447 23.57 2.81 -12.85
N GLN C 448 23.36 1.97 -13.87
CA GLN C 448 24.21 1.89 -15.04
C GLN C 448 23.41 2.33 -16.24
N PRO C 449 23.64 3.53 -16.78
CA PRO C 449 22.95 3.98 -17.97
C PRO C 449 23.37 3.13 -19.17
N LEU C 450 22.43 2.88 -20.08
CA LEU C 450 22.63 2.13 -21.30
C LEU C 450 22.23 2.94 -22.52
N LEU C 451 22.66 2.47 -23.69
CA LEU C 451 22.32 3.08 -24.96
C LEU C 451 22.22 2.00 -26.04
N SER C 452 21.20 2.08 -26.90
CA SER C 452 21.00 1.13 -27.97
C SER C 452 22.11 1.20 -29.02
N ASN C 453 22.49 0.07 -29.60
CA ASN C 453 23.49 0.00 -30.65
C ASN C 453 23.14 0.86 -31.86
N THR C 454 21.85 1.13 -32.06
CA THR C 454 21.32 1.95 -33.13
C THR C 454 21.59 3.44 -32.98
N LEU C 455 22.14 3.88 -31.85
CA LEU C 455 22.43 5.27 -31.51
C LEU C 455 23.92 5.55 -31.37
N ALA C 456 24.26 6.79 -31.02
CA ALA C 456 25.61 7.31 -30.89
C ALA C 456 26.36 7.32 -32.21
N GLU C 457 25.69 7.80 -33.26
CA GLU C 457 26.17 7.91 -34.63
C GLU C 457 26.52 6.56 -35.24
N SER C 488 33.00 13.52 7.62
CA SER C 488 32.74 12.34 8.46
C SER C 488 31.77 11.38 7.77
N VAL C 489 31.73 10.12 8.23
CA VAL C 489 30.87 9.07 7.71
C VAL C 489 29.50 9.06 8.37
N GLU C 490 28.54 8.47 7.66
CA GLU C 490 27.13 8.37 8.00
C GLU C 490 26.61 6.95 7.80
N ARG C 491 25.37 6.70 8.25
CA ARG C 491 24.64 5.47 8.07
C ARG C 491 23.25 5.82 7.56
N ILE C 492 22.88 5.26 6.41
CA ILE C 492 21.59 5.48 5.78
C ILE C 492 20.53 4.71 6.57
N LYS C 493 19.39 5.35 6.86
CA LYS C 493 18.27 4.76 7.57
C LYS C 493 17.17 4.44 6.56
N THR C 494 16.80 3.17 6.38
CA THR C 494 15.78 2.77 5.44
C THR C 494 14.44 2.53 6.12
N THR C 495 13.35 3.04 5.54
CA THR C 495 12.01 2.82 6.02
C THR C 495 11.61 1.36 5.83
N SER C 496 10.75 0.79 6.68
CA SER C 496 10.33 -0.59 6.51
C SER C 496 9.22 -0.76 5.50
N SER C 497 8.62 0.32 5.00
CA SER C 497 7.50 0.30 4.08
C SER C 497 7.85 0.87 2.70
N ILE C 498 7.67 0.06 1.66
CA ILE C 498 7.92 0.47 0.29
C ILE C 498 6.67 1.03 -0.38
N GLU C 499 5.51 0.96 0.27
CA GLU C 499 4.24 1.32 -0.33
C GLU C 499 4.16 2.72 -0.90
N PHE C 500 4.85 3.71 -0.35
CA PHE C 500 4.86 5.05 -0.91
C PHE C 500 5.40 5.02 -2.34
N ALA C 501 6.43 4.23 -2.62
CA ALA C 501 7.03 4.14 -3.94
C ALA C 501 6.16 3.34 -4.91
N ARG C 502 5.32 2.43 -4.42
CA ARG C 502 4.42 1.67 -5.26
C ARG C 502 3.17 2.47 -5.59
N LEU C 503 2.69 3.29 -4.65
CA LEU C 503 1.62 4.23 -4.90
C LEU C 503 2.12 5.25 -5.92
N GLN C 504 3.35 5.72 -5.78
CA GLN C 504 3.95 6.65 -6.74
C GLN C 504 3.95 6.06 -8.14
N PHE C 505 4.39 4.81 -8.28
CA PHE C 505 4.39 4.15 -9.58
C PHE C 505 2.99 4.06 -10.17
N THR C 506 2.03 3.58 -9.37
CA THR C 506 0.66 3.39 -9.79
C THR C 506 -0.02 4.70 -10.19
N TYR C 507 0.14 5.74 -9.37
CA TYR C 507 -0.43 7.04 -9.67
C TYR C 507 0.17 7.60 -10.94
N ASN C 508 1.50 7.57 -11.08
CA ASN C 508 2.16 8.08 -12.27
C ASN C 508 1.71 7.33 -13.53
N HIS C 509 1.59 6.01 -13.45
CA HIS C 509 1.19 5.19 -14.57
C HIS C 509 -0.21 5.52 -15.06
N ILE C 510 -1.16 5.73 -14.14
CA ILE C 510 -2.53 6.10 -14.47
C ILE C 510 -2.59 7.54 -14.94
N GLN C 511 -1.98 8.48 -14.21
CA GLN C 511 -1.97 9.89 -14.53
C GLN C 511 -1.43 10.14 -15.93
N ARG C 512 -0.30 9.51 -16.29
CA ARG C 512 0.31 9.66 -17.58
C ARG C 512 -0.61 9.22 -18.71
N HIS C 513 -1.34 8.11 -18.53
CA HIS C 513 -2.26 7.62 -19.54
C HIS C 513 -3.49 8.51 -19.65
N VAL C 514 -4.11 8.90 -18.53
CA VAL C 514 -5.27 9.77 -18.52
C VAL C 514 -4.93 11.12 -19.13
N ASN C 515 -3.79 11.73 -18.80
CA ASN C 515 -3.39 13.00 -19.36
C ASN C 515 -3.13 12.89 -20.85
N ASP C 516 -2.60 11.76 -21.34
CA ASP C 516 -2.36 11.56 -22.75
C ASP C 516 -3.69 11.47 -23.50
N MET C 517 -4.60 10.59 -23.07
CA MET C 517 -5.88 10.43 -23.73
C MET C 517 -6.75 11.67 -23.65
N LEU C 518 -6.88 12.32 -22.49
CA LEU C 518 -7.65 13.53 -22.40
C LEU C 518 -7.01 14.65 -23.21
N GLY C 519 -5.68 14.67 -23.33
CA GLY C 519 -4.98 15.63 -24.16
C GLY C 519 -5.33 15.42 -25.62
N ARG C 520 -5.41 14.17 -26.10
CA ARG C 520 -5.79 13.86 -27.47
C ARG C 520 -7.23 14.27 -27.73
N ILE C 521 -8.14 14.05 -26.78
CA ILE C 521 -9.53 14.44 -26.92
C ILE C 521 -9.64 15.95 -27.00
N ALA C 522 -8.91 16.71 -26.18
CA ALA C 522 -8.93 18.16 -26.22
C ALA C 522 -8.46 18.70 -27.56
N VAL C 523 -7.46 18.07 -28.18
CA VAL C 523 -6.97 18.45 -29.49
C VAL C 523 -8.01 18.16 -30.55
N ALA C 524 -8.53 16.93 -30.60
CA ALA C 524 -9.53 16.54 -31.57
C ALA C 524 -10.79 17.39 -31.47
N TRP C 525 -11.20 17.75 -30.24
CA TRP C 525 -12.37 18.58 -30.05
C TRP C 525 -12.19 19.95 -30.68
N CYS C 526 -11.04 20.59 -30.45
CA CYS C 526 -10.73 21.88 -31.04
C CYS C 526 -10.65 21.79 -32.55
N GLU C 527 -10.01 20.76 -33.09
CA GLU C 527 -9.92 20.56 -34.53
C GLU C 527 -11.30 20.41 -35.15
N LEU C 528 -12.20 19.67 -34.49
CA LEU C 528 -13.57 19.50 -34.96
C LEU C 528 -14.31 20.83 -34.94
N GLN C 529 -14.27 21.60 -33.85
CA GLN C 529 -14.94 22.88 -33.80
C GLN C 529 -14.48 23.80 -34.93
N ASN C 530 -13.17 23.85 -35.20
CA ASN C 530 -12.63 24.66 -36.28
C ASN C 530 -13.09 24.17 -37.64
N HIS C 531 -13.16 22.85 -37.84
CA HIS C 531 -13.55 22.24 -39.10
C HIS C 531 -15.01 22.51 -39.43
N GLU C 532 -15.90 22.38 -38.43
CA GLU C 532 -17.32 22.60 -38.53
C GLU C 532 -17.70 24.01 -38.96
N LEU C 533 -16.87 25.02 -38.68
CA LEU C 533 -17.13 26.39 -39.06
C LEU C 533 -17.41 26.53 -40.55
N THR C 534 -16.80 25.69 -41.38
CA THR C 534 -16.99 25.68 -42.82
C THR C 534 -18.43 25.35 -43.19
N LEU C 535 -19.10 24.50 -42.42
CA LEU C 535 -20.48 24.14 -42.63
C LEU C 535 -21.39 25.26 -42.12
N TRP C 536 -21.07 25.86 -40.98
CA TRP C 536 -21.84 26.95 -40.41
C TRP C 536 -21.88 28.17 -41.31
N ASN C 537 -20.74 28.62 -41.85
CA ASN C 537 -20.76 29.80 -42.69
C ASN C 537 -21.37 29.56 -44.07
N GLU C 538 -21.71 28.31 -44.38
CA GLU C 538 -22.43 27.97 -45.59
C GLU C 538 -23.93 27.84 -45.30
N ALA C 539 -24.29 27.29 -44.14
CA ALA C 539 -25.66 27.17 -43.70
C ALA C 539 -26.31 28.53 -43.46
N ARG C 540 -25.56 29.53 -42.96
CA ARG C 540 -26.11 30.84 -42.73
C ARG C 540 -26.64 31.53 -43.98
N LYS C 541 -26.12 31.20 -45.17
CA LYS C 541 -26.61 31.80 -46.40
C LYS C 541 -27.99 31.25 -46.77
N LEU C 542 -28.28 30.00 -46.41
CA LEU C 542 -29.53 29.33 -46.69
C LEU C 542 -30.67 29.77 -45.78
N ASN C 543 -30.39 29.93 -44.48
CA ASN C 543 -31.39 30.29 -43.49
C ASN C 543 -30.78 31.13 -42.38
N PRO C 544 -30.50 32.40 -42.64
CA PRO C 544 -29.87 33.25 -41.64
C PRO C 544 -30.69 33.36 -40.35
N ASN C 545 -32.02 33.33 -40.38
CA ASN C 545 -32.81 33.42 -39.18
C ASN C 545 -32.51 32.30 -38.20
N ALA C 546 -32.52 31.05 -38.67
CA ALA C 546 -32.26 29.90 -37.82
C ALA C 546 -30.82 29.85 -37.33
N ILE C 547 -29.85 30.13 -38.20
CA ILE C 547 -28.45 30.09 -37.83
C ILE C 547 -28.11 31.22 -36.87
N ALA C 548 -28.63 32.42 -37.08
CA ALA C 548 -28.40 33.53 -36.17
C ALA C 548 -29.02 33.19 -34.82
N SER C 549 -30.26 32.70 -34.78
CA SER C 549 -30.91 32.34 -33.53
C SER C 549 -30.14 31.28 -32.76
N ALA C 550 -29.56 30.30 -33.46
CA ALA C 550 -28.81 29.21 -32.85
C ALA C 550 -27.47 29.63 -32.28
N THR C 551 -26.84 30.69 -32.81
CA THR C 551 -25.54 31.17 -32.39
C THR C 551 -25.60 32.37 -31.45
N VAL C 552 -26.52 33.30 -31.66
CA VAL C 552 -26.71 34.48 -30.82
C VAL C 552 -27.28 34.09 -29.46
N GLY C 553 -28.05 33.00 -29.39
CA GLY C 553 -28.62 32.47 -28.16
C GLY C 553 -30.03 32.92 -27.82
N ARG C 554 -30.69 33.68 -28.69
CA ARG C 554 -32.05 34.15 -28.56
C ARG C 554 -32.69 34.22 -29.94
N ARG C 555 -34.02 34.15 -30.03
CA ARG C 555 -34.72 34.20 -31.30
C ARG C 555 -34.58 35.57 -31.96
N VAL C 556 -34.03 35.62 -33.17
CA VAL C 556 -33.81 36.83 -33.94
C VAL C 556 -34.05 36.65 -35.43
N SER C 557 -34.35 37.74 -36.15
CA SER C 557 -34.37 37.75 -37.59
C SER C 557 -32.98 38.17 -38.02
N ALA C 558 -32.55 37.71 -39.21
CA ALA C 558 -31.23 38.01 -39.73
C ALA C 558 -31.19 38.11 -41.25
N ARG C 559 -30.17 38.78 -41.77
CA ARG C 559 -29.97 39.02 -43.19
C ARG C 559 -28.49 39.23 -43.49
N MET C 560 -28.00 38.70 -44.60
CA MET C 560 -26.60 38.86 -44.97
C MET C 560 -26.34 40.21 -45.64
N LEU C 561 -25.50 41.05 -45.03
CA LEU C 561 -25.06 42.32 -45.57
C LEU C 561 -23.69 42.12 -46.19
N GLY C 562 -23.61 41.23 -47.17
CA GLY C 562 -22.35 40.86 -47.80
C GLY C 562 -21.74 39.71 -47.02
N ASP C 563 -20.68 39.99 -46.26
CA ASP C 563 -19.93 39.00 -45.50
C ASP C 563 -20.18 39.01 -43.99
N VAL C 564 -21.10 39.84 -43.51
CA VAL C 564 -21.52 39.89 -42.12
C VAL C 564 -23.03 39.72 -42.06
N MET C 565 -23.54 39.38 -40.88
CA MET C 565 -24.95 39.11 -40.69
C MET C 565 -25.62 40.16 -39.82
N ALA C 566 -26.60 40.89 -40.37
CA ALA C 566 -27.38 41.86 -39.63
C ALA C 566 -28.45 41.11 -38.84
N VAL C 567 -28.74 41.53 -37.60
CA VAL C 567 -29.70 40.87 -36.74
C VAL C 567 -30.67 41.84 -36.05
N SER C 568 -31.83 41.34 -35.63
CA SER C 568 -32.84 42.10 -34.92
C SER C 568 -33.68 41.17 -34.06
N THR C 569 -33.88 41.50 -32.78
CA THR C 569 -34.61 40.66 -31.87
C THR C 569 -36.09 40.59 -32.21
N CYS C 570 -36.66 39.39 -32.19
CA CYS C 570 -38.07 39.14 -32.46
C CYS C 570 -38.92 39.38 -31.21
N VAL C 571 -40.15 39.86 -31.40
CA VAL C 571 -41.08 40.09 -30.31
C VAL C 571 -41.94 38.84 -30.11
N PRO C 572 -42.05 38.30 -28.89
CA PRO C 572 -42.87 37.14 -28.65
C PRO C 572 -44.35 37.44 -28.77
N VAL C 573 -45.14 36.40 -29.05
CA VAL C 573 -46.59 36.43 -29.16
C VAL C 573 -47.13 35.18 -28.47
N ALA C 574 -48.06 35.34 -27.53
CA ALA C 574 -48.63 34.19 -26.85
C ALA C 574 -49.47 33.36 -27.81
N PRO C 575 -49.41 32.03 -27.74
CA PRO C 575 -50.14 31.16 -28.65
C PRO C 575 -51.65 31.32 -28.59
N ASP C 576 -52.19 31.88 -27.51
CA ASP C 576 -53.61 32.13 -27.36
C ASP C 576 -54.12 33.24 -28.27
N ASN C 577 -53.23 34.12 -28.73
CA ASN C 577 -53.54 35.27 -29.57
C ASN C 577 -53.41 35.04 -31.07
N VAL C 578 -53.38 33.79 -31.54
CA VAL C 578 -53.27 33.46 -32.95
C VAL C 578 -54.40 32.56 -33.43
N ILE C 579 -54.82 32.74 -34.68
CA ILE C 579 -55.88 32.01 -35.34
C ILE C 579 -55.47 31.75 -36.79
N VAL C 580 -55.48 30.49 -37.21
CA VAL C 580 -55.15 30.08 -38.57
C VAL C 580 -56.40 30.08 -39.45
N GLN C 581 -56.27 30.50 -40.71
CA GLN C 581 -57.37 30.52 -41.65
C GLN C 581 -57.62 29.13 -42.23
N ASN C 582 -58.88 28.82 -42.56
CA ASN C 582 -59.27 27.52 -43.06
C ASN C 582 -58.85 27.20 -44.48
N SER C 583 -58.37 28.16 -45.28
CA SER C 583 -57.99 27.95 -46.66
C SER C 583 -56.73 28.71 -47.09
N MET C 584 -55.99 28.09 -48.01
CA MET C 584 -54.78 28.57 -48.63
C MET C 584 -54.99 28.96 -50.08
N ARG C 585 -56.21 28.92 -50.62
CA ARG C 585 -56.49 29.30 -51.99
C ARG C 585 -56.67 30.81 -52.12
N VAL C 586 -56.11 31.41 -53.18
CA VAL C 586 -56.25 32.83 -53.43
C VAL C 586 -57.51 33.09 -54.23
N SER C 587 -58.60 33.46 -53.56
CA SER C 587 -59.89 33.75 -54.17
C SER C 587 -59.82 34.84 -55.24
N SER C 588 -58.93 35.81 -55.07
CA SER C 588 -58.73 36.92 -55.99
C SER C 588 -58.12 36.53 -57.33
N ARG C 589 -57.48 35.36 -57.44
CA ARG C 589 -56.82 34.86 -58.63
C ARG C 589 -56.74 33.33 -58.62
N PRO C 590 -57.83 32.63 -58.95
CA PRO C 590 -57.87 31.18 -58.96
C PRO C 590 -56.75 30.57 -59.78
N GLY C 591 -56.29 29.39 -59.34
CA GLY C 591 -55.15 28.68 -59.89
C GLY C 591 -53.85 28.98 -59.16
N THR C 592 -53.86 29.96 -58.24
CA THR C 592 -52.75 30.32 -57.37
C THR C 592 -53.18 30.15 -55.92
N CYS C 593 -52.23 29.68 -55.10
CA CYS C 593 -52.40 29.35 -53.70
C CYS C 593 -51.24 29.86 -52.86
N TYR C 594 -51.47 30.03 -51.56
CA TYR C 594 -50.45 30.42 -50.61
C TYR C 594 -49.57 29.23 -50.29
N SER C 595 -48.25 29.41 -50.23
CA SER C 595 -47.30 28.34 -49.96
C SER C 595 -47.39 27.81 -48.54
N ARG C 596 -47.68 28.70 -47.58
CA ARG C 596 -47.82 28.42 -46.16
C ARG C 596 -49.13 29.00 -45.65
N PRO C 597 -49.72 28.48 -44.57
CA PRO C 597 -50.99 28.92 -44.06
C PRO C 597 -51.11 30.40 -43.74
N LEU C 598 -52.30 30.96 -43.99
CA LEU C 598 -52.62 32.32 -43.62
C LEU C 598 -52.97 32.33 -42.13
N VAL C 599 -52.58 33.40 -41.44
CA VAL C 599 -52.79 33.52 -40.02
C VAL C 599 -53.23 34.94 -39.65
N SER C 600 -53.95 35.04 -38.53
CA SER C 600 -54.47 36.25 -37.93
C SER C 600 -54.03 36.26 -36.47
N PHE C 601 -53.55 37.40 -35.96
CA PHE C 601 -53.06 37.46 -34.60
C PHE C 601 -53.08 38.87 -34.00
N ARG C 602 -52.84 38.97 -32.69
CA ARG C 602 -52.75 40.22 -31.95
C ARG C 602 -51.56 40.20 -31.00
N TYR C 603 -50.85 41.33 -30.87
CA TYR C 603 -49.70 41.43 -30.00
C TYR C 603 -50.04 41.31 -28.52
N GLU C 604 -51.20 41.81 -28.10
CA GLU C 604 -51.69 41.81 -26.74
C GLU C 604 -53.05 41.11 -26.67
N ASP C 605 -53.45 40.62 -25.49
CA ASP C 605 -54.68 39.89 -25.27
C ASP C 605 -55.95 40.62 -25.71
N GLN C 606 -55.88 41.95 -25.81
CA GLN C 606 -56.93 42.84 -26.26
C GLN C 606 -56.25 43.97 -27.04
N GLY C 607 -56.62 44.11 -28.31
CA GLY C 607 -56.07 45.09 -29.22
C GLY C 607 -56.42 44.80 -30.67
N PRO C 608 -55.84 45.53 -31.63
CA PRO C 608 -56.10 45.34 -33.05
C PRO C 608 -55.66 43.96 -33.51
N LEU C 609 -56.34 43.45 -34.55
CA LEU C 609 -56.07 42.15 -35.14
C LEU C 609 -55.32 42.34 -36.45
N ILE C 610 -54.15 41.71 -36.58
CA ILE C 610 -53.23 41.78 -37.69
C ILE C 610 -53.30 40.52 -38.55
N GLU C 611 -53.32 40.71 -39.87
CA GLU C 611 -53.35 39.65 -40.86
C GLU C 611 -51.95 39.39 -41.40
N GLY C 612 -51.51 38.13 -41.37
CA GLY C 612 -50.20 37.70 -41.83
C GLY C 612 -50.17 36.28 -42.38
N GLN C 613 -48.96 35.73 -42.51
CA GLN C 613 -48.71 34.39 -43.02
C GLN C 613 -47.74 33.65 -42.12
N LEU C 614 -47.98 32.35 -41.93
CA LEU C 614 -47.16 31.49 -41.10
C LEU C 614 -45.80 31.25 -41.73
N GLY C 615 -44.73 31.55 -41.00
CA GLY C 615 -43.37 31.33 -41.42
C GLY C 615 -42.81 30.04 -40.84
N GLU C 616 -41.48 29.88 -40.89
CA GLU C 616 -40.79 28.72 -40.36
C GLU C 616 -40.76 28.75 -38.84
N ASN C 617 -40.95 27.61 -38.17
CA ASN C 617 -40.82 27.47 -36.74
C ASN C 617 -41.51 28.54 -35.90
N ASN C 618 -42.84 28.64 -36.01
CA ASN C 618 -43.66 29.60 -35.28
C ASN C 618 -43.39 31.07 -35.57
N GLU C 619 -42.78 31.40 -36.70
CA GLU C 619 -42.60 32.75 -37.18
C GLU C 619 -43.92 33.28 -37.72
N LEU C 620 -44.24 34.55 -37.51
CA LEU C 620 -45.43 35.21 -38.02
C LEU C 620 -45.00 36.37 -38.92
N ARG C 621 -45.19 36.22 -40.22
CA ARG C 621 -44.84 37.24 -41.20
C ARG C 621 -46.00 38.22 -41.40
N LEU C 622 -45.67 39.51 -41.52
CA LEU C 622 -46.63 40.58 -41.69
C LEU C 622 -47.10 40.78 -43.12
N THR C 623 -46.74 39.89 -44.05
CA THR C 623 -47.09 39.96 -45.45
C THR C 623 -47.51 38.60 -45.99
N ARG C 624 -48.55 38.57 -46.82
CA ARG C 624 -49.08 37.38 -47.46
C ARG C 624 -48.54 37.26 -48.88
N ASP C 625 -47.22 37.12 -49.00
CA ASP C 625 -46.50 37.07 -50.26
C ASP C 625 -46.02 35.70 -50.72
N ALA C 626 -45.98 34.68 -49.86
CA ALA C 626 -45.53 33.36 -50.26
C ALA C 626 -46.66 32.66 -51.02
N LEU C 627 -46.49 32.57 -52.34
CA LEU C 627 -47.43 32.02 -53.30
C LEU C 627 -46.83 30.96 -54.22
N GLU C 628 -47.70 30.11 -54.76
CA GLU C 628 -47.39 29.02 -55.66
C GLU C 628 -48.59 28.66 -56.54
N PRO C 629 -48.40 27.97 -57.67
CA PRO C 629 -49.52 27.49 -58.47
C PRO C 629 -50.20 26.34 -57.73
N CYS C 630 -51.53 26.30 -57.67
CA CYS C 630 -52.24 25.22 -56.99
C CYS C 630 -52.04 23.90 -57.74
N THR C 631 -51.72 22.83 -57.02
CA THR C 631 -51.49 21.50 -57.58
C THR C 631 -52.25 20.42 -56.84
N VAL C 632 -52.78 19.44 -57.59
CA VAL C 632 -53.50 18.30 -57.03
C VAL C 632 -52.60 17.42 -56.19
N GLY C 633 -53.16 16.78 -55.15
CA GLY C 633 -52.44 15.92 -54.23
C GLY C 633 -51.69 16.67 -53.14
N HIS C 634 -51.97 17.97 -52.97
CA HIS C 634 -51.34 18.82 -51.97
C HIS C 634 -51.65 18.33 -50.56
N ARG C 635 -50.62 17.97 -49.81
CA ARG C 635 -50.64 17.52 -48.43
C ARG C 635 -49.49 18.22 -47.73
N ARG C 636 -49.71 18.86 -46.57
CA ARG C 636 -48.68 19.59 -45.86
C ARG C 636 -48.90 19.60 -44.35
N TYR C 637 -47.81 19.58 -43.59
CA TYR C 637 -47.80 19.71 -42.15
C TYR C 637 -46.94 20.93 -41.84
N PHE C 638 -47.45 21.88 -41.04
CA PHE C 638 -46.70 23.06 -40.68
C PHE C 638 -46.56 23.14 -39.17
N ILE C 639 -45.42 23.60 -38.65
CA ILE C 639 -45.22 23.75 -37.22
C ILE C 639 -46.20 24.80 -36.71
N PHE C 640 -46.92 24.46 -35.65
CA PHE C 640 -47.92 25.32 -35.04
C PHE C 640 -47.93 25.08 -33.54
N GLY C 641 -47.43 26.05 -32.78
CA GLY C 641 -47.27 25.95 -31.34
C GLY C 641 -46.33 24.79 -31.02
N GLY C 642 -46.67 23.95 -30.04
CA GLY C 642 -45.90 22.78 -29.67
C GLY C 642 -46.20 21.54 -30.49
N GLY C 643 -46.84 21.69 -31.66
CA GLY C 643 -47.21 20.59 -32.53
C GLY C 643 -47.27 21.02 -33.99
N TYR C 644 -48.15 20.39 -34.77
CA TYR C 644 -48.33 20.67 -36.19
C TYR C 644 -49.78 20.95 -36.56
N VAL C 645 -49.99 21.51 -37.75
CA VAL C 645 -51.28 21.74 -38.36
C VAL C 645 -51.24 21.15 -39.75
N TYR C 646 -52.14 20.21 -40.04
CA TYR C 646 -52.22 19.49 -41.30
C TYR C 646 -53.20 20.15 -42.28
N PHE C 647 -52.86 20.14 -43.56
CA PHE C 647 -53.63 20.69 -44.66
C PHE C 647 -53.67 19.73 -45.84
N GLU C 648 -54.82 19.71 -46.54
CA GLU C 648 -55.06 18.90 -47.72
C GLU C 648 -55.78 19.72 -48.78
N GLU C 649 -55.32 19.66 -50.02
CA GLU C 649 -55.90 20.36 -51.15
C GLU C 649 -56.14 21.84 -50.86
N TYR C 650 -55.17 22.48 -50.20
CA TYR C 650 -55.19 23.87 -49.79
C TYR C 650 -56.25 24.25 -48.77
N ALA C 651 -56.76 23.28 -48.01
CA ALA C 651 -57.75 23.48 -46.97
C ALA C 651 -57.31 22.81 -45.67
N TYR C 652 -57.66 23.44 -44.55
CA TYR C 652 -57.33 22.97 -43.21
C TYR C 652 -57.91 21.59 -42.94
N SER C 653 -57.23 20.78 -42.14
CA SER C 653 -57.67 19.46 -41.75
C SER C 653 -57.74 19.30 -40.24
N HIS C 654 -56.61 19.29 -39.53
CA HIS C 654 -56.56 19.15 -38.09
C HIS C 654 -55.18 19.43 -37.51
N GLN C 655 -55.12 19.72 -36.21
CA GLN C 655 -53.88 19.90 -35.48
C GLN C 655 -53.41 18.55 -34.93
N LEU C 656 -52.10 18.41 -34.72
CA LEU C 656 -51.45 17.23 -34.20
C LEU C 656 -50.41 17.59 -33.14
N SER C 657 -50.14 16.65 -32.23
CA SER C 657 -49.08 16.75 -31.25
C SER C 657 -47.81 16.21 -31.88
N ARG C 658 -46.62 16.66 -31.46
CA ARG C 658 -45.40 16.11 -32.01
C ARG C 658 -45.32 14.60 -31.81
N ALA C 659 -45.88 14.06 -30.71
CA ALA C 659 -45.89 12.63 -30.45
C ALA C 659 -46.63 11.81 -31.50
N ASP C 660 -47.47 12.42 -32.33
CA ASP C 660 -48.22 11.74 -33.37
C ASP C 660 -47.41 11.40 -34.60
N VAL C 661 -46.25 12.03 -34.79
CA VAL C 661 -45.36 11.84 -35.92
C VAL C 661 -44.15 10.98 -35.55
N THR C 662 -43.73 10.08 -36.45
CA THR C 662 -42.59 9.22 -36.20
C THR C 662 -41.31 10.02 -36.03
N THR C 663 -40.57 9.81 -34.94
CA THR C 663 -39.34 10.54 -34.67
C THR C 663 -38.11 9.73 -35.03
N VAL C 664 -37.15 10.36 -35.72
CA VAL C 664 -35.84 9.82 -36.03
C VAL C 664 -34.80 10.75 -35.43
N SER C 665 -33.66 10.23 -34.98
CA SER C 665 -32.66 11.04 -34.33
C SER C 665 -31.44 11.34 -35.18
N THR C 666 -31.01 12.60 -35.17
CA THR C 666 -29.77 13.06 -35.77
C THR C 666 -28.65 13.04 -34.74
N PHE C 667 -28.91 12.65 -33.49
CA PHE C 667 -27.93 12.65 -32.43
C PHE C 667 -27.17 11.33 -32.33
N ILE C 668 -25.86 11.41 -32.12
CA ILE C 668 -25.00 10.26 -31.88
C ILE C 668 -24.97 10.07 -30.37
N ASP C 669 -25.37 8.90 -29.88
CA ASP C 669 -25.39 8.62 -28.45
C ASP C 669 -24.00 8.35 -27.88
N LEU C 670 -23.80 8.77 -26.63
CA LEU C 670 -22.59 8.59 -25.86
C LEU C 670 -23.01 8.41 -24.40
N ASN C 671 -22.94 7.18 -23.90
CA ASN C 671 -23.36 6.86 -22.55
C ASN C 671 -22.18 6.78 -21.59
N ILE C 672 -21.75 7.92 -21.06
CA ILE C 672 -20.69 8.02 -20.07
C ILE C 672 -21.31 7.90 -18.69
N THR C 673 -20.70 7.11 -17.80
CA THR C 673 -21.12 6.92 -16.43
C THR C 673 -19.96 7.17 -15.48
N MET C 674 -20.27 7.72 -14.31
CA MET C 674 -19.28 8.04 -13.30
C MET C 674 -18.69 6.81 -12.63
N LEU C 675 -17.42 6.90 -12.21
CA LEU C 675 -16.73 5.88 -11.45
C LEU C 675 -17.28 5.98 -10.04
N GLU C 676 -17.80 4.88 -9.49
CA GLU C 676 -18.41 4.86 -8.17
C GLU C 676 -17.44 5.01 -7.00
N ASP C 677 -17.97 5.49 -5.88
CA ASP C 677 -17.22 5.59 -4.64
C ASP C 677 -16.84 4.20 -4.17
N HIS C 678 -15.72 4.08 -3.47
CA HIS C 678 -15.22 2.82 -2.97
C HIS C 678 -14.57 3.02 -1.60
N GLU C 679 -14.88 2.19 -0.61
CA GLU C 679 -14.30 2.31 0.72
C GLU C 679 -13.25 1.23 0.96
N PHE C 680 -12.02 1.63 1.28
CA PHE C 680 -10.97 0.69 1.61
C PHE C 680 -10.97 0.46 3.12
N VAL C 681 -11.20 -0.76 3.56
CA VAL C 681 -11.16 -1.13 4.97
C VAL C 681 -9.74 -1.45 5.39
N PRO C 682 -9.39 -1.35 6.67
CA PRO C 682 -8.08 -1.76 7.15
C PRO C 682 -7.91 -3.26 6.97
N LEU C 683 -6.73 -3.71 6.52
CA LEU C 683 -6.46 -5.11 6.26
C LEU C 683 -5.00 -5.43 6.51
N GLU C 684 -4.72 -6.40 7.39
CA GLU C 684 -3.39 -6.86 7.76
C GLU C 684 -3.35 -8.37 7.61
N VAL C 685 -2.24 -8.94 7.13
CA VAL C 685 -2.10 -10.38 7.06
C VAL C 685 -1.89 -10.93 8.47
N TYR C 686 -0.98 -10.30 9.23
CA TYR C 686 -0.68 -10.62 10.61
C TYR C 686 -0.64 -9.34 11.40
N THR C 687 -1.46 -9.23 12.45
CA THR C 687 -1.43 -8.09 13.34
C THR C 687 -0.15 -8.11 14.16
N ARG C 688 0.29 -6.98 14.72
CA ARG C 688 1.49 -6.98 15.53
C ARG C 688 1.39 -7.86 16.77
N HIS C 689 0.18 -8.16 17.23
CA HIS C 689 -0.06 -9.06 18.34
C HIS C 689 0.24 -10.49 17.92
N GLU C 690 -0.16 -10.90 16.71
CA GLU C 690 0.15 -12.21 16.18
C GLU C 690 1.64 -12.37 15.95
N ILE C 691 2.31 -11.30 15.47
CA ILE C 691 3.75 -11.33 15.28
C ILE C 691 4.44 -11.54 16.62
N LYS C 692 4.05 -10.77 17.64
CA LYS C 692 4.61 -10.89 18.97
C LYS C 692 4.40 -12.27 19.57
N ASP C 693 3.21 -12.83 19.41
CA ASP C 693 2.85 -14.15 19.89
C ASP C 693 3.46 -15.30 19.09
N SER C 694 4.04 -15.07 17.92
CA SER C 694 4.63 -16.13 17.13
C SER C 694 5.89 -16.73 17.75
N GLY C 695 6.56 -16.01 18.66
CA GLY C 695 7.73 -16.49 19.37
C GLY C 695 7.35 -17.54 20.39
N LEU C 696 8.12 -18.64 20.50
CA LEU C 696 7.80 -19.72 21.41
C LEU C 696 7.82 -19.30 22.87
N LEU C 697 8.88 -18.62 23.33
CA LEU C 697 9.02 -18.08 24.67
C LEU C 697 9.11 -16.56 24.61
N ASP C 698 8.53 -15.88 25.61
CA ASP C 698 8.62 -14.45 25.75
C ASP C 698 9.41 -14.15 27.02
N TYR C 699 10.60 -13.57 26.88
CA TYR C 699 11.46 -13.29 28.00
C TYR C 699 10.79 -12.46 29.10
N THR C 700 9.98 -11.47 28.72
CA THR C 700 9.29 -10.62 29.68
C THR C 700 8.32 -11.43 30.52
N GLU C 701 7.50 -12.28 29.90
CA GLU C 701 6.52 -13.07 30.62
C GLU C 701 7.16 -14.15 31.49
N VAL C 702 8.24 -14.79 31.01
CA VAL C 702 8.93 -15.78 31.80
C VAL C 702 9.55 -15.13 33.03
N GLN C 703 10.20 -13.98 32.88
CA GLN C 703 10.80 -13.30 34.01
C GLN C 703 9.74 -12.80 35.00
N ARG C 704 8.64 -12.21 34.51
CA ARG C 704 7.58 -11.74 35.38
C ARG C 704 7.05 -12.87 36.25
N ARG C 705 6.81 -14.04 35.64
CA ARG C 705 6.28 -15.20 36.32
C ARG C 705 7.28 -15.79 37.30
N ASN C 706 8.54 -15.96 36.91
CA ASN C 706 9.53 -16.56 37.78
C ASN C 706 9.89 -15.70 38.98
N GLN C 707 9.90 -14.37 38.84
CA GLN C 707 10.22 -13.48 39.94
C GLN C 707 9.09 -13.35 40.95
N LEU C 708 7.87 -13.79 40.61
CA LEU C 708 6.74 -13.84 41.52
C LEU C 708 6.78 -15.08 42.40
N HIS C 709 7.69 -16.03 42.16
CA HIS C 709 7.72 -17.28 42.89
C HIS C 709 7.70 -17.14 44.40
N ASP C 710 8.55 -16.28 44.98
CA ASP C 710 8.56 -16.11 46.43
C ASP C 710 7.31 -15.41 46.95
N LEU C 711 6.73 -14.48 46.20
CA LEU C 711 5.51 -13.80 46.61
C LEU C 711 4.31 -14.73 46.59
N ARG C 712 4.34 -15.81 45.79
CA ARG C 712 3.27 -16.79 45.67
C ARG C 712 3.43 -17.97 46.61
N PHE C 713 4.60 -18.61 46.60
CA PHE C 713 4.86 -19.85 47.32
C PHE C 713 5.69 -19.75 48.60
N ALA C 714 6.17 -18.57 49.00
CA ALA C 714 6.95 -18.41 50.21
C ALA C 714 6.44 -17.25 51.05
N ASP C 715 7.20 -16.86 52.07
CA ASP C 715 6.90 -15.73 52.94
C ASP C 715 8.18 -14.91 53.03
N ILE C 716 8.21 -13.75 52.39
CA ILE C 716 9.39 -12.91 52.37
C ILE C 716 9.53 -11.98 53.58
N ASP C 717 8.61 -12.01 54.55
CA ASP C 717 8.63 -11.09 55.67
C ASP C 717 8.83 -11.72 57.05
N THR C 718 8.26 -12.89 57.33
CA THR C 718 8.39 -13.51 58.64
C THR C 718 9.83 -13.85 59.00
N VAL C 719 10.21 -13.65 60.26
CA VAL C 719 11.51 -13.98 60.81
C VAL C 719 11.36 -14.86 62.04
N ILE C 720 12.20 -15.89 62.15
CA ILE C 720 12.23 -16.82 63.27
C ILE C 720 13.51 -16.63 64.07
C1 NAG D . -10.99 25.40 -16.86
C2 NAG D . -11.12 26.93 -16.58
C3 NAG D . -10.21 27.36 -15.42
C4 NAG D . -10.39 26.46 -14.16
C5 NAG D . -10.28 24.96 -14.54
C6 NAG D . -10.55 24.01 -13.35
C7 NAG D . -11.76 28.24 -18.60
C8 NAG D . -11.26 28.87 -19.91
N2 NAG D . -10.82 27.70 -17.82
O3 NAG D . -10.47 28.75 -15.08
O4 NAG D . -9.32 26.74 -13.16
O5 NAG D . -11.23 24.64 -15.63
O6 NAG D . -10.30 22.65 -13.73
O7 NAG D . -12.95 28.23 -18.30
C1 NAG D . -9.69 27.48 -11.93
C2 NAG D . -8.63 27.25 -10.81
C3 NAG D . -8.91 28.14 -9.57
C4 NAG D . -9.05 29.64 -9.97
C5 NAG D . -10.07 29.85 -11.10
C6 NAG D . -10.09 31.30 -11.66
C7 NAG D . -7.65 24.97 -10.84
C8 NAG D . -7.80 23.51 -10.36
N2 NAG D . -8.58 25.83 -10.42
O3 NAG D . -7.83 28.02 -8.57
O4 NAG D . -9.48 30.39 -8.80
O5 NAG D . -9.78 28.92 -12.24
O6 NAG D . -8.84 31.62 -12.32
O7 NAG D . -6.73 25.32 -11.58
C1 NAG E . -25.58 3.40 -19.81
C2 NAG E . -26.95 2.69 -20.04
C3 NAG E . -27.40 1.93 -18.76
C4 NAG E . -26.29 1.03 -18.17
C5 NAG E . -24.96 1.80 -18.02
C6 NAG E . -23.79 0.90 -17.59
C7 NAG E . -28.32 3.85 -21.76
C8 NAG E . -29.33 4.97 -22.03
N2 NAG E . -27.97 3.67 -20.48
O3 NAG E . -28.61 1.14 -19.08
O4 NAG E . -26.65 0.56 -16.80
O5 NAG E . -24.59 2.45 -19.31
O6 NAG E . -22.62 1.70 -17.32
O7 NAG E . -27.85 3.16 -22.67
C1 NAG E . -27.32 -0.76 -16.64
C2 NAG E . -26.95 -1.41 -15.28
C3 NAG E . -27.74 -2.73 -15.07
C4 NAG E . -29.28 -2.50 -15.21
C5 NAG E . -29.64 -1.77 -16.53
C6 NAG E . -31.13 -1.35 -16.61
C7 NAG E . -24.68 -0.96 -14.36
C8 NAG E . -23.21 -1.41 -14.31
N2 NAG E . -25.50 -1.64 -15.17
O3 NAG E . -27.47 -3.32 -13.75
O4 NAG E . -29.95 -3.80 -15.17
O5 NAG E . -28.79 -0.57 -16.72
O6 NAG E . -31.49 -0.45 -15.53
O7 NAG E . -25.09 -0.02 -13.67
C1 NAG F . -1.95 5.50 -31.98
C2 NAG F . -1.07 5.28 -33.24
C3 NAG F . -0.02 4.16 -32.98
C4 NAG F . 0.78 4.41 -31.68
C5 NAG F . -0.16 4.66 -30.48
C6 NAG F . 0.59 5.05 -29.20
C7 NAG F . -2.16 5.86 -35.38
C8 NAG F . -3.09 5.38 -36.51
N2 NAG F . -1.90 4.97 -34.42
O3 NAG F . 0.88 4.05 -34.12
O4 NAG F . 1.59 3.21 -31.36
O5 NAG F . -1.12 5.75 -30.80
O6 NAG F . -0.34 5.09 -28.09
O7 NAG F . -1.70 7.00 -35.37
C1 NAG F . 3.07 3.34 -31.35
C2 NAG F . 3.70 2.19 -30.50
C3 NAG F . 5.26 2.14 -30.63
C4 NAG F . 5.71 2.16 -32.11
C5 NAG F . 5.06 3.33 -32.89
C6 NAG F . 5.40 3.35 -34.40
C7 NAG F . 2.38 1.56 -28.49
C8 NAG F . 2.14 1.83 -26.99
N2 NAG F . 3.31 2.30 -29.07
O3 NAG F . 5.80 0.96 -29.98
O4 NAG F . 7.16 2.29 -32.15
O5 NAG F . 3.58 3.30 -32.73
O6 NAG F . 5.06 2.08 -35.03
O7 NAG F . 1.73 0.70 -29.11
C1 NAG G . 2.03 -21.07 -11.69
C2 NAG G . 2.86 -20.91 -10.38
C3 NAG G . 4.33 -20.55 -10.73
C4 NAG G . 4.94 -21.53 -11.77
C5 NAG G . 4.03 -21.73 -13.00
C6 NAG G . 4.56 -22.85 -13.93
C7 NAG G . 1.34 -20.24 -8.55
C8 NAG G . 0.82 -19.08 -7.67
N2 NAG G . 2.25 -19.91 -9.47
O3 NAG G . 5.16 -20.56 -9.53
O4 NAG G . 6.23 -20.94 -12.26
O5 NAG G . 2.66 -22.07 -12.55
O6 NAG G . 3.75 -22.92 -15.12
O7 NAG G . 0.94 -21.39 -8.40
C1 NAG G . 7.49 -21.54 -11.77
C2 NAG G . 8.69 -21.12 -12.67
C3 NAG G . 10.02 -21.70 -12.11
C4 NAG G . 10.22 -21.30 -10.62
C5 NAG G . 8.99 -21.62 -9.74
C6 NAG G . 9.09 -21.06 -8.32
C7 NAG G . 8.25 -20.70 -15.09
C8 NAG G . 8.05 -21.34 -16.47
N2 NAG G . 8.49 -21.55 -14.08
O3 NAG G . 11.18 -21.24 -12.88
O4 NAG G . 11.36 -22.04 -10.11
O5 NAG G . 7.74 -21.11 -10.38
O6 NAG G . 9.17 -19.61 -8.33
O7 NAG G . 8.22 -19.48 -14.92
C1 NAG H . 17.61 16.50 -1.58
C2 NAG H . 17.57 15.61 -0.30
C3 NAG H . 16.84 16.37 0.85
C4 NAG H . 17.41 17.80 1.08
C5 NAG H . 17.53 18.59 -0.24
C6 NAG H . 18.28 19.93 -0.07
C7 NAG H . 17.63 13.21 -0.86
C8 NAG H . 16.81 11.93 -1.08
N2 NAG H . 16.94 14.31 -0.56
O3 NAG H . 16.92 15.60 2.09
O4 NAG H . 16.47 18.56 1.96
O5 NAG H . 18.25 17.78 -1.27
O6 NAG H . 18.31 20.65 -1.31
O7 NAG H . 18.86 13.22 -0.97
C1 NAG H . 16.98 19.05 3.26
C2 NAG H . 16.01 20.13 3.83
C3 NAG H . 16.39 20.55 5.28
C4 NAG H . 16.55 19.32 6.21
C5 NAG H . 17.51 18.26 5.61
C6 NAG H . 17.58 16.95 6.43
C7 NAG H . 14.95 21.64 2.16
C8 NAG H . 15.13 22.89 1.27
N2 NAG H . 15.97 21.32 2.95
O3 NAG H . 15.38 21.44 5.86
O4 NAG H . 17.07 19.76 7.48
O5 NAG H . 17.11 17.93 4.20
O6 NAG H . 16.31 16.27 6.40
O7 NAG H . 13.91 20.98 2.13
C1 NAG I . -19.60 4.54 13.31
C2 NAG I . -18.55 3.60 13.97
C3 NAG I . -18.99 2.11 13.81
C4 NAG I . -20.45 1.87 14.27
C5 NAG I . -21.43 2.89 13.67
C6 NAG I . -22.84 2.75 14.28
C7 NAG I . -16.34 4.69 13.94
C8 NAG I . -14.98 4.82 13.23
N2 NAG I . -17.20 3.83 13.41
O3 NAG I . -18.11 1.22 14.56
O4 NAG I . -20.86 0.50 13.82
O5 NAG I . -20.93 4.27 13.89
O6 NAG I . -23.77 3.65 13.62
O7 NAG I . -16.62 5.35 14.93
C1 NAG I . -21.07 -0.53 14.85
C2 NAG I . -21.80 -1.77 14.27
C3 NAG I . -21.97 -2.86 15.37
C4 NAG I . -20.62 -3.21 16.04
C5 NAG I . -19.82 -1.96 16.50
C6 NAG I . -18.39 -2.29 16.96
C7 NAG I . -23.33 -1.30 12.37
C8 NAG I . -24.75 -0.88 11.97
N2 NAG I . -23.11 -1.41 13.68
O3 NAG I . -22.57 -4.09 14.84
O4 NAG I . -20.88 -4.04 17.20
O5 NAG I . -19.76 -0.95 15.40
O6 NAG I . -17.61 -2.88 15.89
O7 NAG I . -22.46 -1.51 11.54
C1 NAG J . -21.66 24.12 -0.60
C2 NAG J . -23.14 23.64 -0.55
C3 NAG J . -24.10 24.71 -1.14
C4 NAG J . -23.82 26.16 -0.64
C5 NAG J . -22.30 26.50 -0.67
C6 NAG J . -21.99 27.87 -0.04
C7 NAG J . -23.10 21.16 -0.68
C8 NAG J . -23.15 19.94 -1.62
N2 NAG J . -23.29 22.34 -1.25
O3 NAG J . -25.48 24.35 -0.82
O4 NAG J . -24.49 27.15 -1.53
O5 NAG J . -21.54 25.44 0.04
O6 NAG J . -20.58 28.18 -0.19
O7 NAG J . -22.89 21.05 0.53
C1 NAG J . -25.71 27.83 -1.03
C2 NAG J . -25.96 29.17 -1.81
C3 NAG J . -27.30 29.81 -1.35
C4 NAG J . -28.48 28.81 -1.46
C5 NAG J . -28.19 27.47 -0.76
C6 NAG J . -29.28 26.39 -1.00
C7 NAG J . -24.08 30.58 -2.63
C8 NAG J . -22.97 31.58 -2.24
N2 NAG J . -24.85 30.12 -1.63
O3 NAG J . -27.62 31.01 -2.14
O4 NAG J . -29.65 29.42 -0.84
O5 NAG J . -26.87 26.93 -1.19
O6 NAG J . -29.46 26.12 -2.41
O7 NAG J . -24.27 30.25 -3.80
C1 NAG K . -19.14 -14.85 -21.62
C2 NAG K . -18.47 -15.65 -22.76
C3 NAG K . -19.38 -15.76 -24.01
C4 NAG K . -20.90 -16.01 -23.70
C5 NAG K . -21.41 -15.28 -22.43
C6 NAG K . -22.80 -15.78 -21.99
C7 NAG K . -16.01 -15.35 -22.50
C8 NAG K . -14.78 -14.53 -22.94
N2 NAG K . -17.16 -15.05 -23.11
O3 NAG K . -18.89 -16.82 -24.90
O4 NAG K . -21.76 -15.51 -24.81
O5 NAG K . -20.45 -15.44 -21.32
O6 NAG K . -23.34 -14.93 -20.95
O7 NAG K . -15.95 -16.22 -21.63
C1 NAG K . -21.95 -16.36 -26.01
C2 NAG K . -23.32 -16.05 -26.70
C3 NAG K . -23.47 -16.87 -28.01
C4 NAG K . -22.24 -16.68 -28.96
C5 NAG K . -20.92 -16.94 -28.22
C6 NAG K . -19.64 -16.67 -29.06
C7 NAG K . -25.33 -15.41 -25.37
C8 NAG K . -26.46 -15.90 -24.45
N2 NAG K . -24.45 -16.32 -25.77
O3 NAG K . -24.68 -16.48 -28.74
O4 NAG K . -22.36 -17.62 -30.06
O5 NAG K . -20.86 -16.12 -26.97
O6 NAG K . -19.67 -15.35 -29.65
O7 NAG K . -25.23 -14.22 -25.69
C1 NAG L . 13.94 14.51 -25.48
C2 NAG L . 14.29 16.03 -25.36
C3 NAG L . 14.24 16.68 -26.79
C4 NAG L . 15.00 15.86 -27.86
C5 NAG L . 14.70 14.35 -27.81
C6 NAG L . 15.64 13.54 -28.74
C7 NAG L . 13.57 16.77 -23.10
C8 NAG L . 12.47 17.48 -22.28
N2 NAG L . 13.38 16.72 -24.43
O3 NAG L . 14.78 18.04 -26.74
O4 NAG L . 14.56 16.34 -29.21
O5 NAG L . 14.85 13.87 -26.41
O6 NAG L . 15.20 12.16 -28.82
O7 NAG L . 14.57 16.26 -22.58
C1 NAG L . 15.45 17.25 -29.95
C2 NAG L . 15.06 17.30 -31.45
C3 NAG L . 15.92 18.35 -32.22
C4 NAG L . 15.91 19.74 -31.51
C5 NAG L . 16.23 19.65 -29.99
C6 NAG L . 16.03 20.98 -29.24
C7 NAG L . 14.14 15.28 -32.59
C8 NAG L . 14.46 13.91 -33.20
N2 NAG L . 15.17 15.97 -32.10
O3 NAG L . 15.51 18.51 -33.62
O4 NAG L . 16.92 20.57 -32.13
O5 NAG L . 15.38 18.59 -29.35
O6 NAG L . 14.67 21.45 -29.34
O7 NAG L . 12.99 15.73 -32.57
#